data_3T6V
#
_entry.id   3T6V
#
_cell.length_a   73.535
_cell.length_b   140.662
_cell.length_c   174.178
_cell.angle_alpha   90.00
_cell.angle_beta   90.00
_cell.angle_gamma   90.00
#
_symmetry.space_group_name_H-M   'P 21 21 21'
#
loop_
_entity.id
_entity.type
_entity.pdbx_description
1 polymer Laccase
2 branched 2-acetamido-2-deoxy-beta-D-glucopyranose-(1-4)-2-acetamido-2-deoxy-beta-D-glucopyranose
3 non-polymer 'COPPER (II) ION'
4 non-polymer 'SULFATE ION'
5 non-polymer GLYCEROL
6 non-polymer 2-acetamido-2-deoxy-beta-D-glucopyranose
7 water water
#
_entity_poly.entity_id   1
_entity_poly.type   'polypeptide(L)'
_entity_poly.pdbx_seq_one_letter_code
;VQIGPVTDLHIVNADIVPDGFVRPAVNAGGTFPGPVIAGNVGDNFQIVTFNQLIECSMLVDTSIHWHGEFQKGTNWADGP
AFITQCPIIVGNSFSYNFNVPGMAGTYWYHSHLTTQYCDGLRGPFVVYDPNDPDANLYDVDDDTTIITLADWYHVLAKEM
GAGGAITADSTLIDGLGRTHVNVAAVPLSVITVEVGKRYRMRLVSISCDPNYDFSIDGHDMTIIETDGVDSQELTVDEIQ
IFAAQRYSFVLNANQPVGNYWIRANPNSGGEGFDGGINSAILRYDGATTADPVTVASTVHTKCLIETDLHPLSRNGVPGN
PHQGGADCNLNLSLGFACGNFVINGVSFTPPTVPVLLQICSGANTAADLLPSGSVISLPSNSTIEIALPAGAAGGPHPFH
LHGHDFAVSESASNSTSNYDDPIWRDVVSIGGVGDNVTIRFCTDNPGPWFLHCHIDWHLDAGFAIVFAEDIPNTASANPV
PEAWSNLCPSYDSAH
;
_entity_poly.pdbx_strand_id   A,B,C
#
loop_
_chem_comp.id
_chem_comp.type
_chem_comp.name
_chem_comp.formula
CU non-polymer 'COPPER (II) ION' 'Cu 2'
GOL non-polymer GLYCEROL 'C3 H8 O3'
NAG D-saccharide, beta linking 2-acetamido-2-deoxy-beta-D-glucopyranose 'C8 H15 N O6'
SO4 non-polymer 'SULFATE ION' 'O4 S -2'
#
# COMPACT_ATOMS: atom_id res chain seq x y z
N VAL A 1 3.74 -4.76 17.73
CA VAL A 1 4.97 -5.62 17.59
C VAL A 1 6.05 -4.85 18.33
N GLN A 2 6.88 -5.57 19.09
CA GLN A 2 7.97 -4.98 19.91
C GLN A 2 9.29 -5.49 19.43
N ILE A 3 10.26 -4.60 19.29
CA ILE A 3 11.60 -4.96 18.94
C ILE A 3 12.56 -4.32 19.94
N GLY A 4 13.80 -4.80 19.96
CA GLY A 4 14.85 -4.22 20.77
C GLY A 4 15.09 -4.95 22.10
N PRO A 5 16.09 -4.50 22.88
CA PRO A 5 16.82 -3.27 22.76
C PRO A 5 17.87 -3.31 21.66
N VAL A 6 18.24 -4.49 21.17
CA VAL A 6 19.18 -4.56 20.05
C VAL A 6 18.40 -5.01 18.79
N THR A 7 18.44 -4.22 17.73
CA THR A 7 17.49 -4.44 16.63
C THR A 7 17.92 -3.68 15.38
N ASP A 8 17.51 -4.19 14.22
CA ASP A 8 17.63 -3.45 12.96
C ASP A 8 16.37 -2.61 12.84
N LEU A 9 16.46 -1.48 12.19
CA LEU A 9 15.25 -0.70 12.00
C LEU A 9 15.43 -0.12 10.63
N HIS A 10 14.70 -0.64 9.66
CA HIS A 10 14.82 -0.13 8.26
C HIS A 10 13.82 0.97 7.99
N ILE A 11 14.25 2.00 7.26
CA ILE A 11 13.45 3.18 6.97
C ILE A 11 13.13 3.09 5.49
N VAL A 12 11.86 2.86 5.20
CA VAL A 12 11.43 2.63 3.83
C VAL A 12 10.32 3.57 3.42
N ASN A 13 10.12 3.73 2.09
CA ASN A 13 8.92 4.31 1.59
C ASN A 13 7.82 3.27 1.36
N ALA A 14 6.55 3.65 1.54
CA ALA A 14 5.41 2.75 1.23
C ALA A 14 4.24 3.67 1.02
N ASP A 15 3.26 3.30 0.22
CA ASP A 15 2.00 4.01 0.26
C ASP A 15 1.14 3.33 1.34
N ILE A 16 0.37 4.13 2.08
CA ILE A 16 -0.58 3.58 3.10
C ILE A 16 -1.86 4.37 3.01
N VAL A 17 -2.93 3.83 3.57
CA VAL A 17 -4.26 4.40 3.48
C VAL A 17 -5.01 4.26 4.82
N PRO A 18 -4.46 4.83 5.88
CA PRO A 18 -5.00 4.59 7.24
C PRO A 18 -6.44 5.13 7.44
N ASP A 19 -6.85 6.07 6.60
CA ASP A 19 -8.20 6.68 6.60
C ASP A 19 -8.92 6.41 5.29
N GLY A 20 -8.32 5.54 4.45
CA GLY A 20 -8.88 5.13 3.16
C GLY A 20 -8.32 5.91 1.95
N PHE A 21 -7.44 6.88 2.17
CA PHE A 21 -6.83 7.71 1.08
C PHE A 21 -5.38 7.24 0.95
N VAL A 22 -5.02 6.66 -0.20
CA VAL A 22 -3.64 6.15 -0.32
C VAL A 22 -2.71 7.36 -0.59
N ARG A 23 -1.56 7.37 0.06
CA ARG A 23 -0.56 8.40 -0.13
C ARG A 23 0.78 7.83 0.25
N PRO A 24 1.86 8.47 -0.25
CA PRO A 24 3.17 7.99 0.12
C PRO A 24 3.47 8.26 1.62
N ALA A 25 4.35 7.43 2.17
CA ALA A 25 4.81 7.57 3.55
C ALA A 25 6.28 7.21 3.69
N VAL A 26 6.87 7.74 4.77
CA VAL A 26 8.18 7.32 5.25
C VAL A 26 7.92 6.49 6.53
N ASN A 27 8.24 5.21 6.45
CA ASN A 27 7.99 4.30 7.57
C ASN A 27 9.29 3.75 8.24
N ALA A 28 9.28 3.67 9.58
CA ALA A 28 10.25 2.88 10.35
C ALA A 28 9.74 1.53 10.58
N GLY A 29 10.57 0.56 10.23
CA GLY A 29 10.22 -0.81 10.50
C GLY A 29 9.00 -1.25 9.72
N GLY A 30 8.69 -0.59 8.64
CA GLY A 30 7.62 -0.99 7.73
C GLY A 30 6.17 -0.76 8.04
N THR A 31 5.86 -0.16 9.21
CA THR A 31 4.50 -0.11 9.70
C THR A 31 4.14 1.31 10.16
N PHE A 32 2.83 1.65 10.24
CA PHE A 32 2.46 2.95 10.83
C PHE A 32 1.42 2.70 11.93
N PRO A 33 1.77 3.05 13.20
CA PRO A 33 3.08 3.64 13.57
C PRO A 33 4.19 2.62 13.44
N GLY A 34 5.45 3.07 13.59
CA GLY A 34 6.56 2.10 13.56
C GLY A 34 6.42 1.12 14.75
N PRO A 35 7.18 0.01 14.73
CA PRO A 35 7.17 -0.96 15.79
C PRO A 35 7.54 -0.34 17.11
N VAL A 36 7.06 -0.90 18.21
CA VAL A 36 7.48 -0.38 19.50
C VAL A 36 8.92 -0.83 19.77
N ILE A 37 9.81 0.09 20.03
CA ILE A 37 11.16 -0.25 20.47
C ILE A 37 11.15 -0.35 22.04
N ALA A 38 11.64 -1.45 22.58
CA ALA A 38 11.47 -1.66 24.02
C ALA A 38 12.67 -2.33 24.63
N GLY A 39 12.79 -2.17 25.95
CA GLY A 39 13.91 -2.68 26.74
C GLY A 39 13.59 -2.41 28.20
N ASN A 40 14.51 -2.79 29.07
CA ASN A 40 14.39 -2.53 30.53
C ASN A 40 15.36 -1.45 30.91
N VAL A 41 15.13 -0.73 32.01
CA VAL A 41 16.01 0.37 32.39
C VAL A 41 17.43 -0.12 32.56
N GLY A 42 18.38 0.68 32.11
CA GLY A 42 19.77 0.27 32.23
C GLY A 42 20.24 -0.59 31.05
N ASP A 43 19.35 -1.01 30.16
CA ASP A 43 19.75 -1.82 29.00
C ASP A 43 20.41 -1.00 27.88
N ASN A 44 21.42 -1.58 27.24
CA ASN A 44 22.13 -0.96 26.12
C ASN A 44 21.26 -1.15 24.83
N PHE A 45 20.86 -0.04 24.22
CA PHE A 45 20.05 -0.10 23.02
C PHE A 45 21.01 -0.04 21.87
N GLN A 46 20.83 -0.92 20.89
CA GLN A 46 21.69 -0.80 19.69
C GLN A 46 20.74 -0.86 18.55
N ILE A 47 20.40 0.32 18.00
CA ILE A 47 19.38 0.36 16.95
C ILE A 47 20.11 0.69 15.68
N VAL A 48 20.21 -0.33 14.84
CA VAL A 48 20.80 -0.16 13.55
C VAL A 48 19.79 0.30 12.52
N THR A 49 19.88 1.55 12.16
CA THR A 49 18.96 2.20 11.25
C THR A 49 19.49 2.06 9.82
N PHE A 50 18.72 1.36 8.96
CA PHE A 50 19.05 1.25 7.55
C PHE A 50 18.17 2.22 6.77
N ASN A 51 18.79 3.23 6.14
CA ASN A 51 18.06 4.16 5.32
C ASN A 51 17.91 3.56 3.93
N GLN A 52 16.67 3.27 3.54
CA GLN A 52 16.36 2.74 2.19
C GLN A 52 15.36 3.54 1.38
N LEU A 53 15.34 4.83 1.62
CA LEU A 53 14.34 5.74 1.13
C LEU A 53 14.68 6.11 -0.28
N ILE A 54 13.73 6.18 -1.16
CA ILE A 54 13.94 6.54 -2.52
C ILE A 54 13.06 7.68 -2.96
N GLU A 55 12.03 7.96 -2.18
CA GLU A 55 11.11 8.99 -2.63
C GLU A 55 11.50 10.41 -2.15
N CYS A 56 12.12 11.18 -3.05
CA CYS A 56 12.58 12.53 -2.73
C CYS A 56 11.47 13.42 -2.16
N SER A 57 10.27 13.30 -2.71
CA SER A 57 9.14 14.11 -2.29
C SER A 57 9.05 14.25 -0.74
N MET A 58 9.64 13.28 -0.05
CA MET A 58 9.62 13.28 1.41
C MET A 58 11.03 13.30 2.01
N LEU A 59 12.03 13.48 1.13
CA LEU A 59 13.48 13.47 1.50
C LEU A 59 13.96 12.05 1.64
N VAL A 60 15.08 11.73 0.97
CA VAL A 60 15.70 10.42 1.07
C VAL A 60 16.75 10.34 2.22
N ASP A 61 16.97 11.47 2.91
CA ASP A 61 17.91 11.51 4.02
C ASP A 61 17.14 11.45 5.33
N THR A 62 17.67 10.74 6.32
CA THR A 62 16.95 10.64 7.57
C THR A 62 17.83 10.76 8.82
N SER A 63 17.15 10.96 9.95
CA SER A 63 17.87 11.02 11.23
C SER A 63 16.80 10.79 12.23
N ILE A 64 17.06 10.02 13.29
CA ILE A 64 16.00 9.62 14.22
C ILE A 64 16.37 10.05 15.63
N HIS A 65 15.36 10.57 16.34
CA HIS A 65 15.51 10.99 17.71
C HIS A 65 14.72 10.08 18.64
N TRP A 66 15.29 9.80 19.82
CA TRP A 66 14.70 8.86 20.76
C TRP A 66 14.11 9.84 21.79
N HIS A 67 12.85 10.22 21.63
CA HIS A 67 12.33 11.41 22.30
C HIS A 67 12.21 11.20 23.82
N GLY A 68 12.84 12.06 24.62
CA GLY A 68 12.82 11.93 26.09
C GLY A 68 13.98 11.16 26.76
N GLU A 69 14.81 10.48 25.96
CA GLU A 69 15.99 9.73 26.40
C GLU A 69 17.13 10.71 26.64
N PHE A 70 17.82 10.65 27.77
CA PHE A 70 18.69 11.82 28.04
C PHE A 70 20.00 11.77 27.26
N GLN A 71 20.42 10.57 26.84
CA GLN A 71 21.61 10.43 25.93
C GLN A 71 22.94 10.94 26.58
N LYS A 72 23.05 10.71 27.88
CA LYS A 72 24.25 11.24 28.63
C LYS A 72 25.44 10.42 28.20
N GLY A 73 26.41 11.09 27.62
CA GLY A 73 27.59 10.40 27.23
C GLY A 73 27.48 10.06 25.78
N THR A 74 26.27 10.21 25.22
CA THR A 74 26.00 9.84 23.84
C THR A 74 25.22 10.94 23.11
N ASN A 75 25.57 12.19 23.36
CA ASN A 75 24.91 13.23 22.60
C ASN A 75 24.91 12.98 21.07
N TRP A 76 25.96 12.32 20.53
CA TRP A 76 26.01 12.12 19.06
C TRP A 76 24.86 11.19 18.61
N ALA A 77 24.25 10.46 19.56
CA ALA A 77 23.12 9.51 19.24
C ALA A 77 21.68 10.12 19.38
N ASP A 78 21.59 11.37 19.75
CA ASP A 78 20.29 12.05 20.03
C ASP A 78 19.39 12.23 18.77
N GLY A 79 19.97 12.54 17.62
CA GLY A 79 19.20 12.59 16.39
C GLY A 79 18.76 13.85 15.68
N PRO A 80 18.73 15.05 16.32
CA PRO A 80 18.23 16.18 15.55
C PRO A 80 19.21 16.60 14.54
N ALA A 81 18.76 16.61 13.27
CA ALA A 81 19.67 16.92 12.17
C ALA A 81 20.29 18.32 12.37
N PHE A 82 21.61 18.33 12.23
CA PHE A 82 22.39 19.56 12.23
C PHE A 82 22.54 20.16 13.64
N ILE A 83 22.14 19.37 14.62
CA ILE A 83 22.40 19.75 15.96
C ILE A 83 23.39 18.74 16.46
N THR A 84 23.01 17.48 16.40
CA THR A 84 23.88 16.43 16.85
C THR A 84 24.47 15.49 15.77
N GLN A 85 23.96 15.54 14.55
CA GLN A 85 24.48 14.65 13.48
C GLN A 85 24.10 15.21 12.16
N CYS A 86 24.80 14.80 11.08
CA CYS A 86 24.33 15.07 9.69
C CYS A 86 23.37 13.93 9.41
N PRO A 87 22.44 14.09 8.44
CA PRO A 87 21.55 12.94 8.22
C PRO A 87 22.29 11.72 7.68
N ILE A 88 21.73 10.53 7.92
CA ILE A 88 22.12 9.33 7.21
C ILE A 88 21.58 9.42 5.75
N ILE A 89 22.44 9.19 4.74
CA ILE A 89 21.97 9.23 3.35
C ILE A 89 21.38 7.88 2.90
N VAL A 90 20.60 7.85 1.80
CA VAL A 90 19.98 6.58 1.42
C VAL A 90 21.04 5.53 1.02
N GLY A 91 20.77 4.24 1.19
CA GLY A 91 21.82 3.24 1.01
C GLY A 91 22.73 2.96 2.21
N ASN A 92 22.90 3.93 3.14
CA ASN A 92 23.78 3.78 4.32
C ASN A 92 23.00 3.37 5.57
N SER A 93 23.68 2.83 6.56
CA SER A 93 23.04 2.55 7.85
C SER A 93 23.83 3.27 8.94
N PHE A 94 23.33 3.22 10.18
CA PHE A 94 23.93 3.93 11.28
C PHE A 94 23.38 3.31 12.53
N SER A 95 24.29 3.06 13.50
CA SER A 95 23.97 2.31 14.67
C SER A 95 23.83 3.32 15.83
N TYR A 96 22.60 3.49 16.30
CA TYR A 96 22.32 4.36 17.45
C TYR A 96 22.53 3.45 18.64
N ASN A 97 23.63 3.69 19.32
CA ASN A 97 24.10 2.87 20.44
C ASN A 97 24.14 3.69 21.73
N PHE A 98 23.22 3.45 22.65
CA PHE A 98 23.12 4.24 23.84
C PHE A 98 22.59 3.44 25.00
N ASN A 99 22.73 4.02 26.17
CA ASN A 99 22.17 3.44 27.36
C ASN A 99 21.03 4.30 27.89
N VAL A 100 20.15 3.69 28.67
CA VAL A 100 19.14 4.46 29.37
C VAL A 100 19.24 4.18 30.86
N PRO A 101 20.35 4.65 31.51
CA PRO A 101 20.38 4.65 32.98
C PRO A 101 19.37 5.62 33.54
N GLY A 102 18.74 5.20 34.62
CA GLY A 102 17.84 6.04 35.38
C GLY A 102 16.44 6.20 34.78
N MET A 103 16.19 5.70 33.60
CA MET A 103 14.93 6.11 32.97
C MET A 103 14.12 4.91 32.76
N ALA A 104 12.81 5.05 33.00
CA ALA A 104 11.83 4.05 32.70
C ALA A 104 10.59 4.85 32.34
N GLY A 105 9.70 4.25 31.58
CA GLY A 105 8.49 4.95 31.24
C GLY A 105 8.21 4.86 29.74
N THR A 106 7.39 5.79 29.30
CA THR A 106 6.79 5.70 27.93
C THR A 106 7.35 6.84 27.16
N TYR A 107 8.01 6.52 26.05
CA TYR A 107 8.71 7.51 25.20
C TYR A 107 8.29 7.26 23.72
N TRP A 108 8.97 7.85 22.78
CA TRP A 108 8.65 7.52 21.36
C TRP A 108 9.87 7.90 20.52
N TYR A 109 9.87 7.59 19.22
CA TYR A 109 11.02 7.96 18.39
C TYR A 109 10.47 8.48 17.10
N HIS A 110 11.20 9.39 16.45
CA HIS A 110 10.63 9.95 15.26
C HIS A 110 11.76 10.59 14.45
N SER A 111 11.53 10.77 13.16
CA SER A 111 12.52 11.49 12.42
C SER A 111 12.74 12.84 13.00
N HIS A 112 14.00 13.30 12.89
CA HIS A 112 14.27 14.64 13.32
C HIS A 112 14.98 15.44 12.27
N LEU A 113 14.53 15.24 11.01
CA LEU A 113 14.96 16.00 9.89
C LEU A 113 13.75 16.75 9.27
N THR A 114 13.81 18.07 9.21
CA THR A 114 12.78 18.90 8.57
C THR A 114 11.44 18.35 9.14
N THR A 115 10.43 18.17 8.32
CA THR A 115 9.12 17.79 8.78
C THR A 115 8.84 16.33 8.46
N GLN A 116 9.89 15.55 8.27
CA GLN A 116 9.72 14.19 7.79
C GLN A 116 8.96 13.30 8.75
N TYR A 117 8.95 13.57 10.08
CA TYR A 117 8.15 12.62 10.90
C TYR A 117 6.64 12.70 10.63
N CYS A 118 6.17 13.87 10.21
CA CYS A 118 4.77 13.98 9.75
C CYS A 118 4.42 12.93 8.66
N ASP A 119 5.37 12.68 7.74
CA ASP A 119 5.16 11.77 6.61
C ASP A 119 5.25 10.34 7.08
N GLY A 120 5.49 10.10 8.37
CA GLY A 120 5.11 8.80 8.96
C GLY A 120 6.14 8.07 9.83
N LEU A 121 7.35 8.66 10.01
CA LEU A 121 8.44 8.04 10.73
C LEU A 121 8.28 8.42 12.19
N ARG A 122 7.43 7.65 12.85
CA ARG A 122 7.02 7.83 14.28
C ARG A 122 6.59 6.50 14.86
N GLY A 123 7.07 6.21 16.06
CA GLY A 123 6.73 4.96 16.73
C GLY A 123 6.94 5.09 18.22
N PRO A 124 6.27 4.21 18.99
CA PRO A 124 6.47 4.19 20.46
C PRO A 124 7.82 3.56 20.96
N PHE A 125 8.27 4.00 22.13
CA PHE A 125 9.55 3.50 22.69
C PHE A 125 9.27 3.33 24.16
N VAL A 126 9.36 2.11 24.68
CA VAL A 126 8.96 1.89 26.08
C VAL A 126 10.15 1.27 26.83
N VAL A 127 10.53 1.90 27.92
CA VAL A 127 11.59 1.38 28.80
C VAL A 127 10.85 0.72 30.04
N TYR A 128 10.86 -0.59 30.10
CA TYR A 128 10.14 -1.29 31.21
C TYR A 128 10.99 -1.26 32.49
N ASP A 129 10.34 -1.14 33.66
CA ASP A 129 11.06 -1.20 34.96
C ASP A 129 10.71 -2.52 35.60
N PRO A 130 11.66 -3.46 35.75
CA PRO A 130 11.31 -4.73 36.45
C PRO A 130 10.83 -4.56 37.93
N ASN A 131 11.13 -3.43 38.53
CA ASN A 131 10.65 -3.12 39.88
C ASN A 131 9.78 -1.87 39.90
N ASP A 132 8.97 -1.68 38.84
CA ASP A 132 8.12 -0.51 38.72
C ASP A 132 7.28 -0.31 40.02
N PRO A 133 7.37 0.87 40.69
CA PRO A 133 6.60 1.00 41.94
C PRO A 133 5.11 1.04 41.67
N ASP A 134 4.70 1.18 40.40
CA ASP A 134 3.28 1.24 40.08
C ASP A 134 2.71 -0.14 39.69
N ALA A 135 3.56 -1.17 39.60
CA ALA A 135 3.13 -2.49 39.07
C ALA A 135 1.90 -3.09 39.76
N ASN A 136 1.75 -2.88 41.07
CA ASN A 136 0.64 -3.49 41.76
C ASN A 136 -0.67 -2.80 41.42
N LEU A 137 -0.60 -1.67 40.72
CA LEU A 137 -1.84 -0.98 40.34
C LEU A 137 -2.55 -1.53 39.10
N TYR A 138 -1.95 -2.49 38.41
CA TYR A 138 -2.64 -3.07 37.26
C TYR A 138 -2.31 -4.54 37.03
N ASP A 139 -3.04 -5.18 36.14
CA ASP A 139 -2.80 -6.56 35.79
C ASP A 139 -2.10 -6.72 34.42
N VAL A 140 -2.25 -5.74 33.52
CA VAL A 140 -1.86 -5.95 32.10
C VAL A 140 -1.06 -4.74 31.67
N ASP A 141 0.12 -5.00 31.11
CA ASP A 141 0.91 -3.91 30.63
C ASP A 141 1.74 -4.50 29.56
N ASP A 142 1.36 -4.30 28.30
CA ASP A 142 2.10 -4.94 27.20
C ASP A 142 1.85 -4.20 25.88
N ASP A 143 2.25 -4.81 24.77
CA ASP A 143 2.11 -4.08 23.51
C ASP A 143 0.66 -3.64 23.20
N THR A 144 -0.28 -4.44 23.64
CA THR A 144 -1.70 -4.15 23.37
C THR A 144 -2.27 -2.99 24.24
N THR A 145 -1.52 -2.47 25.22
CA THR A 145 -2.06 -1.36 26.05
C THR A 145 -1.42 -0.06 25.62
N ILE A 146 -0.63 -0.09 24.54
CA ILE A 146 -0.10 1.20 24.02
C ILE A 146 -1.17 1.86 23.14
N ILE A 147 -1.43 3.15 23.34
CA ILE A 147 -2.37 3.86 22.47
C ILE A 147 -1.65 5.07 21.92
N THR A 148 -1.50 5.14 20.59
CA THR A 148 -0.86 6.30 19.95
C THR A 148 -1.93 7.19 19.35
N LEU A 149 -1.76 8.52 19.41
CA LEU A 149 -2.69 9.45 18.79
C LEU A 149 -1.85 10.15 17.77
N ALA A 150 -2.31 10.13 16.51
CA ALA A 150 -1.48 10.68 15.42
C ALA A 150 -2.35 11.59 14.58
N ASP A 151 -1.84 12.76 14.23
CA ASP A 151 -2.48 13.54 13.16
C ASP A 151 -2.01 13.01 11.79
N TRP A 152 -2.85 13.03 10.76
CA TRP A 152 -2.44 12.46 9.49
C TRP A 152 -2.91 13.41 8.40
N TYR A 153 -2.09 13.58 7.35
CA TYR A 153 -2.28 14.71 6.38
C TYR A 153 -2.43 14.05 5.03
N HIS A 154 -3.28 14.60 4.16
CA HIS A 154 -3.30 14.15 2.78
C HIS A 154 -2.27 14.89 1.83
N VAL A 155 -1.78 16.05 2.26
CA VAL A 155 -0.65 16.79 1.66
C VAL A 155 0.70 16.30 2.19
N LEU A 156 1.61 16.02 1.27
CA LEU A 156 2.98 15.72 1.60
C LEU A 156 3.61 16.86 2.44
N ALA A 157 4.31 16.51 3.50
CA ALA A 157 4.82 17.49 4.52
C ALA A 157 5.68 18.56 3.82
N LYS A 158 6.48 18.13 2.85
CA LYS A 158 7.32 19.05 2.08
C LYS A 158 6.54 20.06 1.22
N GLU A 159 5.27 19.78 0.96
CA GLU A 159 4.43 20.73 0.22
C GLU A 159 3.49 21.57 1.09
N MET A 160 3.56 21.45 2.42
CA MET A 160 2.67 22.21 3.29
C MET A 160 3.12 23.68 3.32
N GLY A 161 2.17 24.63 3.27
CA GLY A 161 2.58 26.03 3.15
C GLY A 161 2.05 26.76 4.38
N ALA A 162 2.84 27.10 5.40
CA ALA A 162 4.27 26.85 5.55
C ALA A 162 5.06 28.12 6.02
N GLY A 163 4.63 28.79 7.08
CA GLY A 163 3.37 28.58 7.74
C GLY A 163 2.72 29.93 8.03
N GLY A 164 1.48 30.10 7.58
CA GLY A 164 0.68 29.03 7.01
C GLY A 164 0.05 28.16 8.09
N ALA A 165 -1.19 28.50 8.47
CA ALA A 165 -1.98 27.58 9.29
C ALA A 165 -2.03 26.22 8.54
N ILE A 166 -1.59 25.15 9.17
CA ILE A 166 -1.65 23.83 8.51
C ILE A 166 -2.67 23.03 9.30
N THR A 167 -3.54 22.26 8.67
CA THR A 167 -4.40 21.40 9.46
C THR A 167 -4.50 19.99 8.92
N ALA A 168 -4.71 19.02 9.84
CA ALA A 168 -4.64 17.61 9.50
C ALA A 168 -5.94 17.20 8.79
N ASP A 169 -5.93 16.02 8.17
CA ASP A 169 -7.07 15.52 7.48
C ASP A 169 -7.70 14.31 8.15
N SER A 170 -7.08 13.81 9.21
CA SER A 170 -7.65 12.68 9.93
C SER A 170 -6.89 12.37 11.23
N THR A 171 -7.61 11.91 12.26
CA THR A 171 -6.94 11.57 13.56
C THR A 171 -6.86 10.07 13.50
N LEU A 172 -5.66 9.51 13.72
CA LEU A 172 -5.47 8.09 13.76
C LEU A 172 -5.20 7.65 15.18
N ILE A 173 -5.90 6.62 15.65
CA ILE A 173 -5.59 6.05 16.91
C ILE A 173 -5.10 4.62 16.64
N ASP A 174 -3.93 4.29 17.15
CA ASP A 174 -3.23 3.05 16.76
C ASP A 174 -3.26 2.83 15.26
N GLY A 175 -2.97 3.87 14.52
CA GLY A 175 -2.73 3.71 13.06
C GLY A 175 -3.97 3.73 12.19
N LEU A 176 -5.16 3.78 12.80
CA LEU A 176 -6.41 3.82 12.04
C LEU A 176 -7.37 4.94 12.43
N GLY A 177 -8.06 5.54 11.45
CA GLY A 177 -9.12 6.55 11.79
C GLY A 177 -9.74 7.06 10.52
N ARG A 178 -10.74 7.93 10.63
CA ARG A 178 -11.55 8.33 9.43
C ARG A 178 -11.27 9.77 9.05
N THR A 179 -11.33 10.05 7.73
CA THR A 179 -11.03 11.40 7.27
C THR A 179 -12.02 12.43 7.78
N HIS A 180 -11.56 13.65 8.09
CA HIS A 180 -12.45 14.70 8.54
C HIS A 180 -13.44 15.10 7.46
N VAL A 181 -12.98 15.19 6.21
CA VAL A 181 -13.88 15.64 5.17
C VAL A 181 -14.27 14.48 4.24
N ASN A 182 -15.57 14.42 3.89
CA ASN A 182 -16.11 13.32 3.03
C ASN A 182 -15.73 11.98 3.61
N VAL A 183 -16.01 11.86 4.90
CA VAL A 183 -15.67 10.69 5.67
C VAL A 183 -16.16 9.39 5.06
N ALA A 184 -15.21 8.51 4.72
CA ALA A 184 -15.48 7.15 4.30
C ALA A 184 -15.41 6.17 5.48
N ALA A 185 -16.20 5.10 5.41
CA ALA A 185 -16.40 4.23 6.54
C ALA A 185 -15.31 3.19 6.47
N VAL A 186 -14.11 3.58 6.84
CA VAL A 186 -12.93 2.68 6.78
C VAL A 186 -12.79 2.10 8.21
N PRO A 187 -12.00 1.04 8.42
CA PRO A 187 -11.98 0.35 9.73
C PRO A 187 -11.38 1.22 10.83
N LEU A 188 -11.95 1.06 12.03
CA LEU A 188 -11.47 1.74 13.20
C LEU A 188 -10.63 0.82 14.06
N SER A 189 -9.67 1.39 14.78
CA SER A 189 -8.95 0.58 15.74
C SER A 189 -9.87 0.13 16.90
N VAL A 190 -9.54 -1.05 17.44
CA VAL A 190 -10.18 -1.65 18.58
C VAL A 190 -9.18 -1.91 19.69
N ILE A 191 -9.58 -1.53 20.90
CA ILE A 191 -8.81 -1.87 22.11
C ILE A 191 -9.68 -2.79 22.95
N THR A 192 -9.23 -4.02 23.19
CA THR A 192 -10.07 -5.03 23.86
C THR A 192 -9.69 -5.21 25.34
N VAL A 193 -10.69 -5.33 26.19
CA VAL A 193 -10.47 -5.45 27.62
C VAL A 193 -11.37 -6.57 28.12
N GLU A 194 -11.08 -7.06 29.32
CA GLU A 194 -11.88 -8.09 29.95
C GLU A 194 -12.44 -7.51 31.23
N VAL A 195 -13.73 -7.77 31.45
CA VAL A 195 -14.40 -7.39 32.67
C VAL A 195 -13.51 -7.63 33.87
N GLY A 196 -13.30 -6.58 34.67
CA GLY A 196 -12.57 -6.72 35.90
C GLY A 196 -11.05 -6.64 35.92
N LYS A 197 -10.41 -6.57 34.75
CA LYS A 197 -8.99 -6.39 34.72
C LYS A 197 -8.64 -4.88 34.75
N ARG A 198 -7.43 -4.60 35.15
CA ARG A 198 -6.93 -3.25 35.13
C ARG A 198 -5.74 -3.22 34.18
N TYR A 199 -5.67 -2.13 33.46
CA TYR A 199 -4.75 -1.98 32.31
C TYR A 199 -3.82 -0.78 32.48
N ARG A 200 -2.54 -0.95 32.29
CA ARG A 200 -1.70 0.21 32.18
C ARG A 200 -1.70 0.68 30.75
N MET A 201 -2.58 1.65 30.42
CA MET A 201 -2.63 2.23 29.07
C MET A 201 -1.50 3.28 28.91
N ARG A 202 -0.68 3.15 27.89
CA ARG A 202 0.40 4.03 27.68
C ARG A 202 0.01 4.94 26.50
N LEU A 203 -0.43 6.15 26.85
CA LEU A 203 -1.01 7.05 25.87
C LEU A 203 0.12 7.96 25.37
N VAL A 204 0.40 7.85 24.06
CA VAL A 204 1.58 8.51 23.43
C VAL A 204 1.03 9.44 22.40
N SER A 205 1.29 10.75 22.55
CA SER A 205 0.97 11.66 21.44
C SER A 205 2.17 11.60 20.48
N ILE A 206 1.96 11.03 19.28
CA ILE A 206 2.94 11.15 18.19
C ILE A 206 2.56 12.22 17.21
N SER A 207 1.81 13.19 17.70
CA SER A 207 1.31 14.29 16.88
C SER A 207 2.37 15.24 16.28
N CYS A 208 2.14 15.71 15.05
CA CYS A 208 2.99 16.76 14.47
CA CYS A 208 3.02 16.72 14.51
C CYS A 208 2.50 18.11 14.86
N ASP A 209 1.26 18.18 15.43
CA ASP A 209 0.70 19.52 15.69
C ASP A 209 -0.44 19.54 16.75
N PRO A 210 -1.65 19.04 16.44
CA PRO A 210 -2.75 19.25 17.36
C PRO A 210 -2.56 18.61 18.72
N ASN A 211 -3.14 19.25 19.72
CA ASN A 211 -3.32 18.65 21.01
C ASN A 211 -4.70 17.94 20.97
N TYR A 212 -4.88 16.89 21.76
CA TYR A 212 -6.10 16.10 21.76
C TYR A 212 -6.78 16.10 23.13
N ASP A 213 -8.12 16.17 23.15
CA ASP A 213 -8.90 15.89 24.39
C ASP A 213 -9.28 14.40 24.31
N PHE A 214 -8.59 13.55 25.07
CA PHE A 214 -8.74 12.12 25.05
C PHE A 214 -9.72 11.68 26.17
N SER A 215 -10.68 10.82 25.85
CA SER A 215 -11.54 10.25 26.90
C SER A 215 -12.05 8.92 26.44
N ILE A 216 -12.62 8.17 27.38
CA ILE A 216 -13.16 6.91 27.04
C ILE A 216 -14.58 6.86 27.65
N ASP A 217 -15.60 6.75 26.81
CA ASP A 217 -17.00 6.79 27.28
C ASP A 217 -17.18 5.81 28.45
N GLY A 218 -17.85 6.31 29.50
CA GLY A 218 -18.19 5.46 30.64
C GLY A 218 -17.07 5.07 31.55
N HIS A 219 -15.83 5.44 31.19
CA HIS A 219 -14.71 5.02 31.98
C HIS A 219 -13.96 6.19 32.54
N ASP A 220 -13.19 5.93 33.58
CA ASP A 220 -12.31 6.88 34.25
C ASP A 220 -10.93 6.52 33.83
N MET A 221 -9.95 7.35 34.15
CA MET A 221 -8.50 7.05 33.91
C MET A 221 -7.68 7.53 35.08
N THR A 222 -6.83 6.68 35.66
CA THR A 222 -5.95 7.14 36.74
C THR A 222 -4.52 7.26 36.30
N ILE A 223 -4.03 8.50 36.17
CA ILE A 223 -2.68 8.75 35.69
C ILE A 223 -1.65 8.37 36.74
N ILE A 224 -0.64 7.65 36.28
CA ILE A 224 0.45 7.12 37.13
C ILE A 224 1.83 7.50 36.54
N GLU A 225 1.88 8.10 35.34
CA GLU A 225 3.20 8.39 34.68
C GLU A 225 3.01 9.55 33.74
N THR A 226 3.89 10.55 33.82
CA THR A 226 3.88 11.69 32.86
C THR A 226 5.24 11.88 32.19
N ASP A 227 5.25 11.81 30.85
CA ASP A 227 6.48 11.90 30.10
C ASP A 227 7.64 11.12 30.78
N GLY A 228 7.41 9.86 31.15
CA GLY A 228 8.44 9.08 31.74
C GLY A 228 8.68 9.29 33.23
N VAL A 229 8.04 10.27 33.87
CA VAL A 229 8.18 10.45 35.34
C VAL A 229 6.98 9.84 36.08
N ASP A 230 7.17 8.82 36.92
CA ASP A 230 6.08 8.30 37.77
C ASP A 230 5.41 9.38 38.56
N SER A 231 4.10 9.30 38.64
CA SER A 231 3.32 10.32 39.33
C SER A 231 2.47 9.56 40.33
N GLN A 232 2.10 10.25 41.38
CA GLN A 232 1.04 9.87 42.27
C GLN A 232 -0.20 9.77 41.42
N GLU A 233 -1.07 8.86 41.84
CA GLU A 233 -2.32 8.52 41.16
C GLU A 233 -3.21 9.74 41.05
N LEU A 234 -3.72 10.02 39.85
CA LEU A 234 -4.59 11.13 39.70
C LEU A 234 -5.72 10.68 38.75
N THR A 235 -6.90 10.49 39.31
CA THR A 235 -8.03 10.04 38.51
C THR A 235 -8.72 11.20 37.76
N VAL A 236 -8.87 11.03 36.46
CA VAL A 236 -9.43 12.08 35.61
C VAL A 236 -10.44 11.46 34.68
N ASP A 237 -11.36 12.23 34.09
CA ASP A 237 -12.22 11.67 33.06
C ASP A 237 -11.88 12.14 31.64
N GLU A 238 -10.91 13.05 31.52
CA GLU A 238 -10.47 13.58 30.23
C GLU A 238 -9.03 14.03 30.37
N ILE A 239 -8.21 13.81 29.34
CA ILE A 239 -6.81 14.21 29.36
C ILE A 239 -6.59 15.04 28.10
N GLN A 240 -6.18 16.30 28.23
CA GLN A 240 -5.70 17.07 27.08
C GLN A 240 -4.20 16.77 26.95
N ILE A 241 -3.77 16.17 25.82
CA ILE A 241 -2.36 15.71 25.71
C ILE A 241 -1.83 16.48 24.52
N PHE A 242 -0.72 17.20 24.68
CA PHE A 242 -0.18 18.03 23.61
C PHE A 242 0.79 17.20 22.81
N ALA A 243 1.30 17.70 21.68
CA ALA A 243 2.22 16.97 20.82
C ALA A 243 3.42 16.47 21.59
N ALA A 244 3.72 15.20 21.39
CA ALA A 244 4.95 14.60 21.98
C ALA A 244 4.86 14.19 23.49
N GLN A 245 3.81 14.63 24.19
CA GLN A 245 3.57 14.17 25.59
C GLN A 245 3.18 12.72 25.72
N ARG A 246 3.44 12.12 26.89
CA ARG A 246 2.96 10.79 27.17
C ARG A 246 2.34 10.70 28.57
N TYR A 247 1.33 9.85 28.71
CA TYR A 247 0.82 9.50 30.04
C TYR A 247 0.61 8.00 30.12
N SER A 248 0.98 7.40 31.26
CA SER A 248 0.36 6.18 31.59
C SER A 248 -0.89 6.37 32.47
N PHE A 249 -1.94 5.61 32.20
CA PHE A 249 -3.18 5.62 33.03
C PHE A 249 -3.73 4.23 33.23
N VAL A 250 -4.21 3.93 34.45
CA VAL A 250 -4.87 2.68 34.77
C VAL A 250 -6.29 2.78 34.31
N LEU A 251 -6.68 1.82 33.48
CA LEU A 251 -8.04 1.72 33.04
C LEU A 251 -8.57 0.52 33.73
N ASN A 252 -9.55 0.76 34.61
CA ASN A 252 -10.23 -0.31 35.26
C ASN A 252 -11.46 -0.72 34.38
N ALA A 253 -11.47 -1.92 33.85
CA ALA A 253 -12.49 -2.35 32.94
C ALA A 253 -13.72 -2.83 33.79
N ASN A 254 -14.46 -1.86 34.31
CA ASN A 254 -15.43 -2.08 35.37
C ASN A 254 -16.88 -1.76 34.94
N GLN A 255 -17.10 -1.49 33.64
CA GLN A 255 -18.41 -1.25 33.08
C GLN A 255 -19.08 -2.54 32.54
N PRO A 256 -20.38 -2.48 32.21
CA PRO A 256 -20.93 -3.71 31.67
C PRO A 256 -20.29 -4.06 30.33
N VAL A 257 -20.25 -5.35 30.04
CA VAL A 257 -19.70 -5.86 28.82
C VAL A 257 -20.40 -5.15 27.68
N GLY A 258 -19.62 -4.54 26.80
CA GLY A 258 -20.20 -3.75 25.69
C GLY A 258 -19.14 -2.93 24.94
N ASN A 259 -19.62 -2.11 23.99
CA ASN A 259 -18.80 -1.21 23.10
C ASN A 259 -18.83 0.25 23.54
N TYR A 260 -17.64 0.83 23.78
CA TYR A 260 -17.57 2.20 24.25
C TYR A 260 -16.68 3.03 23.33
N TRP A 261 -17.08 4.24 23.02
CA TRP A 261 -16.21 5.04 22.16
C TRP A 261 -15.00 5.49 22.93
N ILE A 262 -13.84 5.45 22.26
CA ILE A 262 -12.67 6.14 22.68
C ILE A 262 -12.56 7.42 21.90
N ARG A 263 -12.44 8.55 22.59
CA ARG A 263 -12.47 9.85 21.83
C ARG A 263 -11.15 10.61 21.92
N ALA A 264 -10.77 11.25 20.81
CA ALA A 264 -9.57 12.07 20.81
C ALA A 264 -9.89 13.25 19.97
N ASN A 265 -10.37 14.36 20.52
CA ASN A 265 -10.65 15.60 19.75
C ASN A 265 -9.45 16.51 19.61
N PRO A 266 -8.99 16.66 18.38
CA PRO A 266 -7.88 17.62 18.11
C PRO A 266 -8.38 19.05 18.21
N ASN A 267 -7.50 19.94 18.61
CA ASN A 267 -7.84 21.34 18.73
C ASN A 267 -7.96 22.08 17.41
N SER A 268 -7.51 21.48 16.30
CA SER A 268 -7.86 21.97 14.96
C SER A 268 -8.23 20.75 14.10
N GLY A 269 -8.63 20.95 12.83
CA GLY A 269 -9.19 19.88 12.00
C GLY A 269 -10.67 19.59 12.33
N GLY A 270 -11.12 18.39 11.99
CA GLY A 270 -12.50 17.98 12.22
C GLY A 270 -12.96 18.10 13.69
N GLU A 271 -14.10 18.78 13.89
CA GLU A 271 -14.68 18.88 15.23
C GLU A 271 -15.77 17.84 15.44
N GLY A 272 -15.73 17.13 16.56
CA GLY A 272 -16.86 16.24 16.90
C GLY A 272 -16.52 14.85 16.42
N PHE A 273 -17.51 13.97 16.32
CA PHE A 273 -17.26 12.54 16.14
C PHE A 273 -18.23 11.89 15.11
N ASP A 274 -18.87 12.73 14.29
CA ASP A 274 -19.77 12.23 13.26
C ASP A 274 -19.12 11.26 12.30
N GLY A 275 -19.81 10.15 12.02
CA GLY A 275 -19.26 9.10 11.16
C GLY A 275 -18.09 8.39 11.78
N GLY A 276 -17.83 8.63 13.06
CA GLY A 276 -16.72 8.00 13.74
C GLY A 276 -15.27 8.56 13.51
N ILE A 277 -15.14 9.83 13.14
CA ILE A 277 -13.89 10.52 13.15
C ILE A 277 -13.45 10.71 14.62
N ASN A 278 -12.13 10.87 14.81
CA ASN A 278 -11.62 11.19 16.15
C ASN A 278 -11.95 10.07 17.14
N SER A 279 -12.05 8.85 16.64
CA SER A 279 -12.62 7.72 17.38
C SER A 279 -11.88 6.42 17.26
N ALA A 280 -11.90 5.63 18.35
CA ALA A 280 -11.60 4.20 18.29
C ALA A 280 -12.61 3.48 19.14
N ILE A 281 -12.48 2.17 19.25
CA ILE A 281 -13.42 1.34 19.99
C ILE A 281 -12.82 0.60 21.13
N LEU A 282 -13.42 0.81 22.31
CA LEU A 282 -13.08 0.00 23.45
C LEU A 282 -14.05 -1.14 23.52
N ARG A 283 -13.60 -2.36 23.32
CA ARG A 283 -14.54 -3.45 23.25
C ARG A 283 -14.28 -4.44 24.38
N TYR A 284 -15.32 -4.79 25.13
CA TYR A 284 -15.13 -5.83 26.14
C TYR A 284 -15.26 -7.19 25.50
N ASP A 285 -14.46 -8.14 25.95
CA ASP A 285 -14.67 -9.53 25.56
C ASP A 285 -16.11 -9.98 25.98
N GLY A 286 -16.83 -10.62 25.05
CA GLY A 286 -18.25 -10.88 25.25
C GLY A 286 -19.18 -9.90 24.56
N ALA A 287 -18.66 -8.73 24.19
CA ALA A 287 -19.55 -7.73 23.62
C ALA A 287 -19.90 -8.14 22.19
N THR A 288 -21.03 -7.65 21.64
CA THR A 288 -21.32 -7.85 20.19
C THR A 288 -20.32 -7.07 19.32
N THR A 289 -20.00 -7.59 18.15
CA THR A 289 -19.05 -6.91 17.28
C THR A 289 -19.85 -5.90 16.49
N ALA A 290 -19.96 -4.69 17.06
CA ALA A 290 -20.75 -3.60 16.50
C ALA A 290 -20.17 -2.27 16.98
N ASP A 291 -20.42 -1.19 16.24
CA ASP A 291 -19.99 0.13 16.74
C ASP A 291 -20.64 0.53 18.04
N PRO A 292 -19.88 1.28 18.86
CA PRO A 292 -20.46 1.75 20.13
C PRO A 292 -21.59 2.67 19.86
N VAL A 293 -22.51 2.77 20.81
CA VAL A 293 -23.53 3.84 20.65
C VAL A 293 -23.48 4.74 21.84
N THR A 294 -22.34 4.75 22.53
CA THR A 294 -22.22 5.57 23.75
C THR A 294 -22.10 7.08 23.46
N VAL A 295 -22.23 7.86 24.52
CA VAL A 295 -22.14 9.32 24.45
C VAL A 295 -21.13 9.76 25.49
N ALA A 296 -20.39 10.83 25.17
CA ALA A 296 -19.52 11.43 26.18
C ALA A 296 -20.36 12.09 27.31
N SER A 297 -19.80 12.21 28.53
CA SER A 297 -20.42 13.14 29.50
C SER A 297 -20.66 14.48 28.82
N THR A 298 -21.79 15.09 29.12
CA THR A 298 -22.06 16.43 28.64
C THR A 298 -21.05 17.43 29.15
N VAL A 299 -20.73 17.28 30.42
CA VAL A 299 -19.66 18.06 31.01
C VAL A 299 -18.73 17.09 31.68
N HIS A 300 -17.44 17.23 31.34
CA HIS A 300 -16.39 16.40 31.91
C HIS A 300 -16.13 17.01 33.27
N THR A 301 -16.22 16.22 34.31
CA THR A 301 -16.24 16.83 35.66
C THR A 301 -14.91 16.69 36.42
N LYS A 302 -14.00 15.86 35.89
CA LYS A 302 -12.63 15.79 36.43
C LYS A 302 -11.48 15.78 35.31
N CYS A 303 -11.42 16.82 34.48
CA CYS A 303 -10.38 16.88 33.44
C CYS A 303 -8.97 17.14 34.01
N LEU A 304 -7.95 16.46 33.47
CA LEU A 304 -6.60 16.68 33.92
C LEU A 304 -6.27 18.18 33.92
N ILE A 305 -5.62 18.59 34.99
CA ILE A 305 -5.09 19.97 35.13
C ILE A 305 -3.65 19.77 35.56
N GLU A 306 -2.69 20.31 34.82
CA GLU A 306 -1.28 19.89 35.04
C GLU A 306 -0.83 20.08 36.52
N THR A 307 -1.34 21.11 37.18
CA THR A 307 -0.94 21.40 38.54
C THR A 307 -1.48 20.40 39.55
N ASP A 308 -2.44 19.56 39.16
CA ASP A 308 -2.86 18.51 40.09
C ASP A 308 -1.90 17.33 40.07
N LEU A 309 -0.95 17.32 39.13
CA LEU A 309 0.01 16.19 39.07
C LEU A 309 1.20 16.43 40.04
N HIS A 310 1.65 15.38 40.69
CA HIS A 310 2.81 15.38 41.55
C HIS A 310 3.73 14.15 41.31
N PRO A 311 5.05 14.36 41.34
CA PRO A 311 5.91 13.16 41.19
C PRO A 311 5.67 12.15 42.31
N LEU A 312 5.86 10.87 42.01
CA LEU A 312 5.77 9.80 43.00
C LEU A 312 6.98 9.81 43.94
N SER A 313 8.14 10.10 43.38
CA SER A 313 9.37 10.25 44.13
C SER A 313 9.42 11.63 44.74
N ARG A 314 10.42 11.87 45.57
CA ARG A 314 10.61 13.20 46.15
C ARG A 314 11.57 14.04 45.30
N ASN A 315 11.10 14.49 44.15
CA ASN A 315 11.96 15.21 43.20
C ASN A 315 12.23 16.64 43.62
N GLY A 316 11.22 17.26 44.21
CA GLY A 316 11.27 18.66 44.59
C GLY A 316 11.53 19.56 43.42
N VAL A 317 12.38 20.54 43.67
CA VAL A 317 12.60 21.57 42.69
C VAL A 317 13.93 22.21 42.97
N PRO A 318 14.83 22.22 41.97
CA PRO A 318 16.11 22.86 42.24
C PRO A 318 16.03 24.37 42.47
N GLY A 319 16.99 24.87 43.23
CA GLY A 319 17.18 26.30 43.45
C GLY A 319 16.26 26.80 44.55
N ASN A 320 15.82 28.04 44.40
CA ASN A 320 15.24 28.76 45.51
C ASN A 320 13.80 29.14 45.22
N PRO A 321 12.97 29.28 46.29
CA PRO A 321 11.52 29.36 46.06
C PRO A 321 11.01 30.75 45.66
N HIS A 322 11.53 31.30 44.57
CA HIS A 322 11.06 32.59 44.01
C HIS A 322 11.64 32.74 42.62
N GLN A 323 10.98 33.50 41.76
CA GLN A 323 11.45 33.64 40.39
C GLN A 323 12.82 34.34 40.17
N GLY A 324 13.70 33.69 39.41
CA GLY A 324 15.06 34.13 39.35
C GLY A 324 15.87 33.37 40.38
N GLY A 325 15.19 32.55 41.22
CA GLY A 325 15.84 31.70 42.22
C GLY A 325 16.69 30.56 41.63
N ALA A 326 17.60 30.90 40.72
CA ALA A 326 18.43 29.92 40.01
C ALA A 326 19.79 30.50 39.72
N ASP A 327 20.75 29.64 39.35
CA ASP A 327 22.08 30.11 38.95
C ASP A 327 22.03 30.82 37.59
N CYS A 328 21.43 30.18 36.57
CA CYS A 328 21.27 30.88 35.27
CA CYS A 328 21.29 30.84 35.27
C CYS A 328 19.82 30.89 34.89
N ASN A 329 19.19 32.02 35.14
CA ASN A 329 17.77 32.15 34.92
C ASN A 329 17.59 32.88 33.64
N LEU A 330 16.66 32.43 32.82
CA LEU A 330 16.51 33.06 31.50
C LEU A 330 15.08 33.26 31.27
N ASN A 331 14.77 34.19 30.40
CA ASN A 331 13.40 34.45 30.09
C ASN A 331 13.48 34.66 28.60
N LEU A 332 12.92 33.74 27.83
CA LEU A 332 13.08 33.73 26.39
C LEU A 332 11.96 34.52 25.86
N SER A 333 12.25 35.34 24.85
CA SER A 333 11.23 36.11 24.15
C SER A 333 10.83 35.34 22.85
N LEU A 334 9.64 34.78 22.92
CA LEU A 334 9.08 33.91 21.88
C LEU A 334 8.16 34.73 20.96
N GLY A 335 8.49 34.85 19.68
CA GLY A 335 7.70 35.66 18.76
C GLY A 335 7.34 34.94 17.47
N PHE A 336 6.41 35.50 16.71
CA PHE A 336 6.10 35.12 15.33
C PHE A 336 5.77 36.34 14.52
N ALA A 337 6.28 36.42 13.30
CA ALA A 337 5.83 37.42 12.33
C ALA A 337 6.26 36.99 10.94
N CYS A 338 5.51 37.40 9.94
CA CYS A 338 5.96 37.26 8.55
C CYS A 338 6.32 35.79 8.28
N GLY A 339 5.42 34.89 8.71
CA GLY A 339 5.64 33.45 8.57
C GLY A 339 6.84 32.77 9.21
N ASN A 340 7.54 33.42 10.15
CA ASN A 340 8.61 32.73 10.88
C ASN A 340 8.46 32.98 12.35
N PHE A 341 8.94 32.02 13.12
CA PHE A 341 8.97 32.12 14.58
C PHE A 341 10.38 32.53 14.98
N VAL A 342 10.50 33.12 16.17
CA VAL A 342 11.79 33.58 16.68
C VAL A 342 11.89 33.32 18.16
N ILE A 343 13.11 33.06 18.60
CA ILE A 343 13.44 32.99 20.02
C ILE A 343 14.55 34.05 20.21
N ASN A 344 14.28 35.01 21.10
CA ASN A 344 15.19 36.16 21.30
C ASN A 344 15.59 36.84 19.98
N GLY A 345 14.64 37.02 19.07
CA GLY A 345 14.82 37.80 17.85
C GLY A 345 15.35 37.05 16.65
N VAL A 346 15.67 35.76 16.86
CA VAL A 346 16.35 34.93 15.85
C VAL A 346 15.52 33.67 15.56
N SER A 347 15.24 33.49 14.26
CA SER A 347 14.63 32.31 13.72
C SER A 347 15.68 31.18 13.51
N PHE A 348 15.39 29.95 13.95
CA PHE A 348 16.38 28.86 13.84
C PHE A 348 16.47 28.39 12.40
N THR A 349 17.69 28.37 11.85
CA THR A 349 17.82 27.70 10.55
C THR A 349 19.03 26.80 10.66
N PRO A 350 18.86 25.51 10.31
CA PRO A 350 19.87 24.50 10.66
C PRO A 350 21.18 24.93 10.05
N PRO A 351 22.30 24.75 10.79
CA PRO A 351 23.60 25.16 10.21
C PRO A 351 24.15 24.03 9.37
N THR A 352 25.13 24.34 8.49
CA THR A 352 25.71 23.32 7.60
C THR A 352 26.50 22.27 8.33
N VAL A 353 27.25 22.67 9.35
CA VAL A 353 27.97 21.74 10.19
C VAL A 353 27.17 21.52 11.50
N PRO A 354 26.84 20.28 11.83
CA PRO A 354 26.07 20.06 13.09
C PRO A 354 26.74 20.72 14.31
N VAL A 355 25.90 21.23 15.20
CA VAL A 355 26.41 21.89 16.40
C VAL A 355 27.47 21.06 17.13
N LEU A 356 27.21 19.77 17.32
CA LEU A 356 28.09 18.89 18.03
C LEU A 356 29.50 18.84 17.37
N LEU A 357 29.55 18.72 16.05
CA LEU A 357 30.82 18.63 15.35
C LEU A 357 31.58 19.99 15.35
N GLN A 358 30.84 21.12 15.38
CA GLN A 358 31.47 22.42 15.60
C GLN A 358 32.21 22.41 16.91
N ILE A 359 31.59 21.88 17.96
CA ILE A 359 32.20 21.76 19.28
C ILE A 359 33.44 20.80 19.29
N CYS A 360 33.27 19.63 18.70
CA CYS A 360 34.37 18.69 18.60
C CYS A 360 35.56 19.20 17.77
N SER A 361 35.29 20.04 16.77
CA SER A 361 36.31 20.65 15.93
C SER A 361 36.94 21.90 16.54
N GLY A 362 36.67 22.16 17.84
CA GLY A 362 37.37 23.21 18.59
C GLY A 362 36.61 24.49 18.89
N ALA A 363 35.34 24.58 18.52
CA ALA A 363 34.55 25.76 18.97
C ALA A 363 34.41 25.72 20.47
N ASN A 364 34.39 26.89 21.11
CA ASN A 364 34.58 27.03 22.57
C ASN A 364 33.43 27.72 23.36
N THR A 365 32.76 28.64 22.69
CA THR A 365 31.72 29.46 23.26
C THR A 365 30.53 29.46 22.29
N ALA A 366 29.37 29.97 22.74
CA ALA A 366 28.19 30.15 21.89
C ALA A 366 28.48 31.13 20.75
N ALA A 367 29.21 32.21 21.09
CA ALA A 367 29.69 33.21 20.11
C ALA A 367 30.37 32.52 18.95
N ASP A 368 31.14 31.48 19.21
CA ASP A 368 31.78 30.79 18.09
C ASP A 368 30.91 29.73 17.38
N LEU A 369 29.71 29.44 17.87
CA LEU A 369 28.88 28.40 17.25
C LEU A 369 27.85 28.96 16.30
N LEU A 370 27.65 28.28 15.19
CA LEU A 370 26.67 28.70 14.20
C LEU A 370 25.45 27.77 14.46
N PRO A 371 24.19 28.26 14.20
CA PRO A 371 23.86 29.59 13.64
C PRO A 371 24.00 30.70 14.69
N SER A 372 24.35 31.91 14.28
CA SER A 372 24.67 32.91 15.27
C SER A 372 23.36 33.40 15.90
N GLY A 373 23.38 33.57 17.21
CA GLY A 373 22.19 33.90 17.93
C GLY A 373 21.25 32.72 18.22
N SER A 374 21.57 31.49 17.78
CA SER A 374 20.65 30.34 17.99
C SER A 374 21.21 29.36 19.00
N VAL A 375 22.23 29.80 19.77
CA VAL A 375 22.89 28.93 20.71
C VAL A 375 23.07 29.72 21.99
N ILE A 376 22.74 29.12 23.13
CA ILE A 376 22.97 29.72 24.40
C ILE A 376 23.82 28.73 25.13
N SER A 377 24.99 29.16 25.55
CA SER A 377 25.77 28.28 26.42
C SER A 377 25.24 28.23 27.85
N LEU A 378 25.44 27.09 28.48
CA LEU A 378 24.99 26.88 29.83
C LEU A 378 26.18 26.31 30.59
N PRO A 379 26.40 26.80 31.81
CA PRO A 379 27.45 26.27 32.64
C PRO A 379 27.03 25.02 33.33
N SER A 380 28.04 24.24 33.67
CA SER A 380 27.92 22.93 34.27
C SER A 380 27.43 22.92 35.73
N ASN A 381 26.75 21.88 36.15
CA ASN A 381 26.27 21.80 37.52
C ASN A 381 25.61 23.09 38.10
N SER A 382 24.75 23.72 37.30
CA SER A 382 24.00 24.92 37.72
C SER A 382 22.49 24.72 37.52
N THR A 383 21.69 25.33 38.39
CA THR A 383 20.25 25.28 38.27
C THR A 383 19.89 26.30 37.24
N ILE A 384 19.13 25.86 36.22
CA ILE A 384 18.71 26.71 35.09
C ILE A 384 17.22 26.96 35.25
N GLU A 385 16.80 28.20 35.11
CA GLU A 385 15.39 28.43 35.03
C GLU A 385 15.15 29.04 33.72
N ILE A 386 14.08 28.59 33.05
CA ILE A 386 13.73 29.16 31.76
C ILE A 386 12.24 29.53 31.84
N ALA A 387 11.95 30.82 31.58
CA ALA A 387 10.59 31.33 31.49
C ALA A 387 10.28 31.38 30.03
N LEU A 388 9.10 30.90 29.65
CA LEU A 388 8.71 30.80 28.21
C LEU A 388 7.33 31.49 28.05
N PRO A 389 7.31 32.84 28.22
CA PRO A 389 6.01 33.53 28.21
C PRO A 389 5.26 33.43 26.89
N ALA A 390 4.04 32.92 26.93
CA ALA A 390 3.21 32.75 25.69
C ALA A 390 2.71 34.05 25.01
N GLY A 391 2.13 33.89 23.84
CA GLY A 391 1.60 35.01 23.10
C GLY A 391 1.87 34.87 21.63
N ALA A 392 2.97 34.20 21.30
CA ALA A 392 3.34 34.01 19.92
C ALA A 392 2.25 33.28 19.10
N ALA A 393 1.99 33.81 17.91
CA ALA A 393 0.97 33.25 17.05
C ALA A 393 0.83 31.74 17.15
N GLY A 394 -0.41 31.35 17.43
CA GLY A 394 -0.95 30.04 17.75
C GLY A 394 -0.22 28.73 17.78
N GLY A 395 -0.11 28.10 18.94
CA GLY A 395 -0.65 28.59 20.19
C GLY A 395 -1.81 27.61 20.42
N PRO A 396 -1.74 26.78 21.50
CA PRO A 396 -0.72 26.69 22.54
C PRO A 396 0.47 25.79 22.16
N HIS A 397 1.67 26.33 22.37
CA HIS A 397 2.91 25.70 21.88
C HIS A 397 3.47 24.74 22.95
N PRO A 398 3.67 23.47 22.58
CA PRO A 398 4.27 22.53 23.48
C PRO A 398 5.78 22.55 23.33
N PHE A 399 6.48 23.18 24.28
CA PHE A 399 7.96 23.26 24.21
C PHE A 399 8.61 22.05 24.74
N HIS A 400 9.67 21.62 24.05
CA HIS A 400 10.35 20.43 24.45
C HIS A 400 11.87 20.72 24.46
N LEU A 401 12.51 20.14 25.47
CA LEU A 401 13.93 20.22 25.72
C LEU A 401 14.56 18.79 25.61
N HIS A 402 15.59 18.69 24.80
CA HIS A 402 16.40 17.48 24.74
C HIS A 402 17.35 17.31 25.92
N GLY A 403 17.83 16.10 26.08
CA GLY A 403 18.79 15.73 27.10
C GLY A 403 18.36 15.83 28.54
N HIS A 404 17.12 16.20 28.79
CA HIS A 404 16.65 16.44 30.13
C HIS A 404 15.17 16.28 30.32
N ASP A 405 14.79 16.12 31.57
CA ASP A 405 13.46 16.53 31.98
C ASP A 405 13.56 17.80 32.90
N PHE A 406 12.42 18.34 33.32
CA PHE A 406 12.46 19.59 34.03
C PHE A 406 11.23 19.70 34.94
N ALA A 407 11.40 20.32 36.11
CA ALA A 407 10.29 20.78 36.91
C ALA A 407 9.47 21.84 36.18
N VAL A 408 8.16 21.63 36.11
CA VAL A 408 7.25 22.61 35.59
C VAL A 408 6.85 23.49 36.80
N SER A 409 7.61 24.53 37.03
CA SER A 409 7.39 25.38 38.16
C SER A 409 6.11 26.19 37.98
N GLU A 410 5.84 26.70 36.79
CA GLU A 410 4.55 27.37 36.52
C GLU A 410 3.91 26.72 35.30
N SER A 411 2.62 26.31 35.37
CA SER A 411 1.85 25.76 34.22
C SER A 411 0.97 26.77 33.48
N ALA A 412 0.38 26.30 32.38
CA ALA A 412 -0.56 27.06 31.59
C ALA A 412 -1.80 27.49 32.43
N SER A 413 -2.34 28.67 32.12
CA SER A 413 -3.63 29.20 32.71
C SER A 413 -3.64 29.28 34.22
N ASN A 414 -2.45 29.40 34.80
CA ASN A 414 -2.31 29.48 36.25
C ASN A 414 -1.04 30.24 36.65
N SER A 415 -1.21 31.52 37.02
CA SER A 415 -0.10 32.40 37.32
C SER A 415 0.65 32.10 38.64
N THR A 416 0.21 31.11 39.38
CA THR A 416 0.87 30.74 40.63
C THR A 416 1.97 29.75 40.34
N SER A 417 3.18 30.02 40.83
CA SER A 417 4.26 29.08 40.67
C SER A 417 4.25 27.97 41.73
N ASN A 418 4.96 26.87 41.52
CA ASN A 418 5.00 25.80 42.52
C ASN A 418 6.43 25.37 42.75
N TYR A 419 7.00 25.67 43.92
CA TYR A 419 8.44 25.34 44.15
C TYR A 419 8.59 24.20 45.14
N ASP A 420 7.50 23.49 45.46
CA ASP A 420 7.56 22.38 46.39
C ASP A 420 7.53 21.10 45.65
N ASP A 421 6.47 20.89 44.86
CA ASP A 421 6.17 19.58 44.29
C ASP A 421 5.52 19.56 42.87
N PRO A 422 5.93 20.46 41.93
CA PRO A 422 5.40 20.31 40.58
C PRO A 422 5.87 19.01 39.91
N ILE A 423 5.09 18.55 38.95
CA ILE A 423 5.47 17.40 38.10
C ILE A 423 6.70 17.78 37.31
N TRP A 424 7.53 16.80 37.03
CA TRP A 424 8.61 16.98 36.10
C TRP A 424 8.16 16.30 34.78
N ARG A 425 8.53 16.88 33.63
CA ARG A 425 8.15 16.27 32.34
C ARG A 425 9.12 16.72 31.26
N ASP A 426 8.90 16.36 30.01
CA ASP A 426 9.86 16.93 29.01
C ASP A 426 9.27 17.76 27.97
N VAL A 427 7.93 17.75 27.88
CA VAL A 427 7.25 18.60 26.89
C VAL A 427 6.08 19.28 27.59
N VAL A 428 5.97 20.59 27.47
CA VAL A 428 5.00 21.31 28.26
C VAL A 428 4.31 22.38 27.48
N SER A 429 2.97 22.52 27.63
CA SER A 429 2.27 23.60 26.95
C SER A 429 2.65 24.87 27.66
N ILE A 430 2.97 25.90 26.88
CA ILE A 430 3.27 27.21 27.40
C ILE A 430 2.02 28.11 27.51
N GLY A 431 0.87 27.58 27.08
CA GLY A 431 -0.43 28.14 27.39
C GLY A 431 -0.79 29.28 26.47
N GLY A 432 -1.30 30.38 27.04
CA GLY A 432 -1.87 31.47 26.19
C GLY A 432 -1.35 32.84 26.63
N VAL A 433 -1.70 33.91 25.89
CA VAL A 433 -1.17 35.26 26.15
C VAL A 433 -1.31 35.59 27.67
N GLY A 434 -0.27 36.16 28.29
CA GLY A 434 -0.28 36.37 29.75
C GLY A 434 0.26 35.23 30.58
N ASP A 435 0.36 34.04 30.00
CA ASP A 435 0.94 32.97 30.79
C ASP A 435 2.45 33.13 30.90
N ASN A 436 3.03 32.50 31.91
CA ASN A 436 4.45 32.53 32.10
C ASN A 436 5.02 31.17 32.53
N VAL A 437 4.87 30.18 31.67
CA VAL A 437 5.17 28.79 31.98
C VAL A 437 6.65 28.71 32.21
N THR A 438 7.05 28.13 33.32
CA THR A 438 8.46 28.22 33.64
C THR A 438 8.96 26.87 34.03
N ILE A 439 10.17 26.55 33.59
CA ILE A 439 10.82 25.30 33.88
C ILE A 439 12.16 25.48 34.54
N ARG A 440 12.58 24.48 35.32
CA ARG A 440 13.88 24.43 35.96
C ARG A 440 14.44 23.05 35.81
N PHE A 441 15.74 23.03 35.56
CA PHE A 441 16.50 21.80 35.64
C PHE A 441 17.97 22.09 36.09
N CYS A 442 18.73 21.02 36.36
CA CYS A 442 20.19 21.10 36.63
C CYS A 442 21.06 20.63 35.46
N THR A 443 22.12 21.38 35.12
CA THR A 443 23.00 20.97 34.03
C THR A 443 23.98 19.83 34.39
N ASP A 444 23.52 18.60 34.37
CA ASP A 444 24.45 17.48 34.69
CA ASP A 444 24.22 17.37 34.70
C ASP A 444 24.67 16.56 33.45
N ASN A 445 24.68 17.19 32.27
CA ASN A 445 24.70 16.43 30.98
C ASN A 445 25.31 17.23 29.82
N PRO A 446 26.67 17.20 29.64
CA PRO A 446 27.36 18.02 28.64
C PRO A 446 26.98 17.65 27.20
N GLY A 447 26.72 18.67 26.38
CA GLY A 447 26.31 18.51 25.00
C GLY A 447 25.37 19.61 24.53
N PRO A 448 25.17 19.72 23.19
CA PRO A 448 24.21 20.64 22.62
C PRO A 448 22.79 20.04 22.63
N TRP A 449 21.88 20.71 23.33
CA TRP A 449 20.53 20.18 23.53
C TRP A 449 19.55 21.14 22.93
N PHE A 450 18.73 20.61 22.03
CA PHE A 450 17.72 21.40 21.32
C PHE A 450 16.54 21.76 22.28
N LEU A 451 16.05 22.99 22.16
CA LEU A 451 14.84 23.44 22.84
C LEU A 451 13.94 24.02 21.77
N HIS A 452 12.73 23.44 21.61
CA HIS A 452 11.87 23.93 20.58
C HIS A 452 10.43 23.56 20.82
N CYS A 453 9.57 24.23 20.04
CA CYS A 453 8.17 23.93 20.05
C CYS A 453 8.05 22.60 19.31
N HIS A 454 7.27 21.69 19.89
CA HIS A 454 7.17 20.40 19.20
C HIS A 454 6.02 20.34 18.15
N ILE A 455 5.40 21.48 17.82
CA ILE A 455 4.59 21.52 16.61
C ILE A 455 5.60 21.62 15.47
N ASP A 456 5.64 20.54 14.71
CA ASP A 456 6.74 20.33 13.74
C ASP A 456 6.74 21.43 12.68
N TRP A 457 5.55 21.89 12.28
CA TRP A 457 5.52 22.96 11.30
C TRP A 457 6.14 24.24 11.91
N HIS A 458 6.08 24.38 13.24
CA HIS A 458 6.66 25.60 13.87
C HIS A 458 8.14 25.49 14.03
N LEU A 459 8.60 24.28 14.27
CA LEU A 459 10.03 24.00 14.24
C LEU A 459 10.60 24.25 12.84
N ASP A 460 9.94 23.79 11.79
CA ASP A 460 10.44 24.11 10.47
C ASP A 460 10.36 25.61 10.22
N ALA A 461 9.42 26.32 10.85
CA ALA A 461 9.41 27.79 10.64
C ALA A 461 10.26 28.58 11.66
N GLY A 462 11.08 27.85 12.43
CA GLY A 462 12.20 28.51 13.13
C GLY A 462 12.07 28.57 14.64
N PHE A 463 11.08 27.90 15.26
CA PHE A 463 10.80 28.10 16.72
C PHE A 463 11.72 27.21 17.61
N ALA A 464 13.02 27.54 17.63
CA ALA A 464 13.99 26.67 18.31
C ALA A 464 15.28 27.37 18.64
N ILE A 465 16.03 26.84 19.62
CA ILE A 465 17.39 27.25 19.95
C ILE A 465 18.07 26.05 20.54
N VAL A 466 19.38 26.16 20.68
CA VAL A 466 20.20 25.07 21.14
C VAL A 466 20.82 25.55 22.44
N PHE A 467 20.73 24.74 23.48
CA PHE A 467 21.38 25.03 24.70
C PHE A 467 22.68 24.24 24.62
N ALA A 468 23.82 24.94 24.53
CA ALA A 468 25.11 24.24 24.45
C ALA A 468 25.59 24.10 25.89
N GLU A 469 25.28 22.97 26.47
CA GLU A 469 25.57 22.70 27.88
C GLU A 469 27.00 22.26 28.08
N ASP A 470 27.80 23.10 28.76
CA ASP A 470 29.21 22.77 29.13
C ASP A 470 30.02 22.44 27.90
N ILE A 471 30.12 23.38 27.02
CA ILE A 471 31.00 23.24 25.90
C ILE A 471 32.39 22.61 26.30
N PRO A 472 33.17 23.24 27.24
CA PRO A 472 34.49 22.63 27.56
C PRO A 472 34.51 21.11 27.82
N ASN A 473 33.47 20.53 28.40
CA ASN A 473 33.52 19.10 28.66
C ASN A 473 32.80 18.18 27.62
N THR A 474 32.29 18.78 26.55
CA THR A 474 31.42 18.09 25.56
C THR A 474 32.19 16.97 24.79
N ALA A 475 33.36 17.27 24.22
CA ALA A 475 34.16 16.25 23.51
C ALA A 475 34.54 15.09 24.38
N SER A 476 34.97 15.42 25.59
CA SER A 476 35.48 14.43 26.51
C SER A 476 34.33 13.59 27.08
N ALA A 477 33.21 14.26 27.33
CA ALA A 477 32.01 13.56 27.75
C ALA A 477 31.38 12.66 26.65
N ASN A 478 31.51 13.03 25.39
CA ASN A 478 30.79 12.34 24.26
C ASN A 478 31.72 11.75 23.16
N PRO A 479 32.59 10.76 23.50
CA PRO A 479 33.41 10.23 22.40
C PRO A 479 32.51 9.64 21.32
N VAL A 480 32.78 10.00 20.09
CA VAL A 480 31.95 9.58 18.96
C VAL A 480 32.55 8.34 18.22
N PRO A 481 31.70 7.41 17.70
CA PRO A 481 32.20 6.25 16.93
C PRO A 481 32.53 6.77 15.51
N GLU A 482 33.36 6.07 14.71
CA GLU A 482 33.78 6.67 13.42
C GLU A 482 32.64 6.81 12.41
N ALA A 483 31.70 5.87 12.48
CA ALA A 483 30.43 5.90 11.70
C ALA A 483 29.78 7.26 11.88
N TRP A 484 29.78 7.77 13.13
CA TRP A 484 29.28 9.16 13.34
C TRP A 484 30.11 10.15 12.58
N SER A 485 31.43 9.98 12.68
CA SER A 485 32.32 10.93 12.00
C SER A 485 32.16 10.81 10.48
N ASN A 486 31.80 9.61 9.98
CA ASN A 486 31.59 9.40 8.56
C ASN A 486 30.32 10.04 8.04
N LEU A 487 29.39 10.37 8.93
CA LEU A 487 28.10 10.95 8.52
C LEU A 487 28.18 12.18 7.64
N CYS A 488 28.90 13.24 8.04
CA CYS A 488 28.87 14.52 7.31
C CYS A 488 29.58 14.56 5.95
N PRO A 489 30.73 13.86 5.82
CA PRO A 489 31.34 13.91 4.45
C PRO A 489 30.49 13.21 3.40
N SER A 490 29.95 12.05 3.76
CA SER A 490 28.85 11.39 2.97
C SER A 490 27.68 12.26 2.63
N TYR A 491 27.20 13.00 3.62
CA TYR A 491 26.06 13.85 3.37
C TYR A 491 26.46 14.97 2.43
N ASP A 492 27.59 15.64 2.70
CA ASP A 492 27.92 16.81 1.86
C ASP A 492 28.35 16.42 0.45
N SER A 493 28.98 15.25 0.35
CA SER A 493 29.37 14.71 -0.96
C SER A 493 28.14 14.37 -1.77
N ALA A 494 27.18 13.60 -1.22
CA ALA A 494 25.88 13.34 -1.91
C ALA A 494 25.08 14.61 -2.25
N HIS A 495 25.17 15.63 -1.41
CA HIS A 495 24.45 16.88 -1.68
C HIS A 495 25.32 17.99 -2.34
N VAL B 1 -6.64 17.03 -2.64
CA VAL B 1 -5.48 17.94 -2.59
C VAL B 1 -5.24 18.67 -3.96
N GLN B 2 -4.91 19.96 -3.91
CA GLN B 2 -4.55 20.74 -5.10
C GLN B 2 -3.12 21.29 -5.08
N ILE B 3 -2.53 21.33 -6.27
CA ILE B 3 -1.25 21.92 -6.62
C ILE B 3 -1.62 22.35 -8.05
N GLY B 4 -0.94 23.22 -8.79
CA GLY B 4 0.15 24.10 -8.47
C GLY B 4 -0.37 25.53 -8.55
N PRO B 5 -0.27 26.29 -9.66
CA PRO B 5 0.24 26.03 -11.01
C PRO B 5 1.72 25.73 -11.05
N VAL B 6 2.48 26.16 -10.03
CA VAL B 6 3.90 25.86 -10.01
C VAL B 6 4.11 24.73 -9.01
N THR B 7 4.61 23.59 -9.48
CA THR B 7 4.64 22.45 -8.60
C THR B 7 5.54 21.34 -9.09
N ASP B 8 6.02 20.54 -8.15
CA ASP B 8 6.72 19.33 -8.51
C ASP B 8 5.62 18.23 -8.63
N LEU B 9 5.87 17.23 -9.46
CA LEU B 9 4.97 16.09 -9.56
C LEU B 9 5.84 14.83 -9.75
N HIS B 10 5.95 14.01 -8.72
CA HIS B 10 6.86 12.84 -8.72
C HIS B 10 6.06 11.67 -9.20
N ILE B 11 6.67 10.85 -10.05
CA ILE B 11 5.94 9.76 -10.64
C ILE B 11 6.55 8.55 -10.07
N VAL B 12 5.74 7.82 -9.30
CA VAL B 12 6.23 6.71 -8.50
C VAL B 12 5.44 5.41 -8.64
N ASN B 13 6.02 4.29 -8.28
CA ASN B 13 5.24 3.07 -8.23
C ASN B 13 4.77 2.85 -6.78
N ALA B 14 3.63 2.20 -6.60
CA ALA B 14 3.08 1.92 -5.32
C ALA B 14 2.06 0.82 -5.53
N ASP B 15 1.83 -0.04 -4.54
CA ASP B 15 0.70 -0.96 -4.60
C ASP B 15 -0.50 -0.30 -3.93
N ILE B 16 -1.67 -0.42 -4.53
CA ILE B 16 -2.88 0.21 -4.00
C ILE B 16 -4.00 -0.80 -4.06
N VAL B 17 -5.03 -0.65 -3.25
CA VAL B 17 -6.12 -1.60 -3.28
C VAL B 17 -7.39 -0.80 -3.22
N PRO B 18 -7.74 -0.17 -4.34
CA PRO B 18 -8.89 0.74 -4.27
C PRO B 18 -10.23 0.03 -4.19
N ASP B 19 -10.27 -1.27 -4.56
CA ASP B 19 -11.45 -2.14 -4.44
C ASP B 19 -11.13 -3.36 -3.54
N GLY B 20 -10.11 -3.21 -2.71
CA GLY B 20 -9.80 -4.31 -1.80
C GLY B 20 -8.76 -5.29 -2.32
N PHE B 21 -8.40 -5.19 -3.61
CA PHE B 21 -7.45 -6.12 -4.22
C PHE B 21 -6.13 -5.34 -4.37
N VAL B 22 -5.06 -5.68 -3.63
CA VAL B 22 -3.77 -4.99 -3.84
C VAL B 22 -3.12 -5.31 -5.22
N ARG B 23 -2.61 -4.31 -5.93
CA ARG B 23 -1.84 -4.55 -7.17
C ARG B 23 -0.93 -3.35 -7.39
N PRO B 24 0.13 -3.48 -8.20
CA PRO B 24 1.05 -2.34 -8.55
C PRO B 24 0.35 -1.21 -9.32
N ALA B 25 0.84 0.02 -9.20
CA ALA B 25 0.33 1.14 -9.93
C ALA B 25 1.47 2.03 -10.31
N VAL B 26 1.19 2.89 -11.25
CA VAL B 26 2.01 4.05 -11.57
C VAL B 26 1.21 5.27 -11.15
N ASN B 27 1.72 6.02 -10.15
CA ASN B 27 0.93 7.11 -9.55
C ASN B 27 1.60 8.45 -9.82
N ALA B 28 0.83 9.48 -10.12
CA ALA B 28 1.36 10.85 -10.12
C ALA B 28 1.09 11.47 -8.74
N GLY B 29 2.11 12.12 -8.19
CA GLY B 29 1.95 12.88 -6.98
C GLY B 29 1.54 12.01 -5.79
N GLY B 30 1.74 10.70 -5.90
CA GLY B 30 1.52 9.76 -4.81
C GLY B 30 0.17 9.07 -4.54
N THR B 31 -0.84 9.43 -5.30
CA THR B 31 -2.20 9.19 -4.93
C THR B 31 -2.98 8.62 -6.12
N PHE B 32 -4.12 7.96 -5.92
CA PHE B 32 -4.97 7.57 -7.07
C PHE B 32 -6.39 8.00 -6.75
N PRO B 33 -6.95 8.87 -7.62
CA PRO B 33 -6.28 9.57 -8.77
C PRO B 33 -5.16 10.54 -8.31
N GLY B 34 -4.32 11.03 -9.24
CA GLY B 34 -3.25 11.94 -8.79
C GLY B 34 -3.90 13.20 -8.22
N PRO B 35 -3.10 14.08 -7.58
CA PRO B 35 -3.58 15.30 -7.00
C PRO B 35 -4.17 16.19 -8.11
N VAL B 36 -5.06 17.10 -7.77
CA VAL B 36 -5.67 17.97 -8.80
C VAL B 36 -4.66 19.05 -9.08
N ILE B 37 -4.25 19.24 -10.32
CA ILE B 37 -3.37 20.39 -10.66
C ILE B 37 -4.25 21.57 -11.01
N ALA B 38 -4.05 22.71 -10.39
CA ALA B 38 -4.97 23.82 -10.62
C ALA B 38 -4.23 25.18 -10.74
N GLY B 39 -4.93 26.17 -11.30
CA GLY B 39 -4.36 27.51 -11.54
C GLY B 39 -5.54 28.37 -11.97
N ASN B 40 -5.28 29.63 -12.34
CA ASN B 40 -6.35 30.49 -12.88
C ASN B 40 -6.13 30.70 -14.39
N VAL B 41 -7.17 31.10 -15.11
CA VAL B 41 -7.06 31.33 -16.56
C VAL B 41 -5.85 32.25 -16.76
N GLY B 42 -5.03 31.95 -17.76
CA GLY B 42 -3.97 32.87 -18.14
C GLY B 42 -2.69 32.50 -17.43
N ASP B 43 -2.79 31.74 -16.33
CA ASP B 43 -1.60 31.39 -15.58
C ASP B 43 -0.57 30.63 -16.38
N ASN B 44 0.66 30.70 -15.89
CA ASN B 44 1.81 29.91 -16.36
C ASN B 44 1.95 28.73 -15.40
N PHE B 45 1.72 27.55 -15.95
CA PHE B 45 1.89 26.30 -15.26
C PHE B 45 3.31 25.89 -15.43
N GLN B 46 3.96 25.53 -14.32
CA GLN B 46 5.32 25.03 -14.40
C GLN B 46 5.38 23.78 -13.53
N ILE B 47 5.29 22.66 -14.21
CA ILE B 47 5.07 21.38 -13.55
C ILE B 47 6.25 20.55 -13.85
N VAL B 48 7.11 20.43 -12.85
CA VAL B 48 8.35 19.65 -12.99
C VAL B 48 8.07 18.23 -12.63
N THR B 49 8.07 17.38 -13.66
CA THR B 49 7.77 15.97 -13.54
C THR B 49 9.03 15.20 -13.21
N PHE B 50 9.07 14.53 -12.05
CA PHE B 50 10.22 13.74 -11.63
C PHE B 50 9.88 12.26 -11.92
N ASN B 51 10.56 11.61 -12.85
CA ASN B 51 10.28 10.21 -13.08
C ASN B 51 11.05 9.39 -12.09
N GLN B 52 10.37 8.68 -11.17
CA GLN B 52 11.07 7.79 -10.19
C GLN B 52 10.65 6.35 -10.34
N LEU B 53 10.19 5.98 -11.52
CA LEU B 53 9.57 4.67 -11.62
C LEU B 53 10.63 3.59 -11.62
N ILE B 54 10.36 2.48 -10.95
CA ILE B 54 11.20 1.31 -10.99
C ILE B 54 10.60 0.01 -11.53
N GLU B 55 9.30 -0.12 -11.47
CA GLU B 55 8.67 -1.40 -11.84
C GLU B 55 8.46 -1.56 -13.36
N CYS B 56 9.31 -2.38 -13.95
CA CYS B 56 9.32 -2.61 -15.40
C CYS B 56 7.98 -3.11 -15.90
N SER B 57 7.27 -3.84 -15.05
CA SER B 57 5.96 -4.38 -15.43
C SER B 57 5.02 -3.32 -15.98
N MET B 58 5.31 -2.05 -15.71
CA MET B 58 4.39 -1.02 -16.16
C MET B 58 5.07 0.09 -16.95
N LEU B 59 6.36 -0.15 -17.29
CA LEU B 59 7.24 0.75 -18.00
C LEU B 59 7.84 1.72 -17.01
N VAL B 60 9.14 2.03 -17.15
CA VAL B 60 9.79 2.99 -16.28
C VAL B 60 9.97 4.34 -16.96
N ASP B 61 9.62 4.42 -18.25
CA ASP B 61 9.59 5.75 -18.91
C ASP B 61 8.21 6.34 -18.70
N THR B 62 8.06 7.62 -18.97
CA THR B 62 6.75 8.24 -18.93
C THR B 62 6.70 9.54 -19.74
N SER B 63 5.50 10.03 -19.97
CA SER B 63 5.26 11.25 -20.69
C SER B 63 3.82 11.62 -20.34
N ILE B 64 3.56 12.88 -20.03
CA ILE B 64 2.27 13.28 -19.51
C ILE B 64 1.61 14.29 -20.43
N HIS B 65 0.35 14.04 -20.78
CA HIS B 65 -0.47 14.98 -21.52
C HIS B 65 -1.39 15.77 -20.60
N TRP B 66 -1.64 17.06 -20.90
CA TRP B 66 -2.53 17.94 -20.15
C TRP B 66 -3.75 18.10 -20.99
N HIS B 67 -4.72 17.23 -20.72
CA HIS B 67 -5.80 17.01 -21.70
C HIS B 67 -6.73 18.16 -21.77
N GLY B 68 -6.82 18.71 -22.99
CA GLY B 68 -7.66 19.84 -23.31
C GLY B 68 -7.02 21.22 -23.41
N GLU B 69 -5.75 21.34 -23.02
CA GLU B 69 -4.97 22.62 -23.01
C GLU B 69 -4.52 22.75 -24.45
N PHE B 70 -4.67 23.95 -25.04
CA PHE B 70 -4.38 24.14 -26.46
C PHE B 70 -2.93 24.02 -26.74
N GLN B 71 -2.11 24.30 -25.73
CA GLN B 71 -0.65 24.39 -25.84
C GLN B 71 -0.14 25.31 -27.00
N LYS B 72 -0.80 26.42 -27.28
CA LYS B 72 -0.41 27.27 -28.40
C LYS B 72 0.99 27.82 -28.11
N GLY B 73 1.93 27.59 -29.03
CA GLY B 73 3.30 28.00 -28.82
C GLY B 73 4.17 27.04 -27.99
N THR B 74 3.53 26.10 -27.24
CA THR B 74 4.29 25.14 -26.43
C THR B 74 3.97 23.71 -26.76
N ASN B 75 3.86 23.40 -28.07
CA ASN B 75 3.55 22.04 -28.57
C ASN B 75 4.43 20.95 -27.96
N TRP B 76 5.68 21.30 -27.72
CA TRP B 76 6.68 20.39 -27.15
C TRP B 76 6.26 19.93 -25.72
N ALA B 77 5.30 20.64 -25.13
CA ALA B 77 4.86 20.34 -23.77
C ALA B 77 3.59 19.52 -23.73
N ASP B 78 3.08 19.14 -24.90
CA ASP B 78 1.75 18.53 -24.98
C ASP B 78 1.67 17.11 -24.43
N GLY B 79 2.72 16.33 -24.60
CA GLY B 79 2.81 15.07 -23.93
C GLY B 79 2.73 13.77 -24.70
N PRO B 80 2.02 13.72 -25.85
CA PRO B 80 1.91 12.37 -26.43
C PRO B 80 3.25 11.90 -26.91
N ALA B 81 3.66 10.76 -26.35
CA ALA B 81 4.88 10.08 -26.68
C ALA B 81 5.05 9.74 -28.18
N PHE B 82 6.17 10.22 -28.76
CA PHE B 82 6.56 10.04 -30.15
C PHE B 82 5.80 10.91 -31.14
N ILE B 83 4.97 11.82 -30.64
CA ILE B 83 4.39 12.84 -31.42
C ILE B 83 5.07 14.16 -31.02
N THR B 84 4.97 14.56 -29.76
CA THR B 84 5.58 15.83 -29.36
C THR B 84 6.85 15.70 -28.53
N GLN B 85 7.18 14.51 -28.09
CA GLN B 85 8.42 14.31 -27.31
C GLN B 85 8.81 12.85 -27.30
N CYS B 86 10.03 12.58 -26.85
CA CYS B 86 10.42 11.24 -26.42
C CYS B 86 10.11 11.14 -24.92
N PRO B 87 9.84 9.92 -24.43
CA PRO B 87 9.51 9.78 -22.99
C PRO B 87 10.59 10.29 -22.06
N ILE B 88 10.18 10.62 -20.83
CA ILE B 88 11.14 10.90 -19.77
C ILE B 88 11.63 9.59 -19.23
N ILE B 89 12.93 9.36 -19.14
CA ILE B 89 13.40 8.07 -18.58
C ILE B 89 13.54 8.19 -17.06
N VAL B 90 13.65 7.06 -16.37
CA VAL B 90 13.63 7.07 -14.89
C VAL B 90 14.91 7.71 -14.29
N GLY B 91 14.79 8.39 -13.14
CA GLY B 91 15.92 9.16 -12.61
C GLY B 91 16.00 10.55 -13.20
N ASN B 92 15.25 10.85 -14.27
CA ASN B 92 15.18 12.20 -14.86
C ASN B 92 13.90 12.95 -14.55
N SER B 93 13.97 14.27 -14.65
CA SER B 93 12.82 15.16 -14.54
C SER B 93 12.67 15.91 -15.85
N PHE B 94 11.56 16.61 -16.02
CA PHE B 94 11.33 17.45 -17.17
C PHE B 94 10.32 18.49 -16.76
N SER B 95 10.58 19.76 -17.10
CA SER B 95 9.69 20.83 -16.73
C SER B 95 8.75 21.06 -17.88
N TYR B 96 7.45 20.90 -17.63
CA TYR B 96 6.43 21.26 -18.63
C TYR B 96 5.96 22.66 -18.22
N ASN B 97 6.38 23.71 -18.96
CA ASN B 97 6.02 25.08 -18.58
C ASN B 97 5.24 25.57 -19.72
N PHE B 98 4.00 25.96 -19.45
CA PHE B 98 3.07 26.40 -20.48
C PHE B 98 2.07 27.34 -19.87
N ASN B 99 1.32 28.00 -20.73
CA ASN B 99 0.33 28.99 -20.34
C ASN B 99 -1.06 28.58 -20.75
N VAL B 100 -2.09 29.11 -20.06
CA VAL B 100 -3.45 28.72 -20.41
C VAL B 100 -4.35 29.89 -20.80
N PRO B 101 -4.00 30.58 -21.91
CA PRO B 101 -4.81 31.75 -22.24
C PRO B 101 -6.11 31.37 -22.91
N GLY B 102 -7.18 32.06 -22.54
CA GLY B 102 -8.47 31.86 -23.18
C GLY B 102 -9.14 30.57 -22.74
N MET B 103 -8.60 29.90 -21.74
CA MET B 103 -9.20 28.63 -21.30
C MET B 103 -9.41 28.50 -19.79
N ALA B 104 -10.66 28.23 -19.39
CA ALA B 104 -10.98 27.97 -18.02
C ALA B 104 -11.92 26.82 -18.04
N GLY B 105 -11.74 25.91 -17.10
CA GLY B 105 -12.76 24.88 -16.93
C GLY B 105 -12.07 23.66 -16.36
N THR B 106 -12.63 22.50 -16.65
CA THR B 106 -12.26 21.22 -16.09
C THR B 106 -11.57 20.34 -17.08
N TYR B 107 -10.38 19.90 -16.71
CA TYR B 107 -9.47 19.17 -17.55
C TYR B 107 -8.95 17.99 -16.76
N TRP B 108 -7.93 17.34 -17.27
CA TRP B 108 -7.24 16.30 -16.54
C TRP B 108 -5.93 16.08 -17.24
N TYR B 109 -5.10 15.30 -16.57
CA TYR B 109 -3.80 14.90 -17.06
C TYR B 109 -3.63 13.42 -16.88
N HIS B 110 -2.81 12.85 -17.78
CA HIS B 110 -2.62 11.44 -17.84
C HIS B 110 -1.35 11.09 -18.55
N SER B 111 -0.81 9.93 -18.23
CA SER B 111 0.26 9.39 -19.02
C SER B 111 -0.18 9.26 -20.47
N HIS B 112 0.71 9.58 -21.41
CA HIS B 112 0.40 9.46 -22.83
C HIS B 112 1.48 8.62 -23.50
N LEU B 113 1.96 7.62 -22.77
CA LEU B 113 2.92 6.59 -23.20
C LEU B 113 2.21 5.26 -23.09
N THR B 114 2.05 4.57 -24.21
CA THR B 114 1.42 3.26 -24.30
C THR B 114 0.10 3.19 -23.52
N THR B 115 -0.13 2.16 -22.70
CA THR B 115 -1.35 2.14 -21.96
C THR B 115 -1.13 2.47 -20.51
N GLN B 116 -0.09 3.26 -20.21
CA GLN B 116 0.36 3.43 -18.81
C GLN B 116 -0.68 4.18 -17.94
N TYR B 117 -1.52 5.03 -18.54
CA TYR B 117 -2.48 5.71 -17.70
C TYR B 117 -3.47 4.75 -17.03
N CYS B 118 -3.75 3.64 -17.69
CA CYS B 118 -4.59 2.58 -17.19
C CYS B 118 -3.99 2.08 -15.86
N ASP B 119 -2.65 2.02 -15.80
CA ASP B 119 -1.95 1.60 -14.59
C ASP B 119 -1.94 2.60 -13.41
N GLY B 120 -2.52 3.82 -13.60
CA GLY B 120 -2.77 4.70 -12.46
C GLY B 120 -2.41 6.16 -12.61
N LEU B 121 -1.64 6.50 -13.67
CA LEU B 121 -1.19 7.87 -13.90
C LEU B 121 -2.24 8.71 -14.57
N ARG B 122 -3.14 9.24 -13.73
CA ARG B 122 -4.27 10.04 -14.20
C ARG B 122 -4.76 10.86 -13.02
N GLY B 123 -5.04 12.16 -13.24
CA GLY B 123 -5.68 13.01 -12.24
C GLY B 123 -6.38 14.20 -12.85
N PRO B 124 -7.13 14.93 -12.03
CA PRO B 124 -7.83 16.08 -12.52
C PRO B 124 -6.96 17.33 -12.66
N PHE B 125 -7.42 18.28 -13.51
CA PHE B 125 -6.66 19.46 -13.78
C PHE B 125 -7.67 20.57 -13.90
N VAL B 126 -7.64 21.56 -12.99
CA VAL B 126 -8.70 22.52 -13.01
C VAL B 126 -8.13 23.91 -13.29
N VAL B 127 -8.66 24.60 -14.29
CA VAL B 127 -8.37 26.02 -14.45
C VAL B 127 -9.57 26.86 -14.03
N TYR B 128 -9.39 27.58 -12.95
CA TYR B 128 -10.47 28.37 -12.35
C TYR B 128 -10.60 29.73 -13.06
N ASP B 129 -11.77 30.36 -12.94
CA ASP B 129 -12.04 31.69 -13.55
C ASP B 129 -12.52 32.71 -12.47
N PRO B 130 -11.67 33.71 -12.14
CA PRO B 130 -12.04 34.66 -11.07
C PRO B 130 -13.32 35.40 -11.44
N ASN B 131 -13.60 35.44 -12.73
CA ASN B 131 -14.76 36.10 -13.26
C ASN B 131 -15.68 35.12 -14.01
N ASP B 132 -15.73 33.90 -13.49
CA ASP B 132 -16.43 32.86 -14.16
C ASP B 132 -17.85 33.32 -14.44
N PRO B 133 -18.29 33.36 -15.71
CA PRO B 133 -19.67 33.75 -16.00
C PRO B 133 -20.72 32.85 -15.35
N ASP B 134 -20.34 31.68 -14.86
CA ASP B 134 -21.31 30.90 -14.09
C ASP B 134 -21.18 30.98 -12.56
N ALA B 135 -20.28 31.80 -12.02
CA ALA B 135 -20.03 31.76 -10.56
C ALA B 135 -21.22 31.98 -9.60
N ASN B 136 -22.28 32.63 -10.09
CA ASN B 136 -23.50 32.93 -9.35
C ASN B 136 -24.40 31.74 -9.16
N LEU B 137 -24.22 30.77 -10.04
CA LEU B 137 -25.00 29.57 -10.04
C LEU B 137 -24.68 28.61 -8.92
N TYR B 138 -23.61 28.82 -8.15
CA TYR B 138 -23.34 27.90 -6.98
C TYR B 138 -22.58 28.60 -5.86
N ASP B 139 -22.56 27.95 -4.68
CA ASP B 139 -21.86 28.40 -3.49
C ASP B 139 -20.45 27.78 -3.32
N VAL B 140 -20.29 26.49 -3.62
CA VAL B 140 -19.04 25.77 -3.31
C VAL B 140 -18.50 25.24 -4.61
N ASP B 141 -17.27 25.64 -4.94
CA ASP B 141 -16.54 25.05 -6.02
C ASP B 141 -15.12 24.81 -5.58
N ASP B 142 -14.83 23.58 -5.11
CA ASP B 142 -13.50 23.35 -4.64
C ASP B 142 -13.02 21.90 -4.85
N ASP B 143 -11.95 21.51 -4.17
CA ASP B 143 -11.48 20.14 -4.30
C ASP B 143 -12.50 19.08 -3.87
N THR B 144 -13.44 19.42 -2.97
CA THR B 144 -14.39 18.45 -2.49
C THR B 144 -15.55 18.29 -3.50
N THR B 145 -15.53 19.04 -4.61
CA THR B 145 -16.62 18.97 -5.61
C THR B 145 -16.16 18.33 -6.92
N ILE B 146 -14.97 17.80 -6.90
CA ILE B 146 -14.47 17.10 -8.07
C ILE B 146 -14.90 15.66 -7.95
N ILE B 147 -15.52 15.09 -8.99
CA ILE B 147 -15.88 13.67 -8.96
C ILE B 147 -15.15 13.03 -10.12
N THR B 148 -14.21 12.13 -9.85
CA THR B 148 -13.65 11.32 -10.94
C THR B 148 -14.28 9.94 -11.08
N LEU B 149 -14.40 9.49 -12.34
CA LEU B 149 -14.92 8.16 -12.61
C LEU B 149 -13.79 7.42 -13.25
N ALA B 150 -13.42 6.25 -12.70
CA ALA B 150 -12.28 5.50 -13.28
C ALA B 150 -12.55 4.04 -13.43
N ASP B 151 -12.11 3.42 -14.53
CA ASP B 151 -12.24 1.96 -14.63
C ASP B 151 -10.98 1.40 -14.01
N TRP B 152 -11.08 0.27 -13.28
CA TRP B 152 -9.90 -0.27 -12.63
C TRP B 152 -9.77 -1.75 -13.00
N TYR B 153 -8.55 -2.21 -13.18
CA TYR B 153 -8.26 -3.58 -13.77
C TYR B 153 -7.38 -4.32 -12.79
N HIS B 154 -7.64 -5.59 -12.61
CA HIS B 154 -6.78 -6.44 -11.75
C HIS B 154 -5.60 -7.00 -12.56
N VAL B 155 -5.70 -6.96 -13.89
CA VAL B 155 -4.59 -7.24 -14.79
C VAL B 155 -3.75 -6.00 -15.16
N LEU B 156 -2.43 -6.14 -15.17
CA LEU B 156 -1.58 -4.99 -15.47
C LEU B 156 -1.75 -4.62 -16.94
N ALA B 157 -1.74 -3.31 -17.25
CA ALA B 157 -2.02 -2.82 -18.65
C ALA B 157 -1.20 -3.60 -19.68
N LYS B 158 0.10 -3.76 -19.43
CA LYS B 158 1.05 -4.38 -20.41
C LYS B 158 0.76 -5.87 -20.65
N GLU B 159 -0.05 -6.49 -19.81
CA GLU B 159 -0.36 -7.91 -19.98
C GLU B 159 -1.72 -8.14 -20.65
N MET B 160 -2.46 -7.08 -20.88
CA MET B 160 -3.72 -7.21 -21.60
C MET B 160 -3.29 -7.51 -23.03
N GLY B 161 -4.17 -7.95 -23.93
CA GLY B 161 -5.61 -8.04 -23.82
C GLY B 161 -6.15 -8.76 -25.05
N ALA B 162 -6.12 -8.16 -26.26
CA ALA B 162 -5.63 -6.80 -26.55
C ALA B 162 -5.12 -6.61 -28.01
N GLY B 163 -6.04 -6.40 -28.95
CA GLY B 163 -7.44 -6.42 -28.59
C GLY B 163 -8.25 -7.16 -29.63
N GLY B 164 -9.04 -8.13 -29.19
CA GLY B 164 -9.08 -8.53 -27.80
C GLY B 164 -9.94 -7.54 -27.05
N ALA B 165 -11.17 -7.92 -26.81
CA ALA B 165 -12.03 -7.15 -25.88
C ALA B 165 -11.39 -7.21 -24.49
N ILE B 166 -11.26 -6.05 -23.88
CA ILE B 166 -10.59 -5.93 -22.59
C ILE B 166 -11.66 -5.34 -21.63
N THR B 167 -11.91 -5.94 -20.47
CA THR B 167 -12.99 -5.42 -19.59
C THR B 167 -12.46 -5.20 -18.17
N ALA B 168 -12.98 -4.17 -17.49
CA ALA B 168 -12.44 -3.73 -16.22
C ALA B 168 -13.00 -4.62 -15.11
N ASP B 169 -12.40 -4.49 -13.91
CA ASP B 169 -12.80 -5.29 -12.76
C ASP B 169 -13.51 -4.50 -11.63
N SER B 170 -13.45 -3.19 -11.74
CA SER B 170 -14.25 -2.35 -10.93
C SER B 170 -14.37 -0.92 -11.47
N THR B 171 -15.41 -0.24 -11.03
CA THR B 171 -15.56 1.19 -11.20
C THR B 171 -15.17 1.95 -9.91
N LEU B 172 -14.29 2.96 -10.03
CA LEU B 172 -13.81 3.74 -8.87
C LEU B 172 -14.37 5.16 -9.07
N ILE B 173 -15.08 5.63 -8.06
CA ILE B 173 -15.52 6.98 -8.03
C ILE B 173 -14.70 7.66 -6.92
N ASP B 174 -14.03 8.74 -7.27
CA ASP B 174 -13.10 9.40 -6.34
C ASP B 174 -12.16 8.36 -5.73
N GLY B 175 -11.76 7.36 -6.54
CA GLY B 175 -10.64 6.45 -6.20
C GLY B 175 -11.06 5.26 -5.37
N LEU B 176 -12.35 5.13 -5.07
CA LEU B 176 -12.86 3.96 -4.31
C LEU B 176 -14.04 3.27 -5.01
N GLY B 177 -14.10 1.95 -4.97
CA GLY B 177 -15.27 1.27 -5.59
C GLY B 177 -15.10 -0.21 -5.32
N ARG B 178 -16.15 -0.96 -5.57
CA ARG B 178 -16.13 -2.38 -5.27
C ARG B 178 -16.01 -3.21 -6.55
N THR B 179 -15.38 -4.38 -6.41
CA THR B 179 -14.98 -5.26 -7.49
C THR B 179 -16.24 -5.91 -8.09
N HIS B 180 -16.23 -6.13 -9.39
CA HIS B 180 -17.42 -6.63 -10.11
C HIS B 180 -17.61 -8.11 -9.79
N VAL B 181 -16.51 -8.84 -9.66
CA VAL B 181 -16.71 -10.30 -9.37
C VAL B 181 -16.34 -10.61 -7.92
N ASN B 182 -17.08 -11.50 -7.26
CA ASN B 182 -16.82 -11.81 -5.84
C ASN B 182 -16.59 -10.51 -5.10
N VAL B 183 -17.59 -9.64 -5.19
CA VAL B 183 -17.58 -8.31 -4.60
C VAL B 183 -17.33 -8.36 -3.09
N ALA B 184 -16.23 -7.74 -2.66
CA ALA B 184 -15.93 -7.59 -1.23
C ALA B 184 -16.50 -6.24 -0.69
N ALA B 185 -16.93 -6.19 0.59
CA ALA B 185 -17.58 -4.98 1.11
C ALA B 185 -16.50 -3.94 1.50
N VAL B 186 -15.79 -3.39 0.51
CA VAL B 186 -14.75 -2.39 0.77
C VAL B 186 -15.30 -0.98 0.88
N PRO B 187 -14.54 -0.02 1.42
CA PRO B 187 -15.17 1.31 1.65
C PRO B 187 -15.54 2.07 0.38
N LEU B 188 -16.65 2.79 0.43
CA LEU B 188 -17.09 3.60 -0.75
C LEU B 188 -16.76 5.08 -0.57
N SER B 189 -16.67 5.83 -1.68
CA SER B 189 -16.40 7.23 -1.52
C SER B 189 -17.69 7.92 -1.10
N VAL B 190 -17.53 9.01 -0.31
CA VAL B 190 -18.70 9.79 0.13
C VAL B 190 -18.54 11.23 -0.40
N ILE B 191 -19.62 11.87 -0.83
CA ILE B 191 -19.59 13.27 -1.18
C ILE B 191 -20.61 13.95 -0.20
N THR B 192 -20.19 15.02 0.47
CA THR B 192 -21.03 15.62 1.52
C THR B 192 -21.62 16.96 1.04
N VAL B 193 -22.91 17.19 1.26
CA VAL B 193 -23.46 18.49 0.97
C VAL B 193 -24.25 18.97 2.21
N GLU B 194 -24.58 20.25 2.22
CA GLU B 194 -25.42 20.87 3.26
C GLU B 194 -26.69 21.44 2.66
N VAL B 195 -27.78 21.18 3.35
CA VAL B 195 -29.09 21.65 2.91
C VAL B 195 -29.03 23.11 2.55
N GLY B 196 -29.52 23.43 1.34
CA GLY B 196 -29.70 24.78 0.84
C GLY B 196 -28.51 25.31 0.07
N LYS B 197 -27.42 24.59 0.07
CA LYS B 197 -26.24 25.05 -0.67
C LYS B 197 -26.19 24.48 -2.10
N ARG B 198 -25.51 25.16 -3.00
CA ARG B 198 -25.42 24.71 -4.39
C ARG B 198 -23.94 24.43 -4.70
N TYR B 199 -23.68 23.30 -5.34
CA TYR B 199 -22.30 22.83 -5.59
C TYR B 199 -21.93 22.83 -7.09
N ARG B 200 -20.78 23.36 -7.47
CA ARG B 200 -20.29 23.05 -8.79
C ARG B 200 -19.60 21.67 -8.80
N MET B 201 -20.30 20.63 -9.21
CA MET B 201 -19.67 19.30 -9.26
C MET B 201 -18.93 19.18 -10.57
N ARG B 202 -17.65 18.89 -10.50
CA ARG B 202 -16.81 18.79 -11.69
C ARG B 202 -16.57 17.32 -11.96
N LEU B 203 -17.30 16.78 -12.96
CA LEU B 203 -17.31 15.36 -13.26
C LEU B 203 -16.27 15.09 -14.31
N VAL B 204 -15.31 14.23 -14.01
CA VAL B 204 -14.17 14.05 -14.87
C VAL B 204 -14.11 12.59 -15.18
N SER B 205 -14.26 12.23 -16.44
CA SER B 205 -14.07 10.81 -16.77
C SER B 205 -12.60 10.61 -16.94
N ILE B 206 -11.97 9.83 -16.05
CA ILE B 206 -10.52 9.46 -16.30
C ILE B 206 -10.44 7.99 -16.78
N SER B 207 -11.50 7.54 -17.42
CA SER B 207 -11.61 6.19 -17.98
C SER B 207 -10.63 5.83 -19.11
N CYS B 208 -10.12 4.61 -19.05
CA CYS B 208 -9.35 3.96 -20.12
CA CYS B 208 -9.37 4.05 -20.15
C CYS B 208 -10.24 3.38 -21.20
N ASP B 209 -11.55 3.33 -20.98
CA ASP B 209 -12.37 2.59 -21.93
C ASP B 209 -13.85 2.88 -21.74
N PRO B 210 -14.51 2.39 -20.64
CA PRO B 210 -15.98 2.49 -20.68
C PRO B 210 -16.55 3.90 -20.63
N ASN B 211 -17.79 4.07 -21.08
CA ASN B 211 -18.58 5.29 -20.85
C ASN B 211 -19.45 4.99 -19.66
N TYR B 212 -19.83 6.01 -18.91
CA TYR B 212 -20.60 5.77 -17.70
C TYR B 212 -21.95 6.45 -17.84
N ASP B 213 -22.98 5.78 -17.32
CA ASP B 213 -24.26 6.45 -17.14
C ASP B 213 -24.22 6.88 -15.67
N PHE B 214 -24.06 8.18 -15.43
CA PHE B 214 -23.90 8.77 -14.13
C PHE B 214 -25.18 9.44 -13.70
N SER B 215 -25.64 9.09 -12.48
CA SER B 215 -26.79 9.82 -11.87
C SER B 215 -26.71 9.80 -10.35
N ILE B 216 -27.57 10.60 -9.74
CA ILE B 216 -27.58 10.76 -8.29
CA ILE B 216 -27.58 10.76 -8.28
C ILE B 216 -29.01 10.58 -7.84
N ASP B 217 -29.30 9.50 -7.12
CA ASP B 217 -30.70 9.28 -6.64
C ASP B 217 -31.29 10.56 -5.97
N GLY B 218 -32.54 10.87 -6.30
CA GLY B 218 -33.29 12.04 -5.80
C GLY B 218 -32.90 13.38 -6.31
N HIS B 219 -31.83 13.44 -7.07
CA HIS B 219 -31.27 14.72 -7.46
C HIS B 219 -31.24 14.89 -8.97
N ASP B 220 -31.31 16.14 -9.44
CA ASP B 220 -31.15 16.56 -10.84
C ASP B 220 -29.75 17.16 -10.99
N MET B 221 -29.30 17.37 -12.22
CA MET B 221 -28.02 17.96 -12.40
C MET B 221 -28.09 19.00 -13.47
N THR B 222 -27.60 20.20 -13.20
CA THR B 222 -27.65 21.24 -14.22
C THR B 222 -26.30 21.48 -14.85
N ILE B 223 -26.12 20.95 -16.05
CA ILE B 223 -24.88 21.17 -16.79
C ILE B 223 -24.66 22.61 -17.10
N ILE B 224 -23.48 23.12 -16.76
CA ILE B 224 -22.99 24.49 -17.12
C ILE B 224 -21.61 24.51 -17.77
N GLU B 225 -21.03 23.34 -18.02
CA GLU B 225 -19.72 23.28 -18.67
C GLU B 225 -19.49 21.96 -19.38
N THR B 226 -18.92 21.96 -20.58
CA THR B 226 -18.59 20.71 -21.26
C THR B 226 -17.23 20.77 -21.86
N ASP B 227 -16.37 19.83 -21.42
CA ASP B 227 -14.96 19.74 -21.85
C ASP B 227 -14.25 21.13 -21.90
N GLY B 228 -14.38 21.93 -20.84
CA GLY B 228 -13.75 23.27 -20.82
C GLY B 228 -14.66 24.40 -21.35
N VAL B 229 -15.77 24.04 -22.03
CA VAL B 229 -16.66 25.04 -22.65
C VAL B 229 -17.89 25.35 -21.79
N ASP B 230 -18.08 26.62 -21.37
CA ASP B 230 -19.31 27.01 -20.61
C ASP B 230 -20.48 26.78 -21.54
N SER B 231 -21.54 26.32 -20.95
CA SER B 231 -22.70 25.94 -21.67
C SER B 231 -23.87 26.65 -21.04
N GLN B 232 -24.95 26.76 -21.80
CA GLN B 232 -26.19 27.22 -21.26
C GLN B 232 -26.66 26.17 -20.29
N GLU B 233 -27.49 26.57 -19.32
CA GLU B 233 -27.98 25.62 -18.34
C GLU B 233 -28.84 24.50 -18.90
N LEU B 234 -28.42 23.26 -18.64
CA LEU B 234 -29.23 22.13 -19.12
C LEU B 234 -29.50 21.14 -17.98
N THR B 235 -30.75 20.97 -17.61
CA THR B 235 -31.02 20.13 -16.46
C THR B 235 -31.32 18.70 -16.88
N VAL B 236 -30.62 17.74 -16.26
CA VAL B 236 -30.67 16.29 -16.60
C VAL B 236 -30.81 15.46 -15.36
N ASP B 237 -31.37 14.26 -15.53
CA ASP B 237 -31.33 13.33 -14.41
C ASP B 237 -30.29 12.20 -14.61
N GLU B 238 -29.59 12.25 -15.75
CA GLU B 238 -28.58 11.25 -16.08
C GLU B 238 -27.62 11.79 -17.13
N ILE B 239 -26.34 11.51 -16.93
CA ILE B 239 -25.34 11.92 -17.91
C ILE B 239 -24.61 10.68 -18.37
N GLN B 240 -24.68 10.36 -19.66
CA GLN B 240 -23.80 9.40 -20.26
C GLN B 240 -22.50 10.11 -20.55
N ILE B 241 -21.41 9.71 -19.89
CA ILE B 241 -20.21 10.47 -20.08
C ILE B 241 -19.12 9.55 -20.65
N PHE B 242 -18.47 9.95 -21.75
CA PHE B 242 -17.54 9.09 -22.42
C PHE B 242 -16.13 9.27 -21.95
N ALA B 243 -15.24 8.30 -22.24
CA ALA B 243 -13.88 8.38 -21.77
C ALA B 243 -13.27 9.70 -22.07
N ALA B 244 -12.67 10.33 -21.04
CA ALA B 244 -11.94 11.64 -21.18
C ALA B 244 -12.80 12.90 -21.27
N GLN B 245 -14.11 12.77 -21.29
CA GLN B 245 -14.99 13.95 -21.26
C GLN B 245 -15.10 14.55 -19.87
N ARG B 246 -15.57 15.80 -19.81
CA ARG B 246 -15.82 16.39 -18.52
C ARG B 246 -17.07 17.21 -18.64
N TYR B 247 -17.81 17.24 -17.53
CA TYR B 247 -18.97 18.12 -17.30
C TYR B 247 -18.89 18.76 -15.90
N SER B 248 -19.17 20.08 -15.81
CA SER B 248 -19.61 20.65 -14.55
C SER B 248 -21.11 20.64 -14.54
N PHE B 249 -21.66 20.18 -13.44
CA PHE B 249 -23.06 20.36 -13.18
C PHE B 249 -23.28 20.99 -11.81
N VAL B 250 -24.36 21.77 -11.68
CA VAL B 250 -24.76 22.31 -10.38
C VAL B 250 -25.64 21.30 -9.72
N LEU B 251 -25.30 20.99 -8.46
CA LEU B 251 -26.05 20.08 -7.63
C LEU B 251 -26.73 20.99 -6.61
N ASN B 252 -28.05 20.94 -6.54
CA ASN B 252 -28.72 21.81 -5.58
C ASN B 252 -29.17 20.89 -4.46
N ALA B 253 -28.64 21.11 -3.27
CA ALA B 253 -28.88 20.19 -2.18
C ALA B 253 -30.21 20.53 -1.48
N ASN B 254 -31.32 20.26 -2.18
CA ASN B 254 -32.69 20.65 -1.83
C ASN B 254 -33.56 19.50 -1.41
N GLN B 255 -33.00 18.33 -1.25
CA GLN B 255 -33.78 17.18 -0.89
C GLN B 255 -33.68 17.05 0.63
N PRO B 256 -34.50 16.21 1.22
CA PRO B 256 -34.42 16.06 2.69
C PRO B 256 -33.06 15.46 3.12
N VAL B 257 -32.57 15.86 4.30
CA VAL B 257 -31.32 15.32 4.84
C VAL B 257 -31.34 13.79 4.82
N GLY B 258 -30.43 13.19 4.08
CA GLY B 258 -30.35 11.75 4.13
C GLY B 258 -29.18 11.25 3.29
N ASN B 259 -29.20 9.95 3.00
CA ASN B 259 -28.18 9.28 2.18
C ASN B 259 -28.78 8.92 0.80
N TYR B 260 -28.05 9.22 -0.29
CA TYR B 260 -28.50 9.02 -1.69
C TYR B 260 -27.41 8.32 -2.49
N TRP B 261 -27.72 7.22 -3.20
CA TRP B 261 -26.74 6.60 -4.07
C TRP B 261 -26.34 7.51 -5.19
N ILE B 262 -25.03 7.64 -5.38
CA ILE B 262 -24.45 8.08 -6.67
C ILE B 262 -24.16 6.85 -7.49
N ARG B 263 -24.56 6.93 -8.77
CA ARG B 263 -24.56 5.81 -9.66
C ARG B 263 -23.71 6.10 -10.83
N ALA B 264 -22.88 5.11 -11.21
CA ALA B 264 -22.09 5.23 -12.46
C ALA B 264 -21.95 3.87 -13.11
N ASN B 265 -22.86 3.57 -14.05
CA ASN B 265 -22.93 2.22 -14.67
C ASN B 265 -22.11 2.24 -15.97
N PRO B 266 -21.01 1.48 -16.03
CA PRO B 266 -20.21 1.41 -17.28
C PRO B 266 -20.91 0.60 -18.39
N ASN B 267 -20.56 0.85 -19.65
CA ASN B 267 -21.23 0.10 -20.73
C ASN B 267 -20.67 -1.29 -20.86
N SER B 268 -19.51 -1.58 -20.27
CA SER B 268 -19.10 -2.99 -20.13
C SER B 268 -18.66 -3.25 -18.68
N GLY B 269 -18.33 -4.48 -18.37
CA GLY B 269 -17.91 -4.88 -17.00
C GLY B 269 -19.19 -5.11 -16.18
N GLY B 270 -19.16 -4.94 -14.86
CA GLY B 270 -20.32 -5.27 -14.04
C GLY B 270 -21.55 -4.39 -14.28
N GLU B 271 -22.70 -5.04 -14.35
CA GLU B 271 -23.94 -4.35 -14.63
C GLU B 271 -24.75 -4.27 -13.36
N GLY B 272 -25.34 -3.12 -13.07
CA GLY B 272 -26.19 -3.06 -11.89
C GLY B 272 -25.42 -2.55 -10.66
N PHE B 273 -25.97 -2.72 -9.45
CA PHE B 273 -25.45 -2.02 -8.25
C PHE B 273 -25.40 -2.91 -7.03
N ASP B 274 -25.48 -4.20 -7.32
CA ASP B 274 -25.59 -5.20 -6.30
C ASP B 274 -24.31 -5.14 -5.47
N GLY B 275 -24.46 -5.19 -4.16
CA GLY B 275 -23.36 -5.11 -3.25
C GLY B 275 -22.65 -3.78 -3.22
N GLY B 276 -23.16 -2.77 -3.91
CA GLY B 276 -22.56 -1.48 -3.88
C GLY B 276 -21.53 -1.28 -4.98
N ILE B 277 -21.51 -2.16 -5.98
CA ILE B 277 -20.66 -1.88 -7.14
C ILE B 277 -21.20 -0.67 -7.84
N ASN B 278 -20.34 0.01 -8.64
CA ASN B 278 -20.73 1.14 -9.43
C ASN B 278 -21.37 2.28 -8.66
N SER B 279 -20.96 2.48 -7.43
CA SER B 279 -21.67 3.35 -6.50
C SER B 279 -20.71 4.18 -5.63
N ALA B 280 -21.21 5.37 -5.26
CA ALA B 280 -20.69 6.16 -4.17
C ALA B 280 -21.91 6.69 -3.39
N ILE B 281 -21.66 7.53 -2.39
CA ILE B 281 -22.69 7.99 -1.50
C ILE B 281 -22.69 9.46 -1.43
N LEU B 282 -23.86 10.02 -1.60
CA LEU B 282 -24.07 11.44 -1.38
C LEU B 282 -24.73 11.56 -0.01
N ARG B 283 -24.08 12.20 0.97
CA ARG B 283 -24.65 12.31 2.30
C ARG B 283 -24.84 13.82 2.61
N TYR B 284 -25.99 14.18 3.19
CA TYR B 284 -26.22 15.51 3.71
C TYR B 284 -25.62 15.64 5.13
N ASP B 285 -24.96 16.78 5.44
CA ASP B 285 -24.46 17.05 6.81
C ASP B 285 -25.65 16.85 7.73
N GLY B 286 -25.52 15.95 8.70
CA GLY B 286 -26.64 15.75 9.62
C GLY B 286 -27.41 14.47 9.47
N ALA B 287 -27.31 13.79 8.31
CA ALA B 287 -27.89 12.46 8.10
C ALA B 287 -27.29 11.45 9.00
N THR B 288 -27.98 10.33 9.27
CA THR B 288 -27.43 9.16 9.97
C THR B 288 -26.32 8.59 9.07
N THR B 289 -25.14 8.27 9.61
CA THR B 289 -24.13 7.68 8.76
C THR B 289 -24.46 6.20 8.48
N ALA B 290 -25.08 5.94 7.34
CA ALA B 290 -25.48 4.62 6.96
C ALA B 290 -25.52 4.60 5.44
N ASP B 291 -25.52 3.41 4.85
CA ASP B 291 -25.70 3.34 3.41
C ASP B 291 -27.05 3.87 2.92
N PRO B 292 -27.08 4.48 1.72
CA PRO B 292 -28.38 4.88 1.20
C PRO B 292 -29.27 3.66 1.00
N VAL B 293 -30.56 3.94 0.87
CA VAL B 293 -31.58 2.94 0.55
C VAL B 293 -32.36 3.42 -0.66
N THR B 294 -31.87 4.46 -1.31
CA THR B 294 -32.57 4.98 -2.46
C THR B 294 -32.51 3.99 -3.66
N VAL B 295 -33.38 4.26 -4.62
CA VAL B 295 -33.47 3.41 -5.84
C VAL B 295 -33.43 4.38 -6.96
N ALA B 296 -32.80 4.04 -8.08
CA ALA B 296 -32.90 4.95 -9.22
C ALA B 296 -34.32 4.82 -9.82
N SER B 297 -34.82 5.93 -10.31
CA SER B 297 -35.84 6.04 -11.36
C SER B 297 -35.96 4.81 -12.28
N THR B 298 -37.19 4.35 -12.51
CA THR B 298 -37.37 3.15 -13.27
C THR B 298 -36.99 3.48 -14.70
N VAL B 299 -37.27 4.72 -15.08
CA VAL B 299 -36.95 5.20 -16.40
C VAL B 299 -36.45 6.61 -16.19
N HIS B 300 -35.35 6.97 -16.86
CA HIS B 300 -34.80 8.32 -16.67
C HIS B 300 -35.48 9.25 -17.60
N THR B 301 -35.81 10.37 -17.03
CA THR B 301 -36.76 11.25 -17.63
C THR B 301 -36.18 12.35 -18.51
N LYS B 302 -35.01 12.85 -18.14
CA LYS B 302 -34.38 13.93 -18.86
C LYS B 302 -32.89 13.63 -19.02
N CYS B 303 -32.59 12.48 -19.56
CA CYS B 303 -31.22 12.06 -19.79
C CYS B 303 -30.50 13.03 -20.73
N LEU B 304 -29.24 13.33 -20.47
CA LEU B 304 -28.46 14.19 -21.38
C LEU B 304 -28.46 13.68 -22.85
N ILE B 305 -28.66 14.60 -23.79
CA ILE B 305 -28.54 14.33 -25.22
C ILE B 305 -27.68 15.47 -25.69
N GLU B 306 -26.58 15.15 -26.37
CA GLU B 306 -25.57 16.15 -26.63
C GLU B 306 -26.12 17.29 -27.54
N THR B 307 -27.09 16.95 -28.40
CA THR B 307 -27.73 18.00 -29.18
C THR B 307 -28.50 19.02 -28.31
N ASP B 308 -28.80 18.71 -27.03
CA ASP B 308 -29.51 19.70 -26.20
C ASP B 308 -28.53 20.69 -25.54
N LEU B 309 -27.26 20.41 -25.66
CA LEU B 309 -26.24 21.29 -25.12
C LEU B 309 -25.86 22.40 -26.11
N HIS B 310 -25.65 23.62 -25.56
CA HIS B 310 -25.19 24.76 -26.33
C HIS B 310 -24.24 25.66 -25.54
N PRO B 311 -23.29 26.32 -26.23
CA PRO B 311 -22.34 27.25 -25.60
C PRO B 311 -23.02 28.41 -24.81
N LEU B 312 -22.34 28.90 -23.76
CA LEU B 312 -22.91 30.01 -22.94
C LEU B 312 -22.79 31.32 -23.74
N SER B 313 -21.66 31.50 -24.41
CA SER B 313 -21.38 32.59 -25.32
C SER B 313 -21.89 32.22 -26.70
N ARG B 314 -22.12 33.26 -27.51
CA ARG B 314 -22.49 33.02 -28.91
C ARG B 314 -21.20 32.66 -29.55
N ASN B 315 -20.92 31.34 -29.61
CA ASN B 315 -19.69 30.80 -30.21
C ASN B 315 -19.86 30.61 -31.71
N GLY B 316 -21.11 30.35 -32.12
CA GLY B 316 -21.43 30.03 -33.52
C GLY B 316 -20.73 28.75 -34.01
N VAL B 317 -20.42 28.71 -35.32
CA VAL B 317 -19.72 27.56 -35.92
C VAL B 317 -18.90 28.14 -37.06
N PRO B 318 -17.63 27.75 -37.17
CA PRO B 318 -16.83 28.33 -38.28
C PRO B 318 -17.30 27.88 -39.70
N GLY B 319 -17.24 28.81 -40.68
CA GLY B 319 -17.56 28.50 -42.10
C GLY B 319 -19.00 28.46 -42.63
N ASN B 320 -19.23 27.56 -43.59
CA ASN B 320 -20.46 27.53 -44.42
C ASN B 320 -21.61 26.65 -43.92
N PRO B 321 -22.74 27.25 -43.52
CA PRO B 321 -23.73 26.37 -42.91
C PRO B 321 -24.36 25.34 -43.87
N HIS B 322 -23.56 24.36 -44.29
CA HIS B 322 -24.01 23.16 -45.03
C HIS B 322 -22.88 22.11 -45.08
N GLN B 323 -23.25 20.88 -45.36
CA GLN B 323 -22.29 19.77 -45.47
C GLN B 323 -21.10 20.04 -46.44
N GLY B 324 -19.88 19.76 -46.00
CA GLY B 324 -18.71 20.06 -46.80
C GLY B 324 -18.34 21.54 -46.81
N GLY B 325 -19.18 22.40 -46.22
CA GLY B 325 -18.96 23.84 -46.18
C GLY B 325 -17.76 24.39 -45.42
N ALA B 326 -16.54 24.04 -45.82
CA ALA B 326 -15.30 24.47 -45.14
C ALA B 326 -14.16 24.54 -46.15
N ASP B 327 -13.10 25.27 -45.82
CA ASP B 327 -11.91 25.39 -46.68
C ASP B 327 -11.27 24.06 -47.00
N CYS B 328 -11.48 23.08 -46.13
CA CYS B 328 -10.60 21.92 -46.11
C CYS B 328 -11.23 20.76 -45.35
N ASN B 329 -12.17 20.08 -45.98
CA ASN B 329 -12.92 19.01 -45.32
C ASN B 329 -12.34 17.62 -45.57
N LEU B 330 -12.34 16.83 -44.50
CA LEU B 330 -11.80 15.47 -44.49
C LEU B 330 -12.93 14.56 -44.14
N ASN B 331 -12.79 13.32 -44.60
CA ASN B 331 -13.73 12.28 -44.30
C ASN B 331 -12.86 11.10 -43.90
N LEU B 332 -12.76 10.80 -42.62
CA LEU B 332 -11.83 9.78 -42.21
C LEU B 332 -12.50 8.43 -42.35
N SER B 333 -11.79 7.45 -42.93
CA SER B 333 -12.27 6.08 -42.98
C SER B 333 -11.67 5.38 -41.78
N LEU B 334 -12.53 4.97 -40.85
CA LEU B 334 -12.11 4.41 -39.56
C LEU B 334 -12.44 2.92 -39.61
N GLY B 335 -11.44 2.05 -39.49
CA GLY B 335 -11.67 0.60 -39.62
C GLY B 335 -10.98 -0.19 -38.54
N PHE B 336 -11.38 -1.45 -38.42
CA PHE B 336 -10.77 -2.42 -37.54
C PHE B 336 -10.81 -3.77 -38.24
N ALA B 337 -9.67 -4.41 -38.36
CA ALA B 337 -9.61 -5.82 -38.75
C ALA B 337 -8.29 -6.37 -38.30
N CYS B 338 -8.29 -7.67 -37.97
CA CYS B 338 -7.11 -8.45 -37.61
C CYS B 338 -6.39 -7.91 -36.37
N GLY B 339 -7.13 -7.69 -35.28
CA GLY B 339 -6.59 -7.03 -34.09
C GLY B 339 -6.01 -5.61 -34.21
N ASN B 340 -6.20 -4.91 -35.33
CA ASN B 340 -5.66 -3.54 -35.47
C ASN B 340 -6.70 -2.57 -36.07
N PHE B 341 -6.68 -1.33 -35.54
CA PHE B 341 -7.51 -0.23 -36.02
C PHE B 341 -6.76 0.53 -37.08
N VAL B 342 -7.52 1.09 -38.02
CA VAL B 342 -6.94 1.87 -39.09
C VAL B 342 -7.66 3.20 -39.25
N ILE B 343 -6.91 4.21 -39.68
CA ILE B 343 -7.47 5.48 -40.09
C ILE B 343 -6.96 5.71 -41.50
N ASN B 344 -7.86 5.79 -42.49
CA ASN B 344 -7.47 5.85 -43.91
C ASN B 344 -6.51 4.69 -44.31
N GLY B 345 -6.87 3.47 -43.92
CA GLY B 345 -6.16 2.24 -44.29
C GLY B 345 -4.85 2.04 -43.49
N VAL B 346 -4.46 3.04 -42.68
CA VAL B 346 -3.21 2.93 -41.91
C VAL B 346 -3.41 2.85 -40.35
N SER B 347 -2.69 1.90 -39.75
CA SER B 347 -2.78 1.67 -38.31
C SER B 347 -1.59 2.37 -37.66
N PHE B 348 -1.84 3.12 -36.58
CA PHE B 348 -0.81 4.01 -36.04
C PHE B 348 0.21 3.18 -35.34
N THR B 349 1.48 3.41 -35.64
CA THR B 349 2.54 2.83 -34.82
C THR B 349 3.61 3.90 -34.63
N PRO B 350 3.98 4.14 -33.35
CA PRO B 350 4.65 5.42 -33.10
C PRO B 350 6.04 5.48 -33.76
N PRO B 351 6.44 6.66 -34.25
CA PRO B 351 7.76 6.67 -34.90
C PRO B 351 8.93 6.66 -33.90
N THR B 352 10.15 6.37 -34.37
CA THR B 352 11.35 6.50 -33.54
C THR B 352 11.70 7.97 -33.31
N VAL B 353 11.46 8.85 -34.26
CA VAL B 353 11.71 10.28 -34.06
C VAL B 353 10.34 10.95 -33.88
N PRO B 354 10.12 11.70 -32.74
CA PRO B 354 8.83 12.34 -32.49
C PRO B 354 8.44 13.25 -33.63
N VAL B 355 7.18 13.16 -34.02
CA VAL B 355 6.73 13.97 -35.10
C VAL B 355 7.25 15.40 -34.98
N LEU B 356 7.18 16.02 -33.80
CA LEU B 356 7.65 17.40 -33.65
C LEU B 356 9.13 17.52 -33.97
N LEU B 357 9.92 16.51 -33.62
CA LEU B 357 11.35 16.60 -33.79
C LEU B 357 11.72 16.51 -35.29
N GLN B 358 11.00 15.65 -36.01
CA GLN B 358 11.13 15.58 -37.47
C GLN B 358 10.84 16.94 -38.12
N ILE B 359 9.77 17.62 -37.73
CA ILE B 359 9.49 18.95 -38.26
C ILE B 359 10.63 19.97 -38.01
N CYS B 360 11.13 20.01 -36.79
CA CYS B 360 12.25 20.88 -36.46
C CYS B 360 13.55 20.54 -37.20
N SER B 361 13.69 19.29 -37.64
CA SER B 361 14.87 18.85 -38.40
C SER B 361 14.77 19.04 -39.94
N GLY B 362 13.74 19.73 -40.39
CA GLY B 362 13.64 20.08 -41.81
C GLY B 362 12.34 19.71 -42.55
N ALA B 363 11.71 18.59 -42.18
CA ALA B 363 10.52 18.09 -42.87
C ALA B 363 9.50 19.19 -43.18
N ASN B 364 8.84 19.10 -44.35
CA ASN B 364 8.01 20.19 -44.89
C ASN B 364 6.58 19.78 -45.16
N THR B 365 6.39 18.49 -45.39
CA THR B 365 5.14 17.99 -45.90
C THR B 365 4.81 16.69 -45.16
N ALA B 366 3.52 16.33 -45.15
CA ALA B 366 3.10 15.05 -44.59
C ALA B 366 3.91 13.90 -45.20
N ALA B 367 4.03 13.86 -46.55
CA ALA B 367 4.86 12.82 -47.22
C ALA B 367 6.29 12.72 -46.63
N ASP B 368 6.87 13.82 -46.14
CA ASP B 368 8.22 13.76 -45.55
C ASP B 368 8.29 13.16 -44.09
N LEU B 369 7.11 12.91 -43.49
CA LEU B 369 6.99 12.61 -42.05
C LEU B 369 6.64 11.13 -41.81
N LEU B 370 7.37 10.53 -40.87
CA LEU B 370 7.05 9.21 -40.44
C LEU B 370 6.10 9.32 -39.21
N PRO B 371 5.25 8.30 -39.00
CA PRO B 371 5.03 7.10 -39.81
C PRO B 371 4.31 7.46 -41.08
N SER B 372 4.61 6.76 -42.18
CA SER B 372 4.03 7.07 -43.50
C SER B 372 2.54 6.78 -43.50
N GLY B 373 1.81 7.72 -44.09
CA GLY B 373 0.36 7.69 -44.12
C GLY B 373 -0.38 7.94 -42.79
N SER B 374 0.33 8.26 -41.70
CA SER B 374 -0.30 8.54 -40.41
C SER B 374 -0.33 10.03 -40.08
N VAL B 375 0.10 10.86 -41.04
CA VAL B 375 0.13 12.31 -40.84
C VAL B 375 -0.65 13.00 -41.96
N ILE B 376 -1.48 13.97 -41.59
CA ILE B 376 -2.29 14.70 -42.54
C ILE B 376 -1.96 16.15 -42.26
N SER B 377 -1.55 16.85 -43.30
CA SER B 377 -1.07 18.19 -43.14
C SER B 377 -2.27 19.08 -43.30
N LEU B 378 -2.16 20.28 -42.78
CA LEU B 378 -3.30 21.14 -42.68
C LEU B 378 -2.81 22.57 -42.83
N PRO B 379 -3.48 23.37 -43.68
CA PRO B 379 -3.07 24.74 -43.89
C PRO B 379 -3.55 25.65 -42.78
N SER B 380 -2.82 26.72 -42.59
CA SER B 380 -3.14 27.72 -41.59
C SER B 380 -4.34 28.61 -41.90
N ASN B 381 -4.83 29.22 -40.83
CA ASN B 381 -6.08 29.98 -40.86
C ASN B 381 -7.23 29.43 -41.77
N SER B 382 -7.47 28.11 -41.75
CA SER B 382 -8.57 27.47 -42.51
C SER B 382 -9.67 26.92 -41.62
N THR B 383 -10.90 26.91 -42.10
CA THR B 383 -11.92 26.07 -41.47
C THR B 383 -11.64 24.63 -41.88
N ILE B 384 -11.45 23.73 -40.92
CA ILE B 384 -11.33 22.30 -41.25
C ILE B 384 -12.65 21.66 -40.86
N GLU B 385 -13.12 20.69 -41.64
CA GLU B 385 -14.29 19.90 -41.26
C GLU B 385 -13.84 18.45 -41.27
N ILE B 386 -14.22 17.67 -40.25
CA ILE B 386 -13.81 16.25 -40.18
C ILE B 386 -15.02 15.40 -39.93
N ALA B 387 -15.34 14.57 -40.93
CA ALA B 387 -16.38 13.62 -40.69
C ALA B 387 -15.70 12.33 -40.23
N LEU B 388 -16.27 11.68 -39.19
CA LEU B 388 -15.76 10.45 -38.58
C LEU B 388 -16.83 9.32 -38.59
N PRO B 389 -17.19 8.79 -39.78
CA PRO B 389 -18.31 7.87 -39.82
C PRO B 389 -18.05 6.67 -38.94
N ALA B 390 -19.01 6.30 -38.11
CA ALA B 390 -18.88 5.14 -37.21
C ALA B 390 -19.16 3.76 -37.90
N GLY B 391 -18.95 2.67 -37.15
CA GLY B 391 -19.01 1.29 -37.64
C GLY B 391 -17.84 0.36 -37.24
N ALA B 392 -16.60 0.84 -37.24
CA ALA B 392 -15.51 0.01 -36.80
C ALA B 392 -15.86 -0.57 -35.44
N ALA B 393 -15.49 -1.81 -35.17
CA ALA B 393 -15.75 -2.40 -33.86
C ALA B 393 -14.82 -1.69 -32.89
N GLY B 394 -15.07 -1.68 -31.60
CA GLY B 394 -16.31 -1.99 -30.97
C GLY B 394 -16.59 -0.64 -30.31
N GLY B 395 -17.58 0.06 -30.82
CA GLY B 395 -17.92 1.37 -30.33
C GLY B 395 -18.74 1.30 -29.07
N PRO B 396 -19.19 2.45 -28.60
CA PRO B 396 -18.92 3.73 -29.32
C PRO B 396 -17.57 4.37 -28.93
N HIS B 397 -16.88 4.92 -29.92
CA HIS B 397 -15.53 5.38 -29.82
C HIS B 397 -15.53 6.88 -29.56
N PRO B 398 -14.94 7.29 -28.43
CA PRO B 398 -14.83 8.75 -28.08
C PRO B 398 -13.61 9.39 -28.72
N PHE B 399 -13.79 10.12 -29.77
CA PHE B 399 -12.61 10.58 -30.46
C PHE B 399 -12.22 11.90 -29.92
N HIS B 400 -10.91 12.11 -29.83
CA HIS B 400 -10.36 13.29 -29.23
C HIS B 400 -9.33 13.97 -30.09
N LEU B 401 -9.34 15.31 -30.11
CA LEU B 401 -8.28 16.01 -30.86
C LEU B 401 -7.44 16.91 -29.93
N HIS B 402 -6.13 16.79 -30.02
CA HIS B 402 -5.22 17.67 -29.24
C HIS B 402 -5.23 19.08 -29.84
N GLY B 403 -4.69 20.04 -29.08
CA GLY B 403 -4.45 21.40 -29.61
C GLY B 403 -5.61 22.30 -29.81
N HIS B 404 -6.83 21.79 -29.64
CA HIS B 404 -8.02 22.48 -30.12
C HIS B 404 -9.29 22.09 -29.37
N ASP B 405 -10.34 22.88 -29.45
CA ASP B 405 -11.63 22.26 -29.23
C ASP B 405 -12.38 22.44 -30.55
N PHE B 406 -13.60 21.97 -30.66
CA PHE B 406 -14.25 21.94 -31.95
C PHE B 406 -15.74 22.02 -31.75
N ALA B 407 -16.42 22.52 -32.77
CA ALA B 407 -17.87 22.46 -32.76
C ALA B 407 -18.28 21.11 -33.26
N VAL B 408 -19.25 20.51 -32.60
CA VAL B 408 -19.86 19.26 -33.03
C VAL B 408 -21.10 19.58 -33.89
N SER B 409 -20.88 19.69 -35.20
CA SER B 409 -21.96 19.97 -36.14
C SER B 409 -22.95 18.83 -36.23
N GLU B 410 -22.49 17.59 -36.24
CA GLU B 410 -23.41 16.44 -36.15
C GLU B 410 -22.99 15.49 -35.01
N SER B 411 -23.93 15.14 -34.14
CA SER B 411 -23.70 14.27 -32.97
C SER B 411 -24.15 12.80 -33.25
N ALA B 412 -23.83 11.89 -32.34
CA ALA B 412 -24.26 10.50 -32.48
C ALA B 412 -25.80 10.38 -32.56
N SER B 413 -26.28 9.30 -33.20
CA SER B 413 -27.67 8.84 -33.07
C SER B 413 -28.66 9.80 -33.71
N ASN B 414 -28.19 10.62 -34.64
CA ASN B 414 -28.98 11.78 -35.08
C ASN B 414 -28.38 12.38 -36.32
N SER B 415 -29.04 12.23 -37.47
CA SER B 415 -28.40 12.71 -38.73
C SER B 415 -28.51 14.22 -39.01
N THR B 416 -29.08 14.99 -38.08
CA THR B 416 -29.42 16.39 -38.34
C THR B 416 -28.38 17.35 -37.80
N SER B 417 -27.61 17.90 -38.72
CA SER B 417 -26.60 18.89 -38.39
C SER B 417 -27.17 20.17 -37.71
N ASN B 418 -26.30 20.84 -36.95
CA ASN B 418 -26.64 22.12 -36.36
C ASN B 418 -25.48 23.10 -36.65
N TYR B 419 -25.72 24.08 -37.54
CA TYR B 419 -24.70 25.08 -37.86
C TYR B 419 -24.97 26.38 -37.15
N ASP B 420 -25.91 26.35 -36.23
CA ASP B 420 -26.21 27.51 -35.41
C ASP B 420 -25.64 27.56 -34.01
N ASP B 421 -26.05 26.62 -33.15
CA ASP B 421 -25.66 26.74 -31.74
C ASP B 421 -25.13 25.42 -31.17
N PRO B 422 -24.36 24.69 -31.97
CA PRO B 422 -23.90 23.39 -31.51
C PRO B 422 -22.89 23.60 -30.39
N ILE B 423 -22.89 22.66 -29.45
CA ILE B 423 -21.85 22.65 -28.40
C ILE B 423 -20.47 22.51 -29.02
N TRP B 424 -19.49 23.13 -28.38
CA TRP B 424 -18.08 22.85 -28.68
C TRP B 424 -17.49 22.01 -27.53
N ARG B 425 -16.52 21.14 -27.83
CA ARG B 425 -15.87 20.28 -26.80
C ARG B 425 -14.61 19.76 -27.39
N ASP B 426 -13.94 18.86 -26.68
CA ASP B 426 -12.71 18.25 -27.21
C ASP B 426 -12.72 16.71 -27.40
N VAL B 427 -13.77 16.02 -26.93
CA VAL B 427 -13.84 14.56 -27.01
C VAL B 427 -15.27 14.20 -27.23
N VAL B 428 -15.54 13.43 -28.28
CA VAL B 428 -16.93 13.24 -28.73
C VAL B 428 -17.15 11.80 -29.18
N SER B 429 -18.24 11.21 -28.73
CA SER B 429 -18.61 9.87 -29.16
C SER B 429 -19.05 9.97 -30.62
N ILE B 430 -18.43 9.16 -31.50
CA ILE B 430 -18.81 9.07 -32.92
C ILE B 430 -19.97 8.10 -33.14
N GLY B 431 -20.51 7.52 -32.07
CA GLY B 431 -21.75 6.83 -32.18
C GLY B 431 -21.72 5.41 -32.75
N GLY B 432 -22.73 5.05 -33.56
CA GLY B 432 -23.03 3.64 -33.94
C GLY B 432 -23.23 3.49 -35.46
N VAL B 433 -23.32 2.26 -35.99
CA VAL B 433 -23.16 2.13 -37.47
C VAL B 433 -24.26 3.00 -38.12
N GLY B 434 -23.89 3.79 -39.12
CA GLY B 434 -24.87 4.66 -39.76
C GLY B 434 -24.67 6.14 -39.47
N ASP B 435 -24.28 6.46 -38.23
CA ASP B 435 -23.93 7.81 -37.80
C ASP B 435 -22.78 8.37 -38.59
N ASN B 436 -22.68 9.69 -38.58
CA ASN B 436 -21.67 10.44 -39.29
C ASN B 436 -21.24 11.68 -38.51
N VAL B 437 -20.65 11.46 -37.34
CA VAL B 437 -20.25 12.54 -36.50
C VAL B 437 -19.28 13.44 -37.20
N THR B 438 -19.52 14.75 -37.07
CA THR B 438 -18.71 15.74 -37.78
C THR B 438 -18.36 16.92 -36.89
N ILE B 439 -17.14 17.41 -37.04
CA ILE B 439 -16.59 18.45 -36.19
C ILE B 439 -15.93 19.51 -37.06
N ARG B 440 -15.98 20.76 -36.58
CA ARG B 440 -15.32 21.85 -37.30
C ARG B 440 -14.43 22.61 -36.37
N PHE B 441 -13.28 23.02 -36.84
CA PHE B 441 -12.43 23.92 -36.08
C PHE B 441 -11.53 24.66 -37.06
N CYS B 442 -10.89 25.74 -36.59
CA CYS B 442 -9.97 26.51 -37.41
C CYS B 442 -8.51 26.30 -37.01
N THR B 443 -7.63 26.28 -38.00
CA THR B 443 -6.19 26.10 -37.81
C THR B 443 -5.45 27.40 -37.39
N ASP B 444 -5.57 27.75 -36.10
CA ASP B 444 -4.83 28.89 -35.56
C ASP B 444 -3.76 28.45 -34.51
N ASN B 445 -3.27 27.22 -34.62
CA ASN B 445 -2.42 26.65 -33.61
C ASN B 445 -1.37 25.70 -34.25
N PRO B 446 -0.30 26.28 -34.84
CA PRO B 446 0.79 25.56 -35.52
C PRO B 446 1.44 24.50 -34.64
N GLY B 447 1.61 23.30 -35.21
CA GLY B 447 2.22 22.13 -34.55
C GLY B 447 1.50 20.81 -34.88
N PRO B 448 2.13 19.67 -34.58
CA PRO B 448 1.54 18.33 -34.72
C PRO B 448 0.56 17.93 -33.57
N TRP B 449 -0.70 17.77 -33.92
CA TRP B 449 -1.75 17.47 -33.00
C TRP B 449 -2.38 16.09 -33.24
N PHE B 450 -2.27 15.23 -32.22
CA PHE B 450 -2.87 13.89 -32.19
C PHE B 450 -4.39 13.92 -32.32
N LEU B 451 -4.92 12.93 -33.01
CA LEU B 451 -6.34 12.71 -33.17
C LEU B 451 -6.42 11.23 -33.01
N HIS B 452 -7.19 10.76 -32.01
CA HIS B 452 -7.29 9.34 -31.71
C HIS B 452 -8.52 9.06 -30.89
N CYS B 453 -8.94 7.80 -30.94
CA CYS B 453 -9.95 7.27 -30.08
C CYS B 453 -9.32 7.30 -28.66
N HIS B 454 -10.07 7.80 -27.70
CA HIS B 454 -9.54 7.85 -26.34
C HIS B 454 -9.77 6.56 -25.55
N ILE B 455 -10.28 5.50 -26.19
CA ILE B 455 -10.26 4.19 -25.53
C ILE B 455 -8.78 3.76 -25.62
N ASP B 456 -8.13 3.70 -24.47
CA ASP B 456 -6.66 3.57 -24.48
C ASP B 456 -6.19 2.28 -25.21
N TRP B 457 -6.98 1.22 -25.04
CA TRP B 457 -6.74 -0.10 -25.69
C TRP B 457 -6.89 0.03 -27.21
N HIS B 458 -7.77 0.91 -27.67
CA HIS B 458 -7.89 1.13 -29.10
C HIS B 458 -6.77 2.02 -29.60
N LEU B 459 -6.36 3.03 -28.83
CA LEU B 459 -5.19 3.77 -29.22
C LEU B 459 -3.92 2.88 -29.35
N ASP B 460 -3.73 1.96 -28.42
CA ASP B 460 -2.50 1.14 -28.48
C ASP B 460 -2.58 0.22 -29.71
N ALA B 461 -3.81 -0.11 -30.13
CA ALA B 461 -3.99 -0.97 -31.28
C ALA B 461 -4.07 -0.18 -32.61
N GLY B 462 -3.68 1.10 -32.58
CA GLY B 462 -3.45 1.91 -33.83
C GLY B 462 -4.48 2.98 -34.27
N PHE B 463 -5.47 3.29 -33.42
CA PHE B 463 -6.65 4.09 -33.86
C PHE B 463 -6.37 5.56 -33.71
N ALA B 464 -5.43 6.08 -34.52
CA ALA B 464 -4.88 7.42 -34.36
C ALA B 464 -4.21 7.94 -35.64
N ILE B 465 -4.22 9.27 -35.82
CA ILE B 465 -3.42 9.98 -36.83
C ILE B 465 -3.07 11.31 -36.25
N VAL B 466 -2.06 11.91 -36.85
CA VAL B 466 -1.55 13.20 -36.43
C VAL B 466 -2.10 14.20 -37.43
N PHE B 467 -2.66 15.31 -36.95
CA PHE B 467 -2.87 16.48 -37.79
C PHE B 467 -1.64 17.35 -37.68
N ALA B 468 -0.86 17.47 -38.76
CA ALA B 468 0.27 18.42 -38.77
C ALA B 468 -0.14 19.79 -39.31
N GLU B 469 -0.47 20.68 -38.37
CA GLU B 469 -1.20 21.90 -38.67
C GLU B 469 -0.16 22.97 -38.90
N ASP B 470 -0.24 23.66 -40.06
CA ASP B 470 0.71 24.71 -40.45
C ASP B 470 2.19 24.33 -40.27
N ILE B 471 2.66 23.31 -40.97
CA ILE B 471 4.06 22.86 -40.88
C ILE B 471 5.16 23.92 -41.15
N PRO B 472 5.02 24.76 -42.22
CA PRO B 472 6.05 25.78 -42.47
C PRO B 472 6.31 26.71 -41.26
N ASN B 473 5.28 26.99 -40.45
CA ASN B 473 5.43 27.88 -39.29
C ASN B 473 5.67 27.18 -37.93
N THR B 474 6.09 25.92 -37.94
CA THR B 474 6.13 25.12 -36.71
C THR B 474 7.33 25.30 -35.77
N ALA B 475 8.53 25.45 -36.33
CA ALA B 475 9.65 25.74 -35.44
C ALA B 475 9.58 27.17 -34.84
N SER B 476 9.26 28.18 -35.66
CA SER B 476 9.14 29.56 -35.13
C SER B 476 8.02 29.72 -34.13
N ALA B 477 6.90 29.05 -34.36
CA ALA B 477 5.78 29.11 -33.42
C ALA B 477 6.11 28.41 -32.10
N ASN B 478 6.88 27.35 -32.14
CA ASN B 478 7.10 26.55 -30.93
C ASN B 478 8.58 26.46 -30.53
N PRO B 479 9.20 27.58 -30.03
CA PRO B 479 10.57 27.46 -29.51
C PRO B 479 10.62 26.41 -28.39
N VAL B 480 11.60 25.53 -28.48
CA VAL B 480 11.75 24.41 -27.59
C VAL B 480 12.81 24.68 -26.53
N PRO B 481 12.50 24.32 -25.27
CA PRO B 481 13.58 24.51 -24.31
C PRO B 481 14.64 23.43 -24.54
N GLU B 482 15.81 23.69 -23.97
CA GLU B 482 16.96 22.85 -24.13
C GLU B 482 16.67 21.46 -23.57
N ALA B 483 15.95 21.40 -22.45
CA ALA B 483 15.62 20.10 -21.80
C ALA B 483 14.78 19.21 -22.73
N TRP B 484 13.92 19.81 -23.54
CA TRP B 484 13.18 19.04 -24.53
C TRP B 484 14.15 18.41 -25.54
N SER B 485 15.02 19.25 -26.11
CA SER B 485 16.07 18.77 -27.05
C SER B 485 16.83 17.62 -26.45
N ASN B 486 17.11 17.71 -25.15
CA ASN B 486 17.82 16.65 -24.44
C ASN B 486 17.04 15.32 -24.29
N LEU B 487 15.71 15.35 -24.47
CA LEU B 487 14.92 14.12 -24.23
C LEU B 487 15.28 12.95 -25.14
N CYS B 488 15.34 13.19 -26.45
CA CYS B 488 15.48 12.08 -27.40
C CYS B 488 16.85 11.39 -27.33
N PRO B 489 17.97 12.15 -27.27
CA PRO B 489 19.26 11.48 -27.07
C PRO B 489 19.26 10.65 -25.79
N SER B 490 18.68 11.19 -24.72
CA SER B 490 18.75 10.45 -23.46
C SER B 490 17.90 9.16 -23.49
N TYR B 491 16.67 9.26 -23.98
CA TYR B 491 15.82 8.08 -24.23
C TYR B 491 16.50 7.03 -25.13
N ASP B 492 16.87 7.49 -26.33
CA ASP B 492 17.57 6.65 -27.32
C ASP B 492 18.80 5.93 -26.73
N SER B 493 19.58 6.63 -25.92
CA SER B 493 20.75 6.04 -25.24
C SER B 493 20.32 4.96 -24.22
N ALA B 494 19.38 5.30 -23.31
CA ALA B 494 18.88 4.35 -22.30
C ALA B 494 18.36 3.04 -22.89
N HIS B 495 17.76 3.11 -24.08
CA HIS B 495 17.26 1.93 -24.76
C HIS B 495 18.13 1.53 -25.95
N VAL C 1 -6.66 -13.56 -11.28
CA VAL C 1 -5.96 -13.35 -12.60
C VAL C 1 -5.03 -14.55 -12.81
N GLN C 2 -4.97 -15.04 -14.04
CA GLN C 2 -4.13 -16.16 -14.45
C GLN C 2 -3.10 -15.79 -15.54
N ILE C 3 -1.95 -16.47 -15.48
CA ILE C 3 -0.82 -16.41 -16.41
C ILE C 3 -0.25 -17.83 -16.28
N GLY C 4 0.62 -18.38 -17.13
CA GLY C 4 1.02 -17.97 -18.45
C GLY C 4 0.43 -18.99 -19.43
N PRO C 5 1.09 -20.10 -19.78
CA PRO C 5 2.34 -20.69 -19.20
C PRO C 5 3.64 -20.05 -19.60
N VAL C 6 3.64 -19.18 -20.60
CA VAL C 6 4.84 -18.38 -20.87
C VAL C 6 4.46 -17.01 -20.30
N THR C 7 5.28 -16.51 -19.37
CA THR C 7 4.96 -15.27 -18.69
C THR C 7 6.18 -14.63 -17.97
N ASP C 8 6.13 -13.31 -17.77
CA ASP C 8 7.04 -12.60 -16.84
C ASP C 8 6.44 -12.73 -15.42
N LEU C 9 7.27 -12.68 -14.39
CA LEU C 9 6.81 -12.74 -13.00
C LEU C 9 7.78 -11.86 -12.27
N HIS C 10 7.39 -10.61 -12.04
CA HIS C 10 8.26 -9.69 -11.34
C HIS C 10 8.07 -9.91 -9.84
N ILE C 11 9.18 -9.87 -9.11
CA ILE C 11 9.20 -10.04 -7.63
C ILE C 11 9.54 -8.66 -7.11
N VAL C 12 8.55 -8.04 -6.44
CA VAL C 12 8.62 -6.67 -5.98
C VAL C 12 8.34 -6.56 -4.50
N ASN C 13 8.83 -5.48 -3.89
CA ASN C 13 8.42 -5.16 -2.54
C ASN C 13 7.16 -4.31 -2.60
N ALA C 14 6.28 -4.49 -1.63
CA ALA C 14 5.07 -3.66 -1.45
C ALA C 14 4.63 -3.76 0.01
N ASP C 15 4.06 -2.69 0.57
CA ASP C 15 3.29 -2.80 1.82
C ASP C 15 1.87 -3.23 1.51
N ILE C 16 1.35 -4.15 2.31
CA ILE C 16 -0.04 -4.59 2.14
C ILE C 16 -0.67 -4.68 3.52
N VAL C 17 -1.99 -4.59 3.57
CA VAL C 17 -2.72 -4.56 4.84
C VAL C 17 -3.91 -5.53 4.76
N PRO C 18 -3.65 -6.82 4.53
CA PRO C 18 -4.81 -7.73 4.36
C PRO C 18 -5.81 -7.86 5.51
N ASP C 19 -5.36 -7.68 6.76
CA ASP C 19 -6.24 -7.68 7.92
C ASP C 19 -6.33 -6.30 8.56
N GLY C 20 -5.99 -5.25 7.80
CA GLY C 20 -6.01 -3.87 8.34
C GLY C 20 -4.71 -3.32 8.92
N PHE C 21 -3.65 -4.17 9.00
CA PHE C 21 -2.33 -3.79 9.56
C PHE C 21 -1.28 -3.65 8.44
N VAL C 22 -0.84 -2.42 8.10
CA VAL C 22 0.11 -2.31 7.00
C VAL C 22 1.51 -2.88 7.36
N ARG C 23 2.05 -3.74 6.51
CA ARG C 23 3.42 -4.14 6.70
C ARG C 23 4.08 -4.46 5.36
N PRO C 24 5.42 -4.55 5.35
CA PRO C 24 6.17 -4.79 4.10
C PRO C 24 5.91 -6.22 3.60
N ALA C 25 6.04 -6.41 2.29
CA ALA C 25 5.95 -7.78 1.83
C ALA C 25 6.82 -8.00 0.60
N VAL C 26 7.02 -9.30 0.28
CA VAL C 26 7.64 -9.70 -0.97
C VAL C 26 6.54 -10.31 -1.82
N ASN C 27 6.32 -9.75 -3.00
CA ASN C 27 5.17 -10.21 -3.76
C ASN C 27 5.62 -10.74 -5.11
N ALA C 28 5.00 -11.81 -5.55
CA ALA C 28 5.16 -12.30 -6.94
C ALA C 28 4.02 -11.79 -7.80
N GLY C 29 4.36 -11.25 -8.95
CA GLY C 29 3.35 -10.61 -9.84
C GLY C 29 2.49 -9.46 -9.27
N GLY C 30 3.01 -8.80 -8.24
CA GLY C 30 2.40 -7.63 -7.63
C GLY C 30 1.20 -7.84 -6.69
N THR C 31 0.83 -9.08 -6.40
CA THR C 31 -0.43 -9.30 -5.68
C THR C 31 -0.25 -10.22 -4.52
N PHE C 32 -1.22 -10.28 -3.62
CA PHE C 32 -1.16 -11.32 -2.59
C PHE C 32 -2.48 -12.01 -2.41
N PRO C 33 -2.53 -13.32 -2.59
CA PRO C 33 -1.44 -14.18 -3.09
C PRO C 33 -1.04 -13.75 -4.50
N GLY C 34 0.06 -14.31 -5.04
CA GLY C 34 0.54 -13.98 -6.42
C GLY C 34 -0.51 -14.42 -7.45
N PRO C 35 -0.39 -13.99 -8.71
CA PRO C 35 -1.31 -14.48 -9.67
C PRO C 35 -1.27 -16.04 -9.80
N VAL C 36 -2.36 -16.63 -10.29
CA VAL C 36 -2.34 -18.11 -10.52
C VAL C 36 -1.52 -18.32 -11.75
N ILE C 37 -0.50 -19.16 -11.67
CA ILE C 37 0.29 -19.45 -12.83
C ILE C 37 -0.41 -20.70 -13.39
N ALA C 38 -0.79 -20.69 -14.68
CA ALA C 38 -1.53 -21.84 -15.19
C ALA C 38 -1.15 -22.22 -16.62
N GLY C 39 -1.49 -23.45 -16.93
CA GLY C 39 -1.37 -23.99 -18.30
C GLY C 39 -2.05 -25.33 -18.32
N ASN C 40 -1.92 -26.01 -19.46
CA ASN C 40 -2.44 -27.38 -19.66
C ASN C 40 -1.34 -28.40 -19.52
N VAL C 41 -1.73 -29.64 -19.15
CA VAL C 41 -0.77 -30.78 -19.14
C VAL C 41 0.06 -30.79 -20.43
N GLY C 42 1.33 -31.12 -20.30
CA GLY C 42 2.23 -31.10 -21.46
C GLY C 42 2.57 -29.72 -22.01
N ASP C 43 2.31 -28.65 -21.24
CA ASP C 43 2.71 -27.34 -21.70
C ASP C 43 4.15 -27.15 -21.35
N ASN C 44 4.81 -26.32 -22.15
CA ASN C 44 6.11 -25.81 -21.81
C ASN C 44 5.86 -24.49 -21.03
N PHE C 45 6.23 -24.51 -19.75
CA PHE C 45 6.28 -23.30 -18.90
C PHE C 45 7.60 -22.55 -19.08
N GLN C 46 7.50 -21.25 -19.35
CA GLN C 46 8.68 -20.39 -19.43
C GLN C 46 8.37 -19.19 -18.56
N ILE C 47 8.74 -19.32 -17.29
CA ILE C 47 8.48 -18.24 -16.30
C ILE C 47 9.71 -17.38 -16.10
N VAL C 48 9.76 -16.21 -16.73
CA VAL C 48 10.92 -15.34 -16.60
C VAL C 48 10.67 -14.57 -15.27
N THR C 49 11.47 -14.89 -14.25
CA THR C 49 11.35 -14.29 -12.91
C THR C 49 12.28 -13.10 -12.88
N PHE C 50 11.72 -11.91 -12.68
CA PHE C 50 12.54 -10.69 -12.56
C PHE C 50 12.64 -10.29 -11.08
N ASN C 51 13.84 -10.34 -10.52
CA ASN C 51 13.99 -9.91 -9.15
C ASN C 51 14.19 -8.40 -9.05
N GLN C 52 13.16 -7.70 -8.56
CA GLN C 52 13.23 -6.28 -8.37
C GLN C 52 13.19 -5.90 -6.84
N LEU C 53 13.62 -6.81 -5.97
CA LEU C 53 13.52 -6.59 -4.54
C LEU C 53 14.55 -5.55 -4.11
N ILE C 54 14.16 -4.69 -3.17
CA ILE C 54 14.99 -3.63 -2.63
C ILE C 54 15.02 -3.68 -1.12
N GLU C 55 14.00 -4.27 -0.55
CA GLU C 55 13.90 -4.23 0.95
C GLU C 55 14.67 -5.31 1.61
N CYS C 56 15.80 -4.96 2.23
CA CYS C 56 16.69 -5.95 2.82
C CYS C 56 16.11 -6.70 4.02
N SER C 57 15.13 -6.11 4.67
CA SER C 57 14.52 -6.72 5.83
C SER C 57 13.98 -8.10 5.47
N MET C 58 13.59 -8.28 4.23
CA MET C 58 12.99 -9.53 3.84
C MET C 58 13.90 -10.31 2.85
N LEU C 59 15.14 -9.86 2.71
CA LEU C 59 16.16 -10.38 1.73
C LEU C 59 15.86 -9.90 0.32
N VAL C 60 16.86 -9.41 -0.37
CA VAL C 60 16.64 -8.95 -1.76
C VAL C 60 16.99 -9.97 -2.83
N ASP C 61 17.51 -11.12 -2.41
CA ASP C 61 17.71 -12.33 -3.26
C ASP C 61 16.42 -13.14 -3.26
N THR C 62 16.20 -13.98 -4.26
CA THR C 62 15.01 -14.87 -4.19
C THR C 62 15.23 -16.16 -4.97
N SER C 63 14.43 -17.16 -4.68
CA SER C 63 14.45 -18.36 -5.53
C SER C 63 13.09 -18.94 -5.38
N ILE C 64 12.49 -19.36 -6.50
CA ILE C 64 11.13 -19.84 -6.48
C ILE C 64 10.99 -21.32 -6.86
N HIS C 65 10.35 -22.07 -5.98
CA HIS C 65 9.99 -23.45 -6.17
C HIS C 65 8.55 -23.65 -6.72
N TRP C 66 8.35 -24.59 -7.66
CA TRP C 66 7.03 -24.87 -8.25
C TRP C 66 6.55 -26.14 -7.55
N HIS C 67 5.73 -25.97 -6.51
CA HIS C 67 5.54 -27.08 -5.53
C HIS C 67 4.72 -28.25 -6.13
N GLY C 68 5.30 -29.47 -6.19
CA GLY C 68 4.55 -30.62 -6.73
C GLY C 68 4.91 -31.01 -8.14
N GLU C 69 5.62 -30.12 -8.85
CA GLU C 69 6.05 -30.36 -10.22
C GLU C 69 7.29 -31.21 -10.12
N PHE C 70 7.33 -32.32 -10.87
CA PHE C 70 8.51 -33.24 -10.86
C PHE C 70 9.81 -32.71 -11.42
N GLN C 71 9.77 -31.87 -12.46
CA GLN C 71 10.99 -31.30 -13.11
C GLN C 71 11.98 -32.35 -13.64
N LYS C 72 11.44 -33.46 -14.17
CA LYS C 72 12.30 -34.49 -14.73
C LYS C 72 13.13 -33.90 -15.85
N GLY C 73 14.44 -33.89 -15.72
CA GLY C 73 15.32 -33.35 -16.76
C GLY C 73 15.56 -31.84 -16.63
N THR C 74 14.76 -31.18 -15.80
CA THR C 74 14.93 -29.75 -15.48
C THR C 74 15.14 -29.59 -13.95
N ASN C 75 15.88 -30.48 -13.32
CA ASN C 75 16.17 -30.34 -11.88
C ASN C 75 16.69 -28.94 -11.49
N TRP C 76 17.55 -28.34 -12.34
CA TRP C 76 18.05 -26.98 -12.18
C TRP C 76 16.90 -25.91 -12.05
N ALA C 77 15.68 -26.25 -12.46
CA ALA C 77 14.53 -25.29 -12.40
C ALA C 77 13.75 -25.43 -11.08
N ASP C 78 14.16 -26.36 -10.23
CA ASP C 78 13.31 -26.73 -9.06
C ASP C 78 13.13 -25.64 -7.95
N GLY C 79 14.16 -24.83 -7.69
CA GLY C 79 14.04 -23.67 -6.77
C GLY C 79 14.60 -23.63 -5.34
N PRO C 80 14.72 -24.79 -4.68
CA PRO C 80 15.26 -24.67 -3.31
C PRO C 80 16.71 -24.17 -3.29
N ALA C 81 16.93 -23.08 -2.57
CA ALA C 81 18.17 -22.38 -2.66
C ALA C 81 19.25 -23.25 -2.02
N PHE C 82 20.39 -23.32 -2.70
CA PHE C 82 21.57 -24.11 -2.25
C PHE C 82 21.36 -25.63 -2.33
N ILE C 83 20.27 -26.07 -2.95
CA ILE C 83 20.06 -27.49 -3.34
C ILE C 83 20.21 -27.53 -4.87
N THR C 84 19.42 -26.71 -5.57
CA THR C 84 19.37 -26.77 -7.05
C THR C 84 19.80 -25.48 -7.76
N GLN C 85 19.86 -24.39 -6.98
CA GLN C 85 20.40 -23.15 -7.48
C GLN C 85 20.96 -22.29 -6.37
N CYS C 86 21.74 -21.31 -6.78
CA CYS C 86 21.99 -20.11 -5.93
C CYS C 86 20.80 -19.14 -6.15
N PRO C 87 20.51 -18.23 -5.21
CA PRO C 87 19.37 -17.33 -5.39
C PRO C 87 19.64 -16.35 -6.49
N ILE C 88 18.57 -15.85 -7.12
CA ILE C 88 18.71 -14.74 -8.04
C ILE C 88 19.01 -13.45 -7.27
N ILE C 89 19.99 -12.62 -7.70
CA ILE C 89 20.18 -11.34 -6.98
C ILE C 89 19.27 -10.27 -7.57
N VAL C 90 19.11 -9.16 -6.85
CA VAL C 90 18.15 -8.14 -7.27
C VAL C 90 18.66 -7.49 -8.56
N GLY C 91 17.74 -7.11 -9.43
CA GLY C 91 18.15 -6.53 -10.68
C GLY C 91 18.48 -7.54 -11.79
N ASN C 92 18.51 -8.80 -11.44
CA ASN C 92 18.73 -9.88 -12.40
C ASN C 92 17.43 -10.63 -12.58
N SER C 93 17.36 -11.37 -13.67
CA SER C 93 16.23 -12.16 -14.01
C SER C 93 16.73 -13.52 -14.27
N PHE C 94 15.83 -14.49 -14.20
CA PHE C 94 16.19 -15.89 -14.44
C PHE C 94 14.96 -16.59 -15.00
N SER C 95 15.13 -17.34 -16.09
CA SER C 95 14.02 -18.02 -16.81
C SER C 95 13.86 -19.46 -16.35
N TYR C 96 12.79 -19.73 -15.60
CA TYR C 96 12.43 -21.09 -15.24
C TYR C 96 11.65 -21.70 -16.43
N ASN C 97 12.39 -22.53 -17.18
CA ASN C 97 11.89 -23.23 -18.33
C ASN C 97 11.74 -24.70 -18.01
N PHE C 98 10.48 -25.17 -18.00
CA PHE C 98 10.20 -26.54 -17.75
C PHE C 98 8.93 -27.07 -18.41
N ASN C 99 8.75 -28.40 -18.33
CA ASN C 99 7.54 -29.00 -18.81
C ASN C 99 6.89 -29.78 -17.69
N VAL C 100 5.64 -30.13 -17.90
CA VAL C 100 4.88 -30.91 -16.90
C VAL C 100 4.22 -32.17 -17.58
N PRO C 101 5.08 -33.09 -18.13
CA PRO C 101 4.43 -34.27 -18.77
C PRO C 101 3.79 -35.12 -17.68
N GLY C 102 2.60 -35.65 -17.92
CA GLY C 102 1.94 -36.63 -17.00
C GLY C 102 1.42 -36.11 -15.66
N MET C 103 1.37 -34.79 -15.52
CA MET C 103 0.86 -34.23 -14.27
C MET C 103 -0.33 -33.31 -14.58
N ALA C 104 -1.40 -33.41 -13.82
CA ALA C 104 -2.38 -32.34 -13.91
C ALA C 104 -3.04 -32.29 -12.56
N GLY C 105 -3.27 -31.07 -12.07
CA GLY C 105 -4.08 -30.84 -10.89
C GLY C 105 -3.71 -29.48 -10.34
N THR C 106 -3.78 -29.39 -9.02
CA THR C 106 -3.59 -28.16 -8.32
C THR C 106 -2.26 -28.15 -7.54
N TYR C 107 -1.46 -27.13 -7.78
CA TYR C 107 -0.14 -26.94 -7.19
C TYR C 107 0.01 -25.49 -6.69
N TRP C 108 1.25 -25.10 -6.34
CA TRP C 108 1.47 -23.69 -5.96
C TRP C 108 2.90 -23.40 -6.09
N TYR C 109 3.26 -22.12 -5.96
CA TYR C 109 4.67 -21.75 -6.10
C TYR C 109 5.03 -20.86 -4.90
N HIS C 110 6.28 -20.77 -4.53
CA HIS C 110 6.62 -19.99 -3.35
C HIS C 110 8.12 -19.83 -3.34
N SER C 111 8.55 -18.73 -2.75
CA SER C 111 9.95 -18.53 -2.44
C SER C 111 10.48 -19.77 -1.78
N HIS C 112 11.62 -20.23 -2.26
CA HIS C 112 12.28 -21.29 -1.49
C HIS C 112 13.67 -20.87 -1.01
N LEU C 113 13.78 -19.60 -0.58
CA LEU C 113 14.96 -19.07 0.12
C LEU C 113 14.58 -18.72 1.56
N THR C 114 15.28 -19.31 2.55
CA THR C 114 15.06 -19.11 3.97
C THR C 114 13.59 -19.04 4.25
N THR C 115 13.13 -18.08 5.04
CA THR C 115 11.68 -18.06 5.34
C THR C 115 10.94 -16.99 4.52
N GLN C 116 11.47 -16.61 3.37
CA GLN C 116 10.90 -15.50 2.57
C GLN C 116 9.45 -15.70 2.12
N TYR C 117 9.05 -16.94 1.88
CA TYR C 117 7.67 -17.10 1.42
C TYR C 117 6.63 -16.66 2.43
N CYS C 118 6.96 -16.72 3.71
CA CYS C 118 6.06 -16.20 4.73
C CYS C 118 5.79 -14.71 4.47
N ASP C 119 6.85 -13.98 4.11
CA ASP C 119 6.75 -12.56 3.79
C ASP C 119 5.93 -12.21 2.58
N GLY C 120 5.40 -13.23 1.90
CA GLY C 120 4.36 -13.00 0.89
C GLY C 120 4.53 -13.62 -0.51
N LEU C 121 5.67 -14.25 -0.78
CA LEU C 121 5.91 -14.79 -2.12
C LEU C 121 5.28 -16.16 -2.19
N ARG C 122 4.00 -16.20 -2.56
CA ARG C 122 3.29 -17.47 -2.68
C ARG C 122 2.03 -17.25 -3.44
N GLY C 123 1.67 -18.23 -4.28
CA GLY C 123 0.45 -18.13 -5.09
C GLY C 123 0.22 -19.51 -5.71
N PRO C 124 -0.97 -19.72 -6.25
CA PRO C 124 -1.38 -20.97 -6.88
C PRO C 124 -0.85 -21.19 -8.28
N PHE C 125 -0.82 -22.47 -8.64
CA PHE C 125 -0.24 -22.93 -9.87
C PHE C 125 -1.17 -24.07 -10.22
N VAL C 126 -1.82 -23.99 -11.37
CA VAL C 126 -2.82 -25.02 -11.72
C VAL C 126 -2.41 -25.57 -13.09
N VAL C 127 -2.30 -26.90 -13.19
CA VAL C 127 -2.12 -27.54 -14.49
C VAL C 127 -3.50 -28.17 -14.91
N TYR C 128 -4.20 -27.48 -15.84
CA TYR C 128 -5.50 -27.92 -16.35
C TYR C 128 -5.33 -29.12 -17.28
N ASP C 129 -6.33 -30.00 -17.24
CA ASP C 129 -6.34 -31.13 -18.15
C ASP C 129 -7.64 -31.10 -18.98
N PRO C 130 -7.51 -30.79 -20.28
CA PRO C 130 -8.70 -30.72 -21.14
C PRO C 130 -9.46 -32.05 -21.24
N ASN C 131 -8.81 -33.16 -20.90
CA ASN C 131 -9.57 -34.42 -20.85
C ASN C 131 -9.67 -34.98 -19.45
N ASP C 132 -9.64 -34.05 -18.48
CA ASP C 132 -9.73 -34.36 -17.06
C ASP C 132 -10.71 -35.47 -16.79
N PRO C 133 -10.24 -36.56 -16.14
CA PRO C 133 -11.12 -37.69 -15.88
C PRO C 133 -12.28 -37.28 -14.99
N ASP C 134 -12.17 -36.15 -14.29
CA ASP C 134 -13.25 -35.73 -13.34
C ASP C 134 -14.21 -34.63 -13.85
N ALA C 135 -13.98 -34.16 -15.09
CA ALA C 135 -14.50 -32.88 -15.55
C ALA C 135 -16.02 -32.87 -15.65
N ASN C 136 -16.64 -34.04 -15.72
CA ASN C 136 -18.09 -34.10 -15.89
C ASN C 136 -18.79 -34.10 -14.53
N LEU C 137 -18.00 -34.06 -13.47
CA LEU C 137 -18.53 -34.00 -12.14
C LEU C 137 -18.86 -32.53 -11.68
N TYR C 138 -18.51 -31.54 -12.49
CA TYR C 138 -18.76 -30.13 -12.06
C TYR C 138 -19.02 -29.22 -13.27
N ASP C 139 -19.52 -28.01 -13.05
CA ASP C 139 -19.82 -27.08 -14.18
C ASP C 139 -18.82 -25.96 -14.34
N VAL C 140 -18.24 -25.49 -13.22
CA VAL C 140 -17.31 -24.34 -13.24
C VAL C 140 -15.97 -24.74 -12.66
N ASP C 141 -14.91 -24.45 -13.40
CA ASP C 141 -13.56 -24.65 -12.86
C ASP C 141 -12.72 -23.54 -13.39
N ASP C 142 -12.47 -22.49 -12.60
CA ASP C 142 -11.65 -21.37 -13.17
C ASP C 142 -11.03 -20.60 -12.01
N ASP C 143 -10.57 -19.38 -12.28
CA ASP C 143 -9.84 -18.65 -11.28
C ASP C 143 -10.72 -18.26 -10.14
N THR C 144 -12.02 -18.29 -10.35
CA THR C 144 -12.92 -17.89 -9.23
C THR C 144 -13.27 -19.06 -8.31
N THR C 145 -12.72 -20.23 -8.60
CA THR C 145 -12.91 -21.43 -7.75
C THR C 145 -11.60 -21.91 -7.06
N ILE C 146 -10.55 -21.08 -7.10
CA ILE C 146 -9.37 -21.30 -6.31
C ILE C 146 -9.56 -20.66 -4.91
N ILE C 147 -9.30 -21.45 -3.88
CA ILE C 147 -9.43 -20.94 -2.52
C ILE C 147 -8.12 -21.14 -1.82
N THR C 148 -7.48 -20.04 -1.39
CA THR C 148 -6.20 -20.14 -0.66
C THR C 148 -6.31 -19.91 0.81
N LEU C 149 -5.64 -20.76 1.62
CA LEU C 149 -5.56 -20.57 3.09
C LEU C 149 -4.14 -20.12 3.40
N ALA C 150 -3.99 -18.90 3.92
CA ALA C 150 -2.70 -18.34 4.27
C ALA C 150 -2.68 -17.88 5.74
N ASP C 151 -1.58 -18.20 6.44
CA ASP C 151 -1.26 -17.54 7.67
C ASP C 151 -0.54 -16.25 7.40
N TRP C 152 -0.88 -15.21 8.19
CA TRP C 152 -0.30 -13.90 8.01
C TRP C 152 0.25 -13.39 9.39
N TYR C 153 1.42 -12.76 9.35
CA TYR C 153 2.21 -12.35 10.51
C TYR C 153 2.38 -10.84 10.50
N HIS C 154 2.27 -10.21 11.67
CA HIS C 154 2.65 -8.78 11.74
C HIS C 154 4.18 -8.57 12.02
N VAL C 155 4.85 -9.65 12.41
CA VAL C 155 6.29 -9.68 12.57
C VAL C 155 6.99 -10.16 11.28
N LEU C 156 8.02 -9.44 10.86
CA LEU C 156 8.83 -9.81 9.71
C LEU C 156 9.51 -11.21 9.90
N ALA C 157 9.42 -12.05 8.87
CA ALA C 157 9.84 -13.45 9.01
C ALA C 157 11.32 -13.51 9.44
N LYS C 158 12.18 -12.62 8.91
CA LYS C 158 13.61 -12.58 9.30
C LYS C 158 13.79 -12.30 10.79
N GLU C 159 12.76 -11.76 11.44
CA GLU C 159 12.85 -11.37 12.85
C GLU C 159 12.14 -12.27 13.85
N MET C 160 11.59 -13.40 13.40
CA MET C 160 11.14 -14.42 14.33
C MET C 160 12.48 -15.10 14.68
N GLY C 161 12.70 -15.73 15.84
CA GLY C 161 11.76 -16.17 16.83
C GLY C 161 12.11 -17.65 16.81
N ALA C 162 13.03 -17.93 15.89
CA ALA C 162 13.37 -19.29 15.34
C ALA C 162 14.27 -20.17 16.22
N GLY C 163 13.83 -21.34 16.68
CA GLY C 163 12.41 -21.64 16.95
C GLY C 163 12.24 -22.01 18.43
N GLY C 164 11.27 -21.43 19.16
CA GLY C 164 10.04 -20.80 18.60
C GLY C 164 9.02 -21.92 18.52
N ALA C 165 7.82 -21.81 19.10
CA ALA C 165 7.21 -20.63 19.72
C ALA C 165 6.85 -19.53 18.71
N ILE C 166 6.43 -19.91 17.49
CA ILE C 166 6.01 -18.91 16.50
C ILE C 166 4.51 -19.01 16.15
N THR C 167 3.71 -17.94 16.36
CA THR C 167 2.29 -17.94 15.93
C THR C 167 1.84 -16.75 15.03
N ALA C 168 0.91 -17.04 14.11
CA ALA C 168 0.36 -16.06 13.21
C ALA C 168 -0.62 -15.07 13.87
N ASP C 169 -0.85 -13.97 13.17
CA ASP C 169 -1.71 -12.90 13.64
C ASP C 169 -3.02 -12.80 12.88
N SER C 170 -3.14 -13.53 11.75
CA SER C 170 -4.43 -13.74 11.10
C SER C 170 -4.45 -14.87 10.09
N THR C 171 -5.64 -15.31 9.74
CA THR C 171 -5.90 -16.23 8.62
C THR C 171 -6.52 -15.43 7.47
N LEU C 172 -5.91 -15.57 6.28
CA LEU C 172 -6.35 -14.90 5.09
C LEU C 172 -6.90 -16.00 4.18
N ILE C 173 -8.14 -15.80 3.78
CA ILE C 173 -8.76 -16.64 2.73
C ILE C 173 -8.87 -15.82 1.46
N ASP C 174 -8.28 -16.29 0.36
CA ASP C 174 -8.18 -15.43 -0.86
C ASP C 174 -7.67 -14.04 -0.54
N GLY C 175 -6.69 -13.98 0.36
CA GLY C 175 -5.92 -12.76 0.57
C GLY C 175 -6.48 -11.80 1.61
N LEU C 176 -7.61 -12.16 2.19
CA LEU C 176 -8.29 -11.23 3.09
C LEU C 176 -8.69 -11.99 4.32
N GLY C 177 -8.66 -11.32 5.46
CA GLY C 177 -9.17 -11.97 6.68
C GLY C 177 -8.91 -11.06 7.83
N ARG C 178 -9.43 -11.37 8.99
CA ARG C 178 -9.28 -10.47 10.12
C ARG C 178 -8.26 -10.84 11.19
N THR C 179 -7.74 -9.83 11.87
CA THR C 179 -6.60 -10.05 12.80
C THR C 179 -7.07 -10.82 14.09
N HIS C 180 -6.25 -11.72 14.65
CA HIS C 180 -6.61 -12.50 15.88
C HIS C 180 -6.70 -11.56 17.10
N VAL C 181 -5.80 -10.58 17.24
CA VAL C 181 -5.90 -9.70 18.40
C VAL C 181 -6.45 -8.34 18.04
N ASN C 182 -7.39 -7.81 18.85
CA ASN C 182 -7.97 -6.51 18.61
C ASN C 182 -8.51 -6.48 17.19
N VAL C 183 -9.24 -7.55 16.88
CA VAL C 183 -9.90 -7.71 15.56
C VAL C 183 -10.60 -6.45 15.11
N ALA C 184 -10.14 -5.83 13.99
CA ALA C 184 -10.79 -4.70 13.41
C ALA C 184 -11.66 -5.21 12.23
N ALA C 185 -12.68 -4.44 11.83
CA ALA C 185 -13.75 -4.90 10.92
C ALA C 185 -13.41 -4.70 9.47
N VAL C 186 -12.43 -5.49 9.01
CA VAL C 186 -11.84 -5.26 7.69
C VAL C 186 -12.48 -6.23 6.72
N PRO C 187 -12.36 -5.95 5.42
CA PRO C 187 -13.20 -6.68 4.46
C PRO C 187 -12.85 -8.21 4.41
N LEU C 188 -13.88 -9.03 4.31
CA LEU C 188 -13.72 -10.46 4.10
C LEU C 188 -13.88 -10.87 2.63
N SER C 189 -13.18 -11.95 2.26
CA SER C 189 -13.36 -12.57 0.97
C SER C 189 -14.74 -13.20 0.77
N VAL C 190 -15.26 -13.01 -0.46
CA VAL C 190 -16.53 -13.55 -0.89
C VAL C 190 -16.31 -14.59 -2.04
N ILE C 191 -16.98 -15.74 -1.94
CA ILE C 191 -16.95 -16.73 -3.00
C ILE C 191 -18.38 -16.95 -3.45
N THR C 192 -18.63 -16.65 -4.70
CA THR C 192 -19.99 -16.60 -5.23
C THR C 192 -20.34 -17.84 -6.01
N VAL C 193 -21.52 -18.36 -5.77
CA VAL C 193 -22.03 -19.52 -6.51
C VAL C 193 -23.46 -19.26 -6.99
N GLU C 194 -23.93 -20.10 -7.89
CA GLU C 194 -25.33 -19.97 -8.42
C GLU C 194 -26.12 -21.25 -8.14
N VAL C 195 -27.34 -21.16 -7.64
CA VAL C 195 -28.06 -22.43 -7.35
C VAL C 195 -28.07 -23.40 -8.56
N GLY C 196 -27.73 -24.67 -8.27
CA GLY C 196 -27.87 -25.77 -9.22
C GLY C 196 -26.57 -25.99 -9.95
N LYS C 197 -25.59 -25.09 -9.76
CA LYS C 197 -24.26 -25.32 -10.33
C LYS C 197 -23.39 -26.10 -9.36
N ARG C 198 -22.38 -26.76 -9.94
CA ARG C 198 -21.37 -27.58 -9.31
C ARG C 198 -20.01 -26.94 -9.60
N TYR C 199 -19.20 -26.83 -8.56
CA TYR C 199 -17.94 -26.14 -8.55
C TYR C 199 -16.79 -27.07 -8.16
N ARG C 200 -15.78 -27.11 -9.01
CA ARG C 200 -14.47 -27.65 -8.63
C ARG C 200 -13.77 -26.56 -7.84
N MET C 201 -13.97 -26.54 -6.51
CA MET C 201 -13.20 -25.69 -5.62
C MET C 201 -11.79 -26.28 -5.47
N ARG C 202 -10.77 -25.49 -5.77
CA ARG C 202 -9.40 -25.89 -5.63
C ARG C 202 -8.87 -25.27 -4.35
N LEU C 203 -8.85 -26.10 -3.29
CA LEU C 203 -8.39 -25.67 -2.01
C LEU C 203 -6.89 -25.87 -1.86
N VAL C 204 -6.21 -24.77 -1.66
CA VAL C 204 -4.77 -24.71 -1.64
C VAL C 204 -4.26 -24.14 -0.33
N SER C 205 -3.54 -24.93 0.42
CA SER C 205 -2.88 -24.36 1.62
C SER C 205 -1.59 -23.75 1.28
N ILE C 206 -1.49 -22.41 1.44
CA ILE C 206 -0.19 -21.75 1.24
C ILE C 206 0.40 -21.34 2.59
N SER C 207 0.07 -22.16 3.59
CA SER C 207 0.50 -21.93 4.96
C SER C 207 1.99 -22.09 5.13
N CYS C 208 2.55 -21.25 5.98
CA CYS C 208 3.95 -21.35 6.35
C CYS C 208 4.00 -22.11 7.67
N ASP C 209 2.85 -22.58 8.16
CA ASP C 209 2.84 -23.30 9.42
C ASP C 209 1.55 -24.00 9.75
N PRO C 210 0.50 -23.25 10.11
CA PRO C 210 -0.57 -24.04 10.69
C PRO C 210 -1.38 -24.90 9.69
N ASN C 211 -2.13 -25.86 10.23
CA ASN C 211 -3.07 -26.66 9.43
C ASN C 211 -4.45 -26.10 9.73
N TYR C 212 -5.40 -26.25 8.81
CA TYR C 212 -6.67 -25.58 8.96
C TYR C 212 -7.76 -26.64 8.93
N ASP C 213 -8.75 -26.47 9.78
CA ASP C 213 -9.96 -27.26 9.69
C ASP C 213 -10.93 -26.44 8.84
N PHE C 214 -11.14 -26.90 7.61
CA PHE C 214 -11.87 -26.15 6.60
C PHE C 214 -13.22 -26.79 6.42
N SER C 215 -14.25 -25.96 6.34
CA SER C 215 -15.60 -26.39 6.21
C SER C 215 -16.46 -25.21 5.72
N ILE C 216 -17.59 -25.51 5.10
CA ILE C 216 -18.52 -24.49 4.63
C ILE C 216 -19.85 -24.80 5.21
N ASP C 217 -20.42 -23.87 5.98
CA ASP C 217 -21.69 -24.11 6.67
C ASP C 217 -22.76 -24.47 5.67
N GLY C 218 -23.54 -25.48 5.99
CA GLY C 218 -24.64 -25.85 5.10
C GLY C 218 -24.21 -26.88 4.05
N HIS C 219 -22.93 -27.01 3.74
CA HIS C 219 -22.61 -27.68 2.47
C HIS C 219 -21.62 -28.82 2.69
N ASP C 220 -21.58 -29.73 1.74
CA ASP C 220 -20.70 -30.87 1.79
C ASP C 220 -19.74 -30.64 0.69
N MET C 221 -18.66 -31.42 0.68
CA MET C 221 -17.57 -31.21 -0.24
C MET C 221 -17.20 -32.56 -0.72
N THR C 222 -17.14 -32.77 -2.03
CA THR C 222 -16.68 -34.06 -2.53
C THR C 222 -15.26 -34.05 -3.07
N ILE C 223 -14.33 -34.62 -2.30
CA ILE C 223 -12.97 -34.65 -2.74
C ILE C 223 -12.81 -35.46 -3.99
N ILE C 224 -11.98 -34.97 -4.92
CA ILE C 224 -11.78 -35.65 -6.20
C ILE C 224 -10.34 -35.50 -6.62
N GLU C 225 -9.55 -34.71 -5.86
CA GLU C 225 -8.12 -34.58 -6.14
C GLU C 225 -7.36 -34.29 -4.86
N THR C 226 -6.19 -34.93 -4.71
CA THR C 226 -5.34 -34.67 -3.57
C THR C 226 -3.90 -34.44 -3.98
N ASP C 227 -3.40 -33.22 -3.75
CA ASP C 227 -2.03 -32.88 -4.14
C ASP C 227 -1.66 -33.26 -5.59
N GLY C 228 -2.54 -32.96 -6.55
CA GLY C 228 -2.29 -33.28 -7.96
C GLY C 228 -2.68 -34.72 -8.37
N VAL C 229 -3.10 -35.52 -7.40
CA VAL C 229 -3.46 -36.90 -7.68
C VAL C 229 -4.99 -37.06 -7.68
N ASP C 230 -5.56 -37.42 -8.83
CA ASP C 230 -7.01 -37.69 -8.89
C ASP C 230 -7.45 -38.73 -7.83
N SER C 231 -8.59 -38.51 -7.16
CA SER C 231 -9.04 -39.45 -6.13
C SER C 231 -10.39 -39.92 -6.55
N GLN C 232 -10.75 -41.09 -6.02
CA GLN C 232 -12.10 -41.58 -6.13
C GLN C 232 -12.82 -40.59 -5.31
N GLU C 233 -14.09 -40.44 -5.57
CA GLU C 233 -14.87 -39.40 -4.86
C GLU C 233 -15.08 -39.78 -3.43
N LEU C 234 -14.80 -38.84 -2.52
CA LEU C 234 -15.05 -39.03 -1.09
C LEU C 234 -15.78 -37.81 -0.59
N THR C 235 -17.03 -37.97 -0.12
CA THR C 235 -17.82 -36.83 0.40
C THR C 235 -17.57 -36.62 1.87
N VAL C 236 -17.25 -35.37 2.26
CA VAL C 236 -16.84 -35.06 3.63
C VAL C 236 -17.50 -33.74 4.02
N ASP C 237 -17.60 -33.46 5.33
CA ASP C 237 -18.13 -32.18 5.75
C ASP C 237 -17.05 -31.23 6.36
N GLU C 238 -15.80 -31.69 6.44
CA GLU C 238 -14.69 -30.89 7.00
C GLU C 238 -13.39 -31.46 6.50
N ILE C 239 -12.41 -30.62 6.27
CA ILE C 239 -11.15 -31.09 5.75
C ILE C 239 -10.07 -30.48 6.59
N GLN C 240 -9.24 -31.33 7.18
CA GLN C 240 -8.05 -30.86 7.84
C GLN C 240 -6.98 -30.78 6.82
N ILE C 241 -6.47 -29.58 6.57
CA ILE C 241 -5.44 -29.40 5.55
C ILE C 241 -4.12 -28.87 6.08
N PHE C 242 -3.06 -29.59 5.77
CA PHE C 242 -1.78 -29.24 6.28
C PHE C 242 -1.04 -28.34 5.34
N ALA C 243 -0.09 -27.61 5.93
CA ALA C 243 0.76 -26.71 5.18
C ALA C 243 1.22 -27.32 3.83
N ALA C 244 0.90 -26.63 2.76
CA ALA C 244 1.39 -26.99 1.45
C ALA C 244 0.53 -28.03 0.71
N GLN C 245 -0.43 -28.63 1.38
CA GLN C 245 -1.30 -29.62 0.70
C GLN C 245 -2.38 -28.94 -0.16
N ARG C 246 -2.96 -29.72 -1.07
CA ARG C 246 -4.09 -29.24 -1.94
C ARG C 246 -5.17 -30.32 -2.08
N TYR C 247 -6.41 -29.85 -2.08
CA TYR C 247 -7.59 -30.67 -2.39
C TYR C 247 -8.42 -29.97 -3.47
N SER C 248 -8.88 -30.69 -4.49
CA SER C 248 -10.08 -30.17 -5.23
C SER C 248 -11.27 -30.88 -4.63
N PHE C 249 -12.33 -30.11 -4.37
CA PHE C 249 -13.62 -30.67 -3.99
C PHE C 249 -14.75 -30.11 -4.84
N VAL C 250 -15.71 -30.96 -5.18
CA VAL C 250 -16.93 -30.54 -5.79
C VAL C 250 -17.80 -29.93 -4.71
N LEU C 251 -18.22 -28.71 -4.96
CA LEU C 251 -19.22 -28.06 -4.16
C LEU C 251 -20.47 -27.96 -5.02
N ASN C 252 -21.54 -28.57 -4.51
CA ASN C 252 -22.83 -28.50 -5.17
C ASN C 252 -23.67 -27.39 -4.55
N ALA C 253 -24.01 -26.38 -5.35
CA ALA C 253 -24.67 -25.25 -4.74
C ALA C 253 -26.14 -25.57 -4.66
N ASN C 254 -26.49 -26.49 -3.76
CA ASN C 254 -27.88 -27.05 -3.72
C ASN C 254 -28.61 -26.60 -2.49
N GLN C 255 -28.18 -25.48 -1.93
CA GLN C 255 -28.75 -25.07 -0.66
C GLN C 255 -29.59 -23.84 -0.93
N PRO C 256 -30.51 -23.48 0.01
CA PRO C 256 -31.30 -22.25 -0.29
C PRO C 256 -30.38 -21.02 -0.41
N VAL C 257 -30.81 -20.14 -1.30
CA VAL C 257 -30.11 -18.90 -1.63
C VAL C 257 -29.90 -18.13 -0.34
N GLY C 258 -28.63 -17.93 0.02
CA GLY C 258 -28.34 -17.13 1.15
C GLY C 258 -26.86 -16.95 1.31
N ASN C 259 -26.45 -16.57 2.51
CA ASN C 259 -25.04 -16.39 2.85
C ASN C 259 -24.61 -17.47 3.85
N TYR C 260 -23.48 -18.13 3.55
CA TYR C 260 -22.93 -19.15 4.42
C TYR C 260 -21.52 -18.79 4.79
N TRP C 261 -21.15 -19.02 6.04
CA TRP C 261 -19.72 -18.92 6.44
C TRP C 261 -18.83 -20.01 5.85
N ILE C 262 -17.66 -19.60 5.44
CA ILE C 262 -16.61 -20.50 5.04
C ILE C 262 -15.66 -20.39 6.24
N ARG C 263 -15.32 -21.51 6.88
CA ARG C 263 -14.47 -21.52 8.07
C ARG C 263 -13.17 -22.22 7.83
N ALA C 264 -12.08 -21.70 8.39
CA ALA C 264 -10.75 -22.28 8.32
C ALA C 264 -10.08 -22.08 9.71
N ASN C 265 -10.13 -23.05 10.63
CA ASN C 265 -9.60 -22.90 12.00
CA ASN C 265 -9.51 -22.81 11.98
C ASN C 265 -8.14 -23.41 12.00
N PRO C 266 -7.15 -22.57 12.38
CA PRO C 266 -5.79 -22.97 12.40
C PRO C 266 -5.53 -23.71 13.68
N ASN C 267 -4.47 -24.54 13.69
CA ASN C 267 -4.12 -25.34 14.91
C ASN C 267 -3.51 -24.46 16.04
N SER C 268 -2.96 -23.32 15.70
CA SER C 268 -2.42 -22.35 16.64
C SER C 268 -2.95 -20.96 16.24
N GLY C 269 -2.83 -19.99 17.16
CA GLY C 269 -3.24 -18.65 16.82
C GLY C 269 -4.67 -18.58 17.23
N GLY C 270 -5.42 -17.63 16.67
CA GLY C 270 -6.80 -17.31 17.12
C GLY C 270 -7.76 -18.48 17.02
N GLU C 271 -8.51 -18.76 18.10
CA GLU C 271 -9.40 -19.93 18.14
C GLU C 271 -10.82 -19.47 18.03
N GLY C 272 -11.59 -20.12 17.15
CA GLY C 272 -12.99 -19.71 16.96
C GLY C 272 -13.11 -18.65 15.83
N PHE C 273 -14.22 -17.92 15.81
CA PHE C 273 -14.64 -17.13 14.68
C PHE C 273 -15.24 -15.81 15.16
N ASP C 274 -14.95 -15.39 16.39
CA ASP C 274 -15.51 -14.14 16.88
C ASP C 274 -15.04 -12.98 16.01
N GLY C 275 -15.92 -12.01 15.79
CA GLY C 275 -15.56 -10.85 14.90
C GLY C 275 -15.31 -11.22 13.43
N GLY C 276 -15.53 -12.50 13.08
CA GLY C 276 -15.28 -13.05 11.78
C GLY C 276 -13.84 -13.29 11.42
N ILE C 277 -13.00 -13.57 12.43
CA ILE C 277 -11.71 -14.16 12.22
C ILE C 277 -11.92 -15.55 11.60
N ASN C 278 -10.86 -16.03 10.95
CA ASN C 278 -10.79 -17.34 10.33
C ASN C 278 -11.98 -17.61 9.41
N SER C 279 -12.52 -16.57 8.79
CA SER C 279 -13.74 -16.73 7.97
C SER C 279 -13.69 -16.08 6.58
N ALA C 280 -14.55 -16.62 5.70
CA ALA C 280 -14.86 -15.96 4.45
C ALA C 280 -16.37 -16.19 4.18
N ILE C 281 -16.89 -15.70 3.09
CA ILE C 281 -18.33 -15.77 2.81
C ILE C 281 -18.65 -16.51 1.52
N LEU C 282 -19.54 -17.48 1.62
CA LEU C 282 -20.05 -18.17 0.53
C LEU C 282 -21.39 -17.52 0.22
N ARG C 283 -21.49 -16.89 -0.95
CA ARG C 283 -22.71 -16.19 -1.27
C ARG C 283 -23.32 -16.67 -2.58
N TYR C 284 -24.61 -16.99 -2.52
CA TYR C 284 -25.36 -17.42 -3.69
C TYR C 284 -25.80 -16.17 -4.43
N ASP C 285 -25.66 -16.17 -5.75
CA ASP C 285 -26.17 -15.02 -6.54
C ASP C 285 -27.65 -14.80 -6.28
N GLY C 286 -28.03 -13.60 -5.88
CA GLY C 286 -29.40 -13.27 -5.51
C GLY C 286 -29.59 -13.17 -4.00
N ALA C 287 -28.63 -13.64 -3.21
CA ALA C 287 -28.71 -13.41 -1.76
C ALA C 287 -28.63 -11.90 -1.49
N THR C 288 -29.26 -11.44 -0.41
CA THR C 288 -28.94 -10.10 0.13
C THR C 288 -27.48 -10.09 0.45
N THR C 289 -26.84 -8.97 0.18
CA THR C 289 -25.48 -8.81 0.60
C THR C 289 -25.40 -8.45 2.09
N ALA C 290 -25.09 -9.45 2.91
CA ALA C 290 -24.95 -9.24 4.33
C ALA C 290 -24.15 -10.41 4.83
N ASP C 291 -23.64 -10.32 6.05
CA ASP C 291 -22.84 -11.40 6.61
C ASP C 291 -23.70 -12.64 6.83
N PRO C 292 -23.13 -13.86 6.65
CA PRO C 292 -23.94 -15.01 7.08
C PRO C 292 -24.26 -14.91 8.54
N VAL C 293 -25.36 -15.55 8.87
CA VAL C 293 -25.76 -15.83 10.25
C VAL C 293 -25.80 -17.32 10.50
N THR C 294 -25.17 -18.09 9.61
CA THR C 294 -25.18 -19.57 9.71
C THR C 294 -24.29 -20.04 10.87
N VAL C 295 -24.45 -21.29 11.30
CA VAL C 295 -23.54 -21.93 12.28
C VAL C 295 -22.98 -23.24 11.76
N ALA C 296 -21.83 -23.63 12.27
CA ALA C 296 -21.30 -24.92 11.95
C ALA C 296 -22.21 -26.03 12.58
N SER C 297 -22.22 -27.19 11.96
CA SER C 297 -22.67 -28.38 12.69
C SER C 297 -21.96 -28.46 14.07
N THR C 298 -22.73 -28.81 15.10
CA THR C 298 -22.23 -29.01 16.45
C THR C 298 -21.13 -30.08 16.52
N VAL C 299 -21.34 -31.14 15.76
CA VAL C 299 -20.30 -32.13 15.53
C VAL C 299 -20.18 -32.40 14.00
N HIS C 300 -18.94 -32.50 13.49
CA HIS C 300 -18.69 -32.88 12.10
C HIS C 300 -18.70 -34.41 11.93
N THR C 301 -19.57 -34.88 11.04
CA THR C 301 -19.97 -36.28 10.89
C THR C 301 -19.09 -37.08 9.93
N LYS C 302 -18.57 -36.40 8.92
CA LYS C 302 -17.76 -37.08 7.92
C LYS C 302 -16.52 -36.24 7.62
N CYS C 303 -15.73 -35.96 8.67
CA CYS C 303 -14.44 -35.35 8.47
C CYS C 303 -13.57 -36.25 7.65
N LEU C 304 -12.65 -35.63 6.92
CA LEU C 304 -11.74 -36.34 6.15
C LEU C 304 -10.80 -37.10 7.08
N ILE C 305 -10.61 -38.38 6.76
CA ILE C 305 -9.57 -39.19 7.34
C ILE C 305 -8.82 -39.67 6.11
N GLU C 306 -7.52 -39.45 6.12
CA GLU C 306 -6.69 -39.66 4.96
C GLU C 306 -6.74 -41.12 4.43
N THR C 307 -6.99 -42.10 5.32
CA THR C 307 -7.07 -43.50 4.88
C THR C 307 -8.35 -43.76 4.12
N ASP C 308 -9.35 -42.90 4.22
CA ASP C 308 -10.53 -42.96 3.30
C ASP C 308 -10.31 -42.56 1.85
N LEU C 309 -9.13 -42.05 1.50
CA LEU C 309 -8.88 -41.54 0.14
C LEU C 309 -8.14 -42.59 -0.71
N HIS C 310 -8.48 -42.71 -2.00
CA HIS C 310 -7.74 -43.62 -2.88
C HIS C 310 -7.58 -43.08 -4.30
N PRO C 311 -6.48 -43.39 -4.99
CA PRO C 311 -6.37 -42.79 -6.30
C PRO C 311 -7.54 -43.18 -7.25
N LEU C 312 -7.82 -42.31 -8.21
CA LEU C 312 -8.85 -42.57 -9.18
C LEU C 312 -8.30 -43.56 -10.16
N SER C 313 -7.01 -43.43 -10.48
CA SER C 313 -6.25 -44.40 -11.29
C SER C 313 -5.94 -45.62 -10.48
N ARG C 314 -5.69 -46.77 -11.14
CA ARG C 314 -5.17 -47.90 -10.40
C ARG C 314 -3.65 -47.72 -10.25
N ASN C 315 -3.25 -47.00 -9.20
CA ASN C 315 -1.86 -46.63 -8.97
C ASN C 315 -1.10 -47.70 -8.22
N GLY C 316 -1.80 -48.33 -7.27
CA GLY C 316 -1.26 -49.44 -6.51
C GLY C 316 -0.25 -48.94 -5.49
N VAL C 317 0.89 -49.64 -5.39
CA VAL C 317 1.94 -49.40 -4.37
C VAL C 317 3.14 -50.21 -4.76
N PRO C 318 4.30 -49.56 -4.98
CA PRO C 318 5.49 -50.36 -5.31
C PRO C 318 6.00 -51.18 -4.10
N GLY C 319 6.80 -52.24 -4.39
CA GLY C 319 7.30 -53.23 -3.37
C GLY C 319 6.30 -54.24 -2.76
N ASN C 320 6.62 -54.73 -1.55
CA ASN C 320 5.94 -55.85 -0.85
C ASN C 320 4.91 -55.50 0.25
N PRO C 321 3.74 -56.19 0.28
CA PRO C 321 2.70 -55.84 1.25
C PRO C 321 3.00 -56.23 2.71
N HIS C 322 4.19 -55.86 3.18
CA HIS C 322 4.55 -56.04 4.60
C HIS C 322 5.51 -54.95 5.04
N GLN C 323 5.48 -54.62 6.34
CA GLN C 323 6.33 -53.54 6.89
C GLN C 323 7.79 -53.82 6.49
N GLY C 324 8.40 -52.90 5.75
CA GLY C 324 9.77 -53.10 5.28
C GLY C 324 9.94 -53.74 3.91
N GLY C 325 8.87 -53.88 3.12
CA GLY C 325 8.92 -54.58 1.83
C GLY C 325 9.45 -53.81 0.61
N ALA C 326 10.62 -53.18 0.72
CA ALA C 326 11.24 -52.51 -0.44
C ALA C 326 12.75 -52.63 -0.48
N ASP C 327 13.33 -52.41 -1.65
CA ASP C 327 14.80 -52.39 -1.87
C ASP C 327 15.56 -51.65 -0.75
N CYS C 328 15.31 -50.34 -0.70
CA CYS C 328 16.09 -49.42 0.10
C CYS C 328 15.11 -48.88 1.14
N ASN C 329 14.90 -49.59 2.23
CA ASN C 329 13.94 -49.09 3.24
C ASN C 329 14.64 -48.33 4.34
N LEU C 330 14.33 -47.04 4.38
CA LEU C 330 14.87 -46.07 5.34
C LEU C 330 13.91 -45.88 6.47
N ASN C 331 14.47 -45.56 7.60
CA ASN C 331 13.68 -45.15 8.70
C ASN C 331 14.45 -43.95 9.15
N LEU C 332 13.72 -42.85 9.34
CA LEU C 332 14.36 -41.56 9.66
C LEU C 332 14.29 -41.29 11.16
N SER C 333 15.43 -40.94 11.77
CA SER C 333 15.43 -40.40 13.13
C SER C 333 15.27 -38.88 13.06
N LEU C 334 14.13 -38.43 13.60
CA LEU C 334 13.64 -37.05 13.46
C LEU C 334 13.47 -36.46 14.81
N GLY C 335 14.27 -35.47 15.14
CA GLY C 335 14.12 -34.93 16.48
C GLY C 335 14.33 -33.45 16.52
N PHE C 336 14.11 -32.92 17.72
CA PHE C 336 14.30 -31.53 18.05
C PHE C 336 14.93 -31.35 19.45
N ALA C 337 16.03 -30.62 19.50
CA ALA C 337 16.60 -30.23 20.79
C ALA C 337 17.37 -28.92 20.65
N CYS C 338 17.35 -28.10 21.72
CA CYS C 338 18.21 -26.91 21.79
C CYS C 338 17.88 -25.97 20.65
N GLY C 339 16.59 -25.68 20.47
CA GLY C 339 16.09 -24.83 19.36
C GLY C 339 16.46 -25.20 17.93
N ASN C 340 16.84 -26.46 17.70
CA ASN C 340 17.22 -26.99 16.38
C ASN C 340 16.59 -28.36 16.13
N PHE C 341 16.07 -28.55 14.91
CA PHE C 341 15.60 -29.84 14.42
C PHE C 341 16.70 -30.68 13.83
N VAL C 342 16.52 -31.99 13.93
CA VAL C 342 17.48 -32.98 13.38
C VAL C 342 16.85 -34.11 12.57
N ILE C 343 17.52 -34.48 11.49
CA ILE C 343 17.21 -35.73 10.80
C ILE C 343 18.44 -36.65 10.78
N ASN C 344 18.30 -37.83 11.36
CA ASN C 344 19.44 -38.77 11.56
C ASN C 344 20.63 -38.12 12.26
N GLY C 345 20.33 -37.58 13.43
CA GLY C 345 21.19 -36.66 14.18
C GLY C 345 21.80 -35.45 13.48
N VAL C 346 21.23 -34.98 12.36
CA VAL C 346 21.87 -33.89 11.64
C VAL C 346 20.90 -32.77 11.19
N SER C 347 21.18 -31.55 11.68
CA SER C 347 20.46 -30.33 11.35
C SER C 347 20.84 -29.86 9.95
N PHE C 348 19.86 -29.51 9.12
CA PHE C 348 20.22 -28.97 7.80
C PHE C 348 20.62 -27.50 8.01
N THR C 349 21.73 -27.10 7.39
CA THR C 349 22.12 -25.72 7.29
C THR C 349 22.69 -25.67 5.85
N PRO C 350 22.12 -24.82 4.98
CA PRO C 350 22.46 -25.04 3.56
C PRO C 350 23.93 -24.77 3.26
N PRO C 351 24.47 -25.43 2.22
CA PRO C 351 25.88 -25.32 1.81
C PRO C 351 26.13 -24.14 0.90
N THR C 352 27.41 -23.78 0.76
CA THR C 352 27.81 -22.67 -0.10
C THR C 352 27.58 -23.01 -1.52
N VAL C 353 28.06 -24.17 -1.93
CA VAL C 353 27.75 -24.70 -3.27
C VAL C 353 26.39 -25.48 -3.30
N PRO C 354 25.47 -25.12 -4.21
CA PRO C 354 24.26 -25.90 -4.34
C PRO C 354 24.64 -27.34 -4.65
N VAL C 355 24.09 -28.26 -3.86
CA VAL C 355 24.13 -29.68 -4.19
C VAL C 355 24.25 -29.96 -5.69
N LEU C 356 23.30 -29.46 -6.48
CA LEU C 356 23.32 -29.76 -7.89
C LEU C 356 24.66 -29.36 -8.55
N LEU C 357 25.24 -28.21 -8.15
CA LEU C 357 26.46 -27.73 -8.82
C LEU C 357 27.64 -28.66 -8.46
N GLN C 358 27.65 -29.14 -7.21
CA GLN C 358 28.60 -30.13 -6.74
C GLN C 358 28.69 -31.38 -7.64
N ILE C 359 27.50 -31.90 -7.99
CA ILE C 359 27.36 -33.07 -8.79
C ILE C 359 27.71 -32.71 -10.25
N CYS C 360 27.20 -31.60 -10.73
CA CYS C 360 27.63 -31.18 -12.06
C CYS C 360 29.14 -31.03 -12.09
N SER C 361 29.74 -30.78 -10.92
CA SER C 361 31.13 -30.40 -10.89
C SER C 361 32.07 -31.57 -10.76
N GLY C 362 31.50 -32.73 -10.44
CA GLY C 362 32.26 -33.95 -10.41
C GLY C 362 32.02 -34.91 -9.26
N ALA C 363 31.23 -34.53 -8.25
CA ALA C 363 30.81 -35.53 -7.23
C ALA C 363 30.15 -36.73 -7.95
N ASN C 364 30.65 -37.94 -7.68
CA ASN C 364 30.22 -39.20 -8.35
C ASN C 364 29.24 -40.01 -7.52
N THR C 365 29.57 -40.01 -6.24
CA THR C 365 28.80 -40.44 -5.10
C THR C 365 28.79 -39.09 -4.41
N ALA C 366 28.17 -38.87 -3.27
CA ALA C 366 27.48 -39.68 -2.29
C ALA C 366 28.08 -39.05 -1.05
N ALA C 367 29.22 -39.59 -0.61
CA ALA C 367 30.09 -39.00 0.41
C ALA C 367 30.77 -37.75 -0.13
N ASP C 368 30.91 -37.67 -1.47
CA ASP C 368 31.47 -36.48 -2.15
C ASP C 368 30.65 -35.16 -2.02
N LEU C 369 29.44 -35.21 -1.44
CA LEU C 369 28.52 -34.04 -1.38
C LEU C 369 28.48 -33.37 -0.02
N LEU C 370 28.35 -32.03 -0.03
CA LEU C 370 28.13 -31.21 1.19
C LEU C 370 26.64 -30.74 1.25
N PRO C 371 26.06 -30.57 2.48
CA PRO C 371 26.67 -30.75 3.80
C PRO C 371 26.67 -32.20 4.22
N SER C 372 27.70 -32.58 4.98
CA SER C 372 27.89 -33.98 5.37
C SER C 372 26.88 -34.41 6.45
N GLY C 373 26.29 -35.60 6.26
CA GLY C 373 25.19 -36.11 7.08
C GLY C 373 23.82 -35.53 6.66
N SER C 374 23.75 -34.87 5.49
CA SER C 374 22.49 -34.30 4.98
C SER C 374 22.08 -34.70 3.55
N VAL C 375 23.00 -35.33 2.80
CA VAL C 375 22.67 -35.95 1.55
C VAL C 375 22.53 -37.48 1.75
N ILE C 376 21.42 -38.05 1.26
CA ILE C 376 21.31 -39.49 1.12
C ILE C 376 21.20 -39.87 -0.35
N SER C 377 22.13 -40.70 -0.81
CA SER C 377 22.03 -41.33 -2.12
C SER C 377 20.88 -42.31 -2.19
N LEU C 378 20.37 -42.47 -3.40
CA LEU C 378 19.32 -43.41 -3.70
C LEU C 378 19.60 -44.01 -5.08
N PRO C 379 19.48 -45.35 -5.20
CA PRO C 379 19.75 -46.01 -6.46
C PRO C 379 18.67 -45.78 -7.47
N SER C 380 19.13 -45.62 -8.70
CA SER C 380 18.33 -45.51 -9.88
C SER C 380 17.32 -46.66 -10.01
N ASN C 381 16.13 -46.38 -10.53
CA ASN C 381 15.11 -47.41 -10.87
C ASN C 381 14.67 -48.40 -9.78
N SER C 382 14.62 -47.96 -8.52
CA SER C 382 14.37 -48.82 -7.34
C SER C 382 13.15 -48.40 -6.49
N THR C 383 12.62 -49.30 -5.67
CA THR C 383 11.51 -48.96 -4.79
C THR C 383 12.04 -48.49 -3.45
N ILE C 384 11.88 -47.19 -3.17
CA ILE C 384 12.30 -46.64 -1.90
C ILE C 384 11.08 -46.67 -0.99
N GLU C 385 11.30 -46.94 0.29
CA GLU C 385 10.28 -46.78 1.32
C GLU C 385 10.86 -45.91 2.47
N ILE C 386 10.17 -44.84 2.89
CA ILE C 386 10.67 -44.02 4.02
C ILE C 386 9.69 -44.01 5.17
N ALA C 387 10.16 -44.37 6.34
CA ALA C 387 9.27 -44.31 7.50
C ALA C 387 9.66 -43.04 8.24
N LEU C 388 8.69 -42.19 8.54
CA LEU C 388 8.98 -40.94 9.25
C LEU C 388 8.24 -40.94 10.58
N PRO C 389 8.70 -41.77 11.54
CA PRO C 389 7.97 -41.88 12.83
C PRO C 389 8.04 -40.54 13.56
N ALA C 390 6.93 -40.15 14.20
CA ALA C 390 6.70 -38.85 14.84
C ALA C 390 7.28 -38.76 16.27
N GLY C 391 6.89 -37.74 17.04
CA GLY C 391 7.46 -37.47 18.35
C GLY C 391 8.09 -36.09 18.48
N ALA C 392 8.88 -35.69 17.48
CA ALA C 392 9.56 -34.41 17.52
C ALA C 392 8.55 -33.30 17.79
N ALA C 393 8.91 -32.36 18.66
CA ALA C 393 8.02 -31.26 18.94
C ALA C 393 8.12 -30.27 17.80
N GLY C 394 7.04 -29.66 17.36
CA GLY C 394 5.65 -30.04 17.51
C GLY C 394 5.26 -29.67 16.09
N GLY C 395 4.58 -30.52 15.34
CA GLY C 395 3.84 -31.67 15.79
C GLY C 395 2.46 -31.10 15.61
N PRO C 396 1.76 -31.41 14.52
CA PRO C 396 2.09 -32.36 13.45
C PRO C 396 2.86 -31.80 12.24
N HIS C 397 3.96 -32.46 11.94
CA HIS C 397 4.84 -31.99 10.91
C HIS C 397 4.33 -32.57 9.56
N PRO C 398 4.12 -31.70 8.55
CA PRO C 398 3.83 -32.12 7.15
C PRO C 398 5.09 -32.20 6.34
N PHE C 399 5.49 -33.43 6.04
CA PHE C 399 6.74 -33.66 5.32
C PHE C 399 6.49 -33.66 3.86
N HIS C 400 7.45 -33.16 3.11
CA HIS C 400 7.28 -32.94 1.68
C HIS C 400 8.56 -33.37 0.91
N LEU C 401 8.35 -34.07 -0.20
CA LEU C 401 9.41 -34.54 -1.00
C LEU C 401 9.35 -33.89 -2.37
N HIS C 402 10.43 -33.22 -2.81
CA HIS C 402 10.44 -32.69 -4.21
C HIS C 402 10.58 -33.81 -5.27
N GLY C 403 10.26 -33.45 -6.50
CA GLY C 403 10.49 -34.26 -7.67
C GLY C 403 9.73 -35.56 -7.77
N HIS C 404 8.90 -35.82 -6.79
CA HIS C 404 8.13 -37.03 -6.77
C HIS C 404 6.85 -36.81 -6.03
N ASP C 405 5.90 -37.69 -6.28
CA ASP C 405 4.90 -37.95 -5.30
C ASP C 405 5.10 -39.38 -4.79
N PHE C 406 4.32 -39.79 -3.81
CA PHE C 406 4.63 -41.02 -3.18
C PHE C 406 3.34 -41.63 -2.67
N ALA C 407 3.31 -42.96 -2.51
CA ALA C 407 2.16 -43.62 -1.86
C ALA C 407 2.33 -43.48 -0.39
N VAL C 408 1.20 -43.38 0.29
CA VAL C 408 1.23 -43.21 1.70
C VAL C 408 0.75 -44.52 2.26
N SER C 409 1.69 -45.46 2.43
CA SER C 409 1.38 -46.80 2.98
C SER C 409 0.75 -46.73 4.37
N GLU C 410 1.21 -45.79 5.21
CA GLU C 410 0.66 -45.70 6.58
C GLU C 410 0.50 -44.24 6.95
N SER C 411 -0.68 -43.90 7.42
CA SER C 411 -1.05 -42.55 7.75
C SER C 411 -0.95 -42.31 9.24
N ALA C 412 -1.25 -41.06 9.59
CA ALA C 412 -1.26 -40.55 10.95
C ALA C 412 -2.39 -41.20 11.68
N SER C 413 -2.21 -41.41 12.99
CA SER C 413 -3.23 -41.97 13.87
C SER C 413 -3.80 -43.34 13.45
N ASN C 414 -3.05 -44.15 12.73
CA ASN C 414 -3.56 -45.45 12.29
C ASN C 414 -2.44 -46.39 12.07
N SER C 415 -2.28 -47.43 12.91
CA SER C 415 -1.14 -48.32 12.65
C SER C 415 -1.45 -49.57 11.78
N THR C 416 -2.49 -49.46 10.93
CA THR C 416 -2.86 -50.48 9.92
C THR C 416 -2.33 -49.94 8.58
N SER C 417 -1.27 -50.52 8.05
CA SER C 417 -0.82 -50.11 6.71
C SER C 417 -1.84 -50.49 5.58
N ASN C 418 -1.55 -50.03 4.36
CA ASN C 418 -2.39 -50.29 3.14
C ASN C 418 -1.47 -50.43 1.96
N TYR C 419 -1.33 -51.64 1.46
CA TYR C 419 -0.43 -51.89 0.33
C TYR C 419 -1.20 -52.17 -0.96
N ASP C 420 -2.50 -51.92 -0.92
CA ASP C 420 -3.36 -52.13 -2.09
C ASP C 420 -3.67 -50.84 -2.82
N ASP C 421 -4.44 -49.98 -2.13
CA ASP C 421 -4.96 -48.69 -2.67
C ASP C 421 -4.82 -47.43 -1.77
N PRO C 422 -3.62 -47.20 -1.19
CA PRO C 422 -3.40 -45.98 -0.41
C PRO C 422 -3.40 -44.76 -1.35
N ILE C 423 -3.87 -43.60 -0.87
CA ILE C 423 -3.66 -42.34 -1.62
C ILE C 423 -2.19 -42.07 -1.89
N TRP C 424 -1.92 -41.47 -3.02
CA TRP C 424 -0.61 -40.93 -3.30
C TRP C 424 -0.70 -39.40 -3.23
N ARG C 425 0.40 -38.76 -2.87
CA ARG C 425 0.40 -37.32 -2.56
C ARG C 425 1.84 -36.85 -2.37
N ASP C 426 2.06 -35.58 -2.07
CA ASP C 426 3.42 -35.06 -2.04
C ASP C 426 3.84 -34.40 -0.72
N VAL C 427 2.87 -34.26 0.20
CA VAL C 427 3.02 -33.64 1.49
C VAL C 427 2.09 -34.37 2.44
N VAL C 428 2.64 -34.86 3.54
CA VAL C 428 1.81 -35.73 4.40
C VAL C 428 2.13 -35.36 5.81
N SER C 429 1.10 -35.25 6.64
CA SER C 429 1.28 -35.16 8.06
C SER C 429 1.84 -36.45 8.65
N ILE C 430 2.92 -36.32 9.40
CA ILE C 430 3.53 -37.48 10.04
C ILE C 430 2.84 -37.90 11.36
N GLY C 431 1.81 -37.14 11.79
CA GLY C 431 1.01 -37.50 12.98
C GLY C 431 1.61 -37.07 14.31
N GLY C 432 1.20 -37.76 15.39
CA GLY C 432 1.66 -37.55 16.79
C GLY C 432 2.48 -38.73 17.32
N VAL C 433 2.89 -38.66 18.59
CA VAL C 433 3.87 -39.61 19.13
C VAL C 433 3.26 -41.01 19.06
N GLY C 434 4.02 -41.99 18.61
CA GLY C 434 3.48 -43.34 18.40
C GLY C 434 3.32 -43.65 16.92
N ASP C 435 3.04 -42.63 16.09
CA ASP C 435 2.64 -42.92 14.69
C ASP C 435 3.80 -43.41 13.84
N ASN C 436 3.50 -44.13 12.77
CA ASN C 436 4.60 -44.57 11.94
C ASN C 436 4.42 -44.37 10.39
N VAL C 437 4.04 -43.14 10.04
CA VAL C 437 3.80 -42.71 8.67
C VAL C 437 4.91 -43.09 7.73
N THR C 438 4.53 -43.79 6.64
CA THR C 438 5.45 -44.42 5.70
C THR C 438 5.02 -44.15 4.27
N ILE C 439 6.01 -43.87 3.44
CA ILE C 439 5.80 -43.49 2.06
C ILE C 439 6.63 -44.35 1.12
N ARG C 440 6.10 -44.67 -0.05
CA ARG C 440 6.87 -45.33 -1.05
C ARG C 440 6.84 -44.64 -2.40
N PHE C 441 7.93 -44.76 -3.13
CA PHE C 441 8.00 -44.19 -4.45
C PHE C 441 9.04 -44.92 -5.27
N CYS C 442 9.10 -44.61 -6.57
CA CYS C 442 10.18 -45.12 -7.39
C CYS C 442 11.03 -44.04 -7.97
N THR C 443 12.31 -44.38 -8.07
CA THR C 443 13.30 -43.47 -8.57
C THR C 443 13.35 -43.41 -10.13
N ASP C 444 12.53 -42.54 -10.71
CA ASP C 444 12.54 -42.39 -12.18
C ASP C 444 13.02 -41.01 -12.64
N ASN C 445 13.85 -40.38 -11.82
CA ASN C 445 14.03 -38.93 -11.91
C ASN C 445 15.34 -38.54 -11.24
N PRO C 446 16.44 -38.64 -12.00
CA PRO C 446 17.75 -38.32 -11.46
C PRO C 446 17.87 -36.82 -11.07
N GLY C 447 18.41 -36.59 -9.88
CA GLY C 447 18.76 -35.30 -9.32
C GLY C 447 18.62 -35.24 -7.81
N PRO C 448 19.07 -34.14 -7.16
CA PRO C 448 18.90 -34.01 -5.70
C PRO C 448 17.56 -33.40 -5.26
N TRP C 449 16.79 -34.18 -4.45
CA TRP C 449 15.43 -33.82 -4.05
C TRP C 449 15.30 -33.58 -2.57
N PHE C 450 14.79 -32.40 -2.24
CA PHE C 450 14.60 -31.98 -0.86
C PHE C 450 13.52 -32.81 -0.16
N LEU C 451 13.80 -33.24 1.07
CA LEU C 451 12.78 -33.91 1.91
C LEU C 451 12.75 -33.03 3.14
N HIS C 452 11.61 -32.43 3.44
CA HIS C 452 11.58 -31.47 4.55
C HIS C 452 10.23 -31.35 5.19
N CYS C 453 10.21 -30.97 6.45
CA CYS C 453 8.95 -30.55 7.03
C CYS C 453 8.58 -29.20 6.39
N HIS C 454 7.29 -28.98 6.15
CA HIS C 454 6.87 -27.81 5.35
C HIS C 454 6.34 -26.67 6.23
N ILE C 455 6.44 -26.83 7.55
CA ILE C 455 6.36 -25.68 8.41
C ILE C 455 7.66 -24.91 8.20
N ASP C 456 7.57 -23.71 7.61
CA ASP C 456 8.78 -23.03 7.10
C ASP C 456 9.78 -22.68 8.23
N TRP C 457 9.26 -22.45 9.45
CA TRP C 457 10.06 -22.12 10.65
C TRP C 457 10.92 -23.31 11.05
N HIS C 458 10.33 -24.50 10.91
CA HIS C 458 11.03 -25.79 11.14
C HIS C 458 12.02 -26.09 10.06
N LEU C 459 11.65 -25.92 8.79
CA LEU C 459 12.71 -25.96 7.77
C LEU C 459 13.89 -25.02 8.11
N ASP C 460 13.59 -23.79 8.59
CA ASP C 460 14.69 -22.82 8.86
C ASP C 460 15.54 -23.27 10.06
N ALA C 461 14.91 -23.95 11.03
CA ALA C 461 15.66 -24.57 12.13
C ALA C 461 16.24 -25.98 11.85
N GLY C 462 16.24 -26.41 10.59
CA GLY C 462 17.09 -27.51 10.12
C GLY C 462 16.48 -28.87 9.72
N PHE C 463 15.16 -28.93 9.61
CA PHE C 463 14.39 -30.16 9.47
C PHE C 463 14.24 -30.61 7.98
N ALA C 464 15.36 -30.95 7.34
CA ALA C 464 15.43 -31.39 5.95
C ALA C 464 16.63 -32.32 5.72
N ILE C 465 16.54 -33.19 4.73
CA ILE C 465 17.71 -33.78 4.03
C ILE C 465 17.47 -33.75 2.54
N VAL C 466 18.54 -34.01 1.80
CA VAL C 466 18.51 -34.14 0.37
C VAL C 466 18.64 -35.62 0.02
N PHE C 467 17.62 -36.14 -0.68
CA PHE C 467 17.76 -37.40 -1.44
C PHE C 467 18.42 -37.12 -2.76
N ALA C 468 19.69 -37.56 -2.92
CA ALA C 468 20.40 -37.38 -4.21
C ALA C 468 20.28 -38.60 -5.16
N GLU C 469 19.21 -38.59 -5.94
CA GLU C 469 18.79 -39.75 -6.73
C GLU C 469 19.71 -39.88 -7.96
N ASP C 470 20.31 -41.06 -8.13
CA ASP C 470 21.15 -41.38 -9.30
C ASP C 470 22.19 -40.28 -9.68
N ILE C 471 23.05 -39.97 -8.70
CA ILE C 471 24.17 -39.05 -8.86
C ILE C 471 24.88 -39.17 -10.24
N PRO C 472 25.16 -40.43 -10.71
CA PRO C 472 25.92 -40.58 -11.97
C PRO C 472 25.15 -40.23 -13.24
N ASN C 473 23.84 -40.44 -13.25
CA ASN C 473 23.02 -39.97 -14.38
C ASN C 473 22.54 -38.48 -14.30
N THR C 474 22.81 -37.79 -13.18
CA THR C 474 22.28 -36.41 -12.94
C THR C 474 22.74 -35.35 -13.97
N ALA C 475 24.05 -35.26 -14.20
CA ALA C 475 24.57 -34.33 -15.19
C ALA C 475 24.01 -34.53 -16.59
N SER C 476 24.11 -35.76 -17.12
CA SER C 476 23.59 -36.05 -18.47
C SER C 476 22.09 -35.82 -18.55
N ALA C 477 21.43 -36.19 -17.45
CA ALA C 477 19.98 -36.14 -17.29
C ALA C 477 19.46 -34.68 -17.16
N ASN C 478 20.23 -33.82 -16.49
CA ASN C 478 19.79 -32.43 -16.33
C ASN C 478 20.66 -31.36 -17.00
N PRO C 479 20.67 -31.31 -18.33
CA PRO C 479 21.46 -30.26 -18.93
C PRO C 479 20.96 -28.85 -18.44
N VAL C 480 21.90 -28.04 -17.94
CA VAL C 480 21.63 -26.72 -17.34
C VAL C 480 21.94 -25.58 -18.34
N PRO C 481 21.10 -24.53 -18.36
CA PRO C 481 21.40 -23.46 -19.29
C PRO C 481 22.52 -22.52 -18.80
N GLU C 482 23.05 -21.69 -19.69
CA GLU C 482 24.07 -20.71 -19.32
C GLU C 482 23.59 -19.79 -18.17
N ALA C 483 22.35 -19.32 -18.27
CA ALA C 483 21.73 -18.45 -17.21
C ALA C 483 21.78 -19.09 -15.80
N TRP C 484 21.61 -20.40 -15.71
CA TRP C 484 21.78 -21.15 -14.45
C TRP C 484 23.23 -21.16 -13.99
N SER C 485 24.17 -21.35 -14.93
CA SER C 485 25.59 -21.40 -14.54
C SER C 485 26.07 -20.08 -14.01
N ASN C 486 25.50 -19.03 -14.60
CA ASN C 486 25.85 -17.72 -14.23
C ASN C 486 25.34 -17.30 -12.84
N LEU C 487 24.57 -18.16 -12.14
CA LEU C 487 23.91 -17.77 -10.87
C LEU C 487 24.82 -17.68 -9.64
N CYS C 488 25.57 -18.75 -9.36
CA CYS C 488 26.53 -18.72 -8.25
C CYS C 488 27.65 -17.69 -8.40
N PRO C 489 28.35 -17.62 -9.56
CA PRO C 489 29.28 -16.47 -9.66
C PRO C 489 28.59 -15.07 -9.36
N SER C 490 27.44 -14.78 -9.97
CA SER C 490 26.76 -13.51 -9.65
C SER C 490 26.49 -13.38 -8.17
N TYR C 491 25.98 -14.45 -7.57
CA TYR C 491 25.59 -14.44 -6.18
C TYR C 491 26.78 -14.31 -5.19
N ASP C 492 27.89 -15.03 -5.42
CA ASP C 492 28.98 -15.01 -4.46
C ASP C 492 29.76 -13.70 -4.59
N SER C 493 29.78 -13.15 -5.80
CA SER C 493 30.36 -11.86 -6.09
C SER C 493 29.59 -10.74 -5.34
N ALA C 494 28.26 -10.86 -5.34
CA ALA C 494 27.43 -9.87 -4.70
C ALA C 494 27.51 -10.00 -3.17
N HIS C 495 27.69 -11.21 -2.69
CA HIS C 495 27.71 -11.47 -1.25
C HIS C 495 29.13 -11.64 -0.67
C1 NAG D . -2.72 26.87 40.41
C2 NAG D . -3.78 25.95 40.99
C3 NAG D . -3.57 25.72 42.46
C4 NAG D . -2.12 25.35 42.83
C5 NAG D . -1.12 26.21 42.06
C6 NAG D . 0.31 25.69 42.20
C7 NAG D . -6.03 25.74 40.07
C8 NAG D . -7.33 26.43 39.78
N2 NAG D . -5.09 26.46 40.66
O3 NAG D . -4.40 24.64 42.78
O4 NAG D . -1.85 25.53 44.21
O5 NAG D . -1.45 26.36 40.70
O6 NAG D . 0.47 24.30 42.02
O7 NAG D . -5.89 24.58 39.79
C1 NAG D . -1.87 24.38 45.04
C2 NAG D . -1.06 24.66 46.30
C3 NAG D . -1.28 23.65 47.42
C4 NAG D . -2.74 23.32 47.61
C5 NAG D . -3.45 23.10 46.29
C6 NAG D . -4.94 23.06 46.57
C7 NAG D . 0.97 25.90 46.04
C8 NAG D . 2.44 25.88 45.77
N2 NAG D . 0.36 24.72 46.04
O3 NAG D . -0.80 24.20 48.66
O4 NAG D . -2.84 22.13 48.39
O5 NAG D . -3.22 24.17 45.40
O6 NAG D . -5.64 22.69 45.39
O7 NAG D . 0.36 26.92 46.23
C1 NAG E . 7.80 35.90 33.43
C2 NAG E . 7.62 37.39 33.19
C3 NAG E . 8.92 38.18 33.22
C4 NAG E . 9.83 37.78 34.35
C5 NAG E . 9.98 36.27 34.34
C6 NAG E . 10.87 35.83 35.47
C7 NAG E . 5.68 37.73 31.79
C8 NAG E . 4.90 37.35 32.99
N2 NAG E . 6.99 37.71 31.93
O3 NAG E . 8.60 39.56 33.38
O4 NAG E . 11.08 38.42 34.14
O5 NAG E . 8.72 35.64 34.48
O6 NAG E . 11.18 34.45 35.34
O7 NAG E . 5.15 38.01 30.74
C1 NAG E . 11.30 39.64 34.84
C2 NAG E . 12.78 39.95 34.86
C3 NAG E . 13.05 41.00 35.91
C4 NAG E . 12.68 42.22 35.06
C5 NAG E . 11.27 42.09 34.47
C6 NAG E . 11.17 42.94 33.22
C7 NAG E . 13.97 37.94 35.58
C8 NAG E . 13.26 38.08 36.88
N2 NAG E . 13.70 38.84 34.70
O3 NAG E . 14.41 41.01 36.32
O4 NAG E . 12.86 43.46 35.77
O5 NAG E . 10.79 40.76 34.12
O6 NAG E . 10.17 42.40 32.34
O7 NAG E . 14.76 37.08 35.30
C1 NAG F . -31.67 15.74 -33.53
C2 NAG F . -32.38 16.16 -32.26
C3 NAG F . -32.88 17.61 -32.34
C4 NAG F . -31.84 18.58 -32.90
C5 NAG F . -31.07 17.96 -34.07
C6 NAG F . -29.85 18.78 -34.45
C7 NAG F . -33.65 14.41 -31.10
C8 NAG F . -34.91 13.61 -31.16
N2 NAG F . -33.51 15.28 -32.08
O3 NAG F . -33.26 18.01 -31.03
O4 NAG F . -32.45 19.79 -33.38
O5 NAG F . -30.63 16.64 -33.83
O6 NAG F . -29.56 19.76 -33.46
O7 NAG F . -32.84 14.26 -30.21
C1 NAG F . -32.89 20.70 -32.38
C2 NAG F . -33.22 22.05 -33.01
C3 NAG F . -33.94 23.00 -32.07
C4 NAG F . -35.14 22.34 -31.46
C5 NAG F . -34.78 20.98 -30.87
C6 NAG F . -36.10 20.29 -30.66
C7 NAG F . -31.95 22.84 -34.86
C8 NAG F . -30.76 23.57 -35.38
N2 NAG F . -32.07 22.75 -33.54
O3 NAG F . -34.42 24.12 -32.81
O4 NAG F . -35.70 23.19 -30.47
O5 NAG F . -34.05 20.16 -31.77
O6 NAG F . -37.08 21.04 -31.40
O7 NAG F . -32.77 22.31 -35.58
C1 NAG G . -20.85 11.59 -43.80
C2 NAG G . -21.33 10.80 -45.00
C3 NAG G . -20.26 10.73 -46.08
C4 NAG G . -20.14 12.19 -46.48
C5 NAG G . -19.71 13.01 -45.29
C6 NAG G . -19.56 14.46 -45.68
C7 NAG G . -21.47 8.40 -44.28
C8 NAG G . -20.03 8.13 -44.51
N2 NAG G . -21.97 9.58 -44.55
O3 NAG G . -20.71 10.00 -47.21
O4 NAG G . -19.23 12.43 -47.55
O5 NAG G . -20.68 12.91 -44.27
O6 NAG G . -18.72 15.14 -44.75
O7 NAG G . -22.22 7.56 -43.88
C1 NAG G . -19.90 12.61 -48.78
C2 NAG G . -18.92 13.14 -49.79
C3 NAG G . -19.67 13.40 -51.09
C4 NAG G . -20.87 12.49 -51.36
C5 NAG G . -21.25 11.45 -50.29
C6 NAG G . -21.53 10.08 -50.92
C7 NAG G . -16.88 14.39 -49.27
C8 NAG G . -16.13 13.20 -49.76
N2 NAG G . -18.22 14.30 -49.30
O3 NAG G . -18.74 13.21 -52.15
O4 NAG G . -22.02 13.31 -51.55
O5 NAG G . -20.23 11.34 -49.32
O6 NAG G . -22.83 9.58 -50.56
O7 NAG G . -16.30 15.35 -48.83
C1 NAG H . -7.25 -47.65 9.31
C2 NAG H . -8.75 -47.42 9.21
C3 NAG H . -9.41 -48.36 8.20
C4 NAG H . -8.60 -48.68 6.96
C5 NAG H . -7.11 -48.71 7.23
C6 NAG H . -6.39 -48.61 5.90
C7 NAG H . -9.70 -48.82 10.91
C8 NAG H . -9.52 -49.91 9.91
N2 NAG H . -9.32 -47.60 10.52
O3 NAG H . -10.59 -47.76 7.73
O4 NAG H . -8.99 -49.94 6.41
O5 NAG H . -6.71 -47.61 8.02
O6 NAG H . -5.14 -49.25 6.07
O7 NAG H . -10.18 -49.04 12.02
C1 NAG H . -9.97 -49.90 5.39
C2 NAG H . -9.86 -51.22 4.63
C3 NAG H . -11.06 -51.52 3.76
C4 NAG H . -12.32 -51.35 4.57
C5 NAG H . -12.32 -49.94 5.08
C6 NAG H . -13.64 -49.63 5.73
C7 NAG H . -7.66 -52.05 4.04
C8 NAG H . -6.50 -51.94 3.10
N2 NAG H . -8.66 -51.23 3.82
O3 NAG H . -10.98 -52.86 3.28
O4 NAG H . -13.47 -51.59 3.80
O5 NAG H . -11.25 -49.82 6.01
O6 NAG H . -13.40 -48.84 6.89
O7 NAG H . -7.68 -52.86 4.93
CU CU I . 4.43 26.02 18.25
CU CU J . 10.06 14.41 20.06
CU CU K . 13.67 17.97 19.07
CU CU L . 13.36 15.13 22.34
S SO4 M . -23.46 -2.35 23.49
O1 SO4 M . -24.53 -3.21 24.01
O2 SO4 M . -22.58 -1.79 24.56
O3 SO4 M . -24.06 -1.32 22.67
O4 SO4 M . -22.63 -3.27 22.72
S SO4 N . -21.67 11.16 19.38
O1 SO4 N . -22.56 10.01 19.21
O2 SO4 N . -21.41 11.89 18.13
O3 SO4 N . -20.39 10.62 19.87
O4 SO4 N . -22.27 12.00 20.41
S SO4 O . 4.24 0.30 -1.68
O1 SO4 O . 3.60 -0.85 -2.20
O2 SO4 O . 4.17 0.11 -0.26
O3 SO4 O . 3.46 1.47 -1.89
O4 SO4 O . 5.57 0.43 -2.08
S SO4 P . 29.11 32.66 25.18
O1 SO4 P . 29.55 32.87 23.82
O2 SO4 P . 29.12 31.26 25.53
O3 SO4 P . 27.80 33.29 25.38
O4 SO4 P . 30.04 33.23 26.13
C1 GOL Q . 16.39 19.83 13.15
O1 GOL Q . 16.84 21.14 12.82
C2 GOL Q . 15.32 19.46 12.15
O2 GOL Q . 15.17 20.55 11.21
C3 GOL Q . 14.02 19.23 12.90
O3 GOL Q . 13.17 18.18 12.37
CU CU R . -12.19 3.18 -29.79
CU CU S . -6.68 12.68 -22.70
CU CU T . -4.02 11.94 -26.99
CU CU U . -5.71 15.58 -25.33
S SO4 V . 1.44 16.87 -47.97
O1 SO4 V . 2.00 17.89 -48.87
O2 SO4 V . 2.27 15.65 -48.10
O3 SO4 V . 0.05 16.58 -48.26
O4 SO4 V . 1.41 17.48 -46.66
C1 GOL W . -1.35 27.85 -25.27
O1 GOL W . -0.54 29.01 -24.99
C2 GOL W . -2.89 27.94 -25.37
O2 GOL W . -3.45 29.08 -26.04
C3 GOL W . -3.54 27.45 -24.02
O3 GOL W . -4.80 28.01 -23.64
C1 GOL X . -21.30 -11.44 -9.98
O1 GOL X . -22.61 -10.97 -9.67
C2 GOL X . -20.26 -11.28 -8.82
O2 GOL X . -19.49 -12.46 -8.55
C3 GOL X . -20.81 -10.58 -7.57
O3 GOL X . -19.98 -10.83 -6.39
C1 GOL Y . 1.51 7.60 -28.32
O1 GOL Y . 0.41 7.62 -27.41
C2 GOL Y . 1.74 6.15 -28.69
O2 GOL Y . 0.56 5.62 -29.32
C3 GOL Y . 2.00 5.36 -27.41
O3 GOL Y . 3.38 5.33 -27.05
C1 GOL Z . -11.24 9.13 -0.07
O1 GOL Z . -10.98 8.93 1.35
C2 GOL Z . -12.78 8.95 -0.35
O2 GOL Z . -13.37 9.45 -1.57
C3 GOL Z . -13.54 9.62 0.77
O3 GOL Z . -14.95 9.68 0.56
C1 GOL AA . -10.08 0.96 0.23
O1 GOL AA . -10.54 -0.31 -0.27
C2 GOL AA . -8.62 1.26 -0.08
O2 GOL AA . -7.77 0.14 0.28
C3 GOL AA . -8.20 2.50 0.69
O3 GOL AA . -8.04 2.14 2.08
CU CU BA . 7.62 -29.33 11.41
CU CU CA . 6.17 -26.15 -1.18
CU CU DA . 11.00 -27.70 -0.39
CU CU EA . 8.17 -29.02 -3.36
S SO4 FA . -2.87 -0.55 1.09
O1 SO4 FA . -1.62 -0.05 0.60
O2 SO4 FA . -2.59 -1.12 2.39
O3 SO4 FA . -3.33 -1.61 0.23
O4 SO4 FA . -3.75 0.62 1.17
S SO4 GA . 27.51 -42.59 0.24
O1 SO4 GA . 28.23 -42.58 1.52
O2 SO4 GA . 28.52 -42.69 -0.82
O3 SO4 GA . 26.76 -41.35 0.11
O4 SO4 GA . 26.53 -43.68 0.14
C1 GOL HA . -6.62 0.59 5.91
O1 GOL HA . -6.11 1.05 4.69
C2 GOL HA . -5.67 -0.57 6.06
O2 GOL HA . -6.28 -1.82 5.79
C3 GOL HA . -5.10 -0.50 7.44
O3 GOL HA . -3.79 0.04 7.33
C1 GOL IA . -10.00 -10.34 19.73
O1 GOL IA . -10.32 -9.06 19.21
C2 GOL IA . -9.46 -10.33 21.16
O2 GOL IA . -8.18 -9.66 21.22
C3 GOL IA . -9.44 -11.84 21.45
O3 GOL IA . -8.52 -12.24 22.47
C1 NAG JA . 8.35 -48.01 12.15
C2 NAG JA . 9.03 -48.52 13.41
C3 NAG JA . 10.41 -49.09 13.20
C4 NAG JA . 10.47 -50.05 12.03
C5 NAG JA . 10.08 -49.20 10.85
C6 NAG JA . 10.09 -50.07 9.62
C7 NAG JA . 8.60 -46.62 15.07
C8 NAG JA . 9.29 -45.63 15.98
N2 NAG JA . 9.44 -47.46 14.28
O3 NAG JA . 10.86 -49.65 14.43
O4 NAG JA . 11.79 -50.57 11.87
O5 NAG JA . 8.76 -48.65 10.96
O6 NAG JA . 9.22 -49.56 8.64
O7 NAG JA . 7.27 -46.99 15.33
#